data_9W4N
#
_entry.id   9W4N
#
loop_
_entity.id
_entity.type
_entity.pdbx_description
1 polymer 'Transient receptor potential cation channel subfamily V member 1'
2 non-polymer (2E)-3-(4-chlorophenyl)-N-(3-methoxyphenyl)prop-2-enamide
#
_entity_poly.entity_id   1
_entity_poly.type   'polypeptide(L)'
_entity_poly.pdbx_seq_one_letter_code
;DYKDDDDKWSHPQFEKGGGGSGGSAWSHPQFEKEFKGLVDMEQRASLDSEESESPPQENSCLDPPDRDPNCKPPPVKPHI
FTTRSRTRLFGKGDSEEASPLDCPYEEGGLASCPIITVSSVLTIQRPGDGPASVRPSSQDSVSAGEKPPRLYDRRSIFDA
VAQSNCQELESLLPFLQRSKKRLTDSEFKDPETGKTCLLKAMLNLHNGQNDTIALLLDVARKTDSLKQFVNASYTDSYYK
GQTALHIAIERRNMTLVTLLVENGADVQAAANGDFFKKTKGRPGFYFGELPLSLAACTNQLAIVKFLLQNSWQPADISAR
DSVGNTVLHALVEVADNTVDNTKFVTSMYNEILILGAKLHPTLKLEEITNRKGLTPLALAASSGKIGVLAYILQREIHEP
ECRHLSRKFTEWAYGPVHSSLYDLSCIDTCEKNSVLEVIAYSSSETPNRHDMLLVEPLNRLLQDKWDRFVKRIFYFNFFV
YCLYMIIFTAAAYYRPVEGLPPYKLKNTVGDYFRVTGEILSVSGGVYFFFRGIQYFLQRRPSLKSLFVDSYSEILFFVQS
LFMLVSVVLYFSQRKEYVASMVFSLAMGWTNMLYYTRGFQQMGIYAVMIEKMILRDLCRFMFVYLVFLFGFSTAVVTLIE
DGKNNSLPMESTPHKCRGSACKPGNSYNSLYSTCLELFKFTIGMGDLEFTENYDFKAVFIILLLAYVILTYILLLNMLIA
LMGETVNKIAQESKNIWKLQRAITILDTEKSFLKCMRKAFRSGKLLQVGFTPDGKDDYRWCFRVDEVNWTTWNTNVGIIN
EDPGNCEGVKRTLSFSLRSGRVSGRNWKNFALVPLLRDASTRDRHATQQEEVQLKHYTGSLKPEDAEVFKDSMVPGEK
;
_entity_poly.pdbx_strand_id   A,B,C,D
#
loop_
_chem_comp.id
_chem_comp.type
_chem_comp.name
_chem_comp.formula
ZEI non-polymer (2E)-3-(4-chlorophenyl)-N-(3-methoxyphenyl)prop-2-enamide 'C16 H14 Cl N O2'
#
# COMPACT_ATOMS: atom_id res chain seq x y z
N SER A 237 33.13 -49.77 -7.75
CA SER A 237 31.73 -50.17 -7.42
C SER A 237 31.15 -49.29 -6.33
N TYR A 238 29.82 -49.13 -6.34
CA TYR A 238 29.17 -48.25 -5.37
C TYR A 238 29.38 -48.75 -3.95
N TYR A 239 29.23 -50.05 -3.72
CA TYR A 239 29.26 -50.60 -2.37
C TYR A 239 30.67 -50.96 -1.93
N LYS A 240 31.60 -50.02 -2.08
CA LYS A 240 32.95 -50.15 -1.56
C LYS A 240 33.46 -48.92 -0.83
N GLY A 241 33.01 -47.72 -1.21
CA GLY A 241 33.38 -46.53 -0.47
C GLY A 241 32.77 -46.51 0.92
N GLN A 242 31.55 -47.00 1.06
CA GLN A 242 30.88 -47.01 2.35
C GLN A 242 31.44 -48.11 3.24
N THR A 243 31.25 -47.93 4.55
CA THR A 243 31.58 -48.94 5.54
C THR A 243 30.45 -49.02 6.55
N ALA A 244 30.44 -50.11 7.31
CA ALA A 244 29.39 -50.30 8.31
C ALA A 244 29.34 -49.12 9.27
N LEU A 245 30.49 -48.48 9.52
CA LEU A 245 30.52 -47.30 10.38
C LEU A 245 29.66 -46.18 9.79
N HIS A 246 29.71 -45.99 8.47
CA HIS A 246 28.94 -44.92 7.86
C HIS A 246 27.45 -45.11 8.07
N ILE A 247 26.92 -46.30 7.77
CA ILE A 247 25.49 -46.55 7.95
C ILE A 247 25.13 -46.54 9.43
N ALA A 248 26.03 -47.03 10.29
CA ALA A 248 25.76 -46.99 11.73
C ALA A 248 25.62 -45.56 12.22
N ILE A 249 26.48 -44.66 11.76
CA ILE A 249 26.34 -43.25 12.10
C ILE A 249 25.05 -42.70 11.51
N GLU A 250 24.70 -43.13 10.31
CA GLU A 250 23.44 -42.68 9.70
C GLU A 250 22.26 -42.96 10.63
N ARG A 251 22.24 -44.14 11.26
CA ARG A 251 21.19 -44.47 12.21
C ARG A 251 21.29 -43.66 13.49
N ARG A 252 22.43 -42.99 13.73
CA ARG A 252 22.63 -42.16 14.92
C ARG A 252 22.49 -42.96 16.21
N ASN A 253 22.93 -44.22 16.18
CA ASN A 253 22.94 -45.07 17.37
C ASN A 253 24.35 -45.11 17.93
N MET A 254 24.57 -44.42 19.05
CA MET A 254 25.90 -44.34 19.62
C MET A 254 26.42 -45.71 20.03
N THR A 255 25.56 -46.53 20.64
CA THR A 255 25.98 -47.84 21.11
C THR A 255 26.44 -48.71 19.94
N LEU A 256 25.70 -48.68 18.84
CA LEU A 256 26.04 -49.49 17.69
C LEU A 256 27.40 -49.09 17.11
N VAL A 257 27.63 -47.78 16.98
CA VAL A 257 28.87 -47.31 16.38
C VAL A 257 30.05 -47.59 17.28
N THR A 258 29.87 -47.42 18.60
CA THR A 258 30.99 -47.70 19.51
C THR A 258 31.29 -49.19 19.57
N LEU A 259 30.26 -50.04 19.46
CA LEU A 259 30.51 -51.47 19.34
C LEU A 259 31.28 -51.76 18.06
N LEU A 260 30.90 -51.12 16.96
CA LEU A 260 31.57 -51.36 15.68
C LEU A 260 33.04 -50.95 15.75
N VAL A 261 33.33 -49.81 16.36
CA VAL A 261 34.69 -49.29 16.35
C VAL A 261 35.54 -49.85 17.49
N GLU A 262 34.92 -50.51 18.48
CA GLU A 262 35.69 -51.02 19.60
C GLU A 262 36.76 -52.01 19.16
N ASN A 263 36.46 -52.85 18.17
CA ASN A 263 37.45 -53.79 17.67
C ASN A 263 38.62 -53.10 16.99
N GLY A 264 38.49 -51.82 16.66
CA GLY A 264 39.55 -51.10 15.99
C GLY A 264 39.24 -50.80 14.54
N ALA A 265 37.98 -50.50 14.25
CA ALA A 265 37.57 -50.22 12.89
C ALA A 265 38.27 -48.98 12.36
N ASP A 266 38.61 -49.00 11.07
CA ASP A 266 39.29 -47.87 10.46
C ASP A 266 38.41 -46.62 10.52
N VAL A 267 39.02 -45.51 10.94
CA VAL A 267 38.33 -44.23 11.05
C VAL A 267 38.62 -43.32 9.86
N GLN A 268 39.48 -43.75 8.94
CA GLN A 268 39.83 -42.97 7.77
C GLN A 268 39.02 -43.33 6.54
N ALA A 269 37.93 -44.07 6.70
CA ALA A 269 37.12 -44.46 5.56
C ALA A 269 36.66 -43.24 4.78
N ALA A 270 36.85 -43.27 3.47
CA ALA A 270 36.49 -42.17 2.57
C ALA A 270 35.33 -42.61 1.69
N ALA A 271 34.24 -41.84 1.71
CA ALA A 271 33.06 -42.14 0.90
C ALA A 271 33.20 -41.41 -0.44
N ASN A 272 34.08 -41.95 -1.28
CA ASN A 272 34.35 -41.36 -2.59
C ASN A 272 33.34 -41.84 -3.64
N GLY A 273 32.06 -41.73 -3.31
CA GLY A 273 30.99 -42.14 -4.20
C GLY A 273 30.26 -40.94 -4.78
N ASP A 274 29.77 -41.11 -6.02
CA ASP A 274 29.05 -40.03 -6.67
C ASP A 274 27.77 -39.68 -5.93
N PHE A 275 27.19 -40.64 -5.20
CA PHE A 275 26.00 -40.35 -4.41
C PHE A 275 26.30 -39.30 -3.35
N PHE A 276 27.54 -39.26 -2.86
CA PHE A 276 27.94 -38.30 -1.84
C PHE A 276 28.51 -37.01 -2.41
N LYS A 277 28.64 -36.89 -3.73
CA LYS A 277 29.24 -35.69 -4.30
C LYS A 277 28.33 -34.49 -4.11
N LYS A 278 28.93 -33.30 -4.24
CA LYS A 278 28.25 -32.05 -3.91
C LYS A 278 27.17 -31.67 -4.92
N THR A 279 27.09 -32.36 -6.05
CA THR A 279 26.17 -31.97 -7.11
C THR A 279 24.75 -31.86 -6.56
N LYS A 280 24.11 -30.72 -6.82
CA LYS A 280 22.74 -30.48 -6.41
C LYS A 280 21.72 -30.94 -7.43
N GLY A 281 22.14 -31.22 -8.66
CA GLY A 281 21.24 -31.74 -9.66
C GLY A 281 21.01 -33.23 -9.58
N ARG A 282 21.62 -33.89 -8.61
CA ARG A 282 21.52 -35.33 -8.41
C ARG A 282 21.11 -35.61 -6.98
N PRO A 283 20.51 -36.77 -6.71
CA PRO A 283 20.09 -37.07 -5.33
C PRO A 283 21.25 -37.21 -4.38
N GLY A 284 20.98 -37.17 -3.08
CA GLY A 284 22.01 -37.24 -2.07
C GLY A 284 22.57 -35.87 -1.73
N PHE A 285 23.28 -35.81 -0.61
CA PHE A 285 23.88 -34.58 -0.12
C PHE A 285 25.30 -34.87 0.37
N TYR A 286 26.23 -34.00 -0.03
CA TYR A 286 27.63 -34.16 0.38
C TYR A 286 27.79 -33.69 1.82
N PHE A 287 28.44 -34.53 2.65
CA PHE A 287 28.71 -34.20 4.03
C PHE A 287 30.16 -34.34 4.41
N GLY A 288 30.99 -34.95 3.57
CA GLY A 288 32.39 -35.18 3.87
C GLY A 288 32.71 -36.66 3.80
N GLU A 289 33.84 -36.98 3.17
CA GLU A 289 34.20 -38.37 2.98
C GLU A 289 34.43 -39.09 4.31
N LEU A 290 35.08 -38.41 5.26
CA LEU A 290 35.39 -39.03 6.53
C LEU A 290 34.12 -39.27 7.34
N PRO A 291 34.07 -40.36 8.11
CA PRO A 291 32.90 -40.57 8.98
C PRO A 291 32.77 -39.49 10.04
N LEU A 292 33.88 -38.92 10.50
CA LEU A 292 33.82 -37.78 11.40
C LEU A 292 33.09 -36.62 10.74
N SER A 293 33.35 -36.38 9.45
CA SER A 293 32.64 -35.34 8.73
C SER A 293 31.15 -35.63 8.67
N LEU A 294 30.78 -36.90 8.43
CA LEU A 294 29.37 -37.27 8.40
C LEU A 294 28.72 -37.01 9.75
N ALA A 295 29.38 -37.38 10.83
CA ALA A 295 28.84 -37.13 12.16
C ALA A 295 28.71 -35.64 12.43
N ALA A 296 29.69 -34.85 12.00
CA ALA A 296 29.68 -33.42 12.26
C ALA A 296 28.57 -32.73 11.47
N CYS A 297 28.39 -33.10 10.20
CA CYS A 297 27.29 -32.53 9.43
C CYS A 297 25.95 -32.83 10.08
N THR A 298 25.78 -34.07 10.54
CA THR A 298 24.67 -34.41 11.41
C THR A 298 24.91 -33.78 12.79
N ASN A 299 23.84 -33.71 13.58
CA ASN A 299 23.92 -33.15 14.92
C ASN A 299 24.41 -34.16 15.95
N GLN A 300 25.13 -35.21 15.53
CA GLN A 300 25.52 -36.29 16.42
C GLN A 300 26.70 -35.83 17.28
N LEU A 301 26.36 -35.18 18.40
CA LEU A 301 27.37 -34.69 19.33
C LEU A 301 28.17 -35.84 19.93
N ALA A 302 27.49 -36.91 20.35
CA ALA A 302 28.15 -38.01 21.05
C ALA A 302 29.17 -38.71 20.15
N ILE A 303 28.81 -38.94 18.89
CA ILE A 303 29.72 -39.66 18.00
C ILE A 303 31.02 -38.90 17.83
N VAL A 304 30.93 -37.59 17.56
CA VAL A 304 32.13 -36.79 17.39
C VAL A 304 32.93 -36.75 18.68
N LYS A 305 32.24 -36.60 19.83
CA LYS A 305 32.96 -36.53 21.09
C LYS A 305 33.74 -37.81 21.34
N PHE A 306 33.12 -38.96 21.11
CA PHE A 306 33.79 -40.23 21.34
C PHE A 306 34.91 -40.50 20.33
N LEU A 307 34.70 -40.19 19.05
CA LEU A 307 35.71 -40.46 18.05
C LEU A 307 36.93 -39.54 18.24
N LEU A 308 36.69 -38.29 18.63
CA LEU A 308 37.77 -37.36 18.90
C LEU A 308 38.47 -37.63 20.22
N GLN A 309 37.92 -38.51 21.06
CA GLN A 309 38.51 -38.85 22.35
C GLN A 309 38.79 -40.34 22.50
N ASN A 310 38.60 -41.12 21.45
CA ASN A 310 38.81 -42.56 21.54
C ASN A 310 40.27 -42.88 21.82
N SER A 311 40.51 -43.97 22.54
CA SER A 311 41.87 -44.35 22.91
C SER A 311 42.69 -44.85 21.72
N TRP A 312 42.04 -45.33 20.67
CA TRP A 312 42.72 -45.91 19.53
C TRP A 312 42.26 -45.24 18.24
N GLN A 313 43.21 -45.01 17.35
CA GLN A 313 42.95 -44.45 16.03
C GLN A 313 42.08 -43.19 16.10
N PRO A 314 42.56 -42.14 16.79
CA PRO A 314 41.83 -40.87 16.77
C PRO A 314 41.99 -40.18 15.42
N ALA A 315 40.87 -39.94 14.75
CA ALA A 315 40.92 -39.38 13.40
C ALA A 315 41.55 -38.00 13.40
N ASP A 316 42.31 -37.71 12.36
CA ASP A 316 42.93 -36.39 12.17
C ASP A 316 41.84 -35.42 11.72
N ILE A 317 41.64 -34.36 12.50
CA ILE A 317 40.58 -33.41 12.19
C ILE A 317 40.92 -32.66 10.90
N SER A 318 42.18 -32.28 10.72
CA SER A 318 42.64 -31.62 9.51
C SER A 318 42.83 -32.69 8.43
N ALA A 319 41.84 -32.82 7.55
CA ALA A 319 41.86 -33.87 6.53
C ALA A 319 41.28 -33.30 5.24
N ARG A 320 42.14 -33.06 4.25
CA ARG A 320 41.66 -32.68 2.93
C ARG A 320 40.90 -33.84 2.30
N ASP A 321 39.64 -33.60 1.95
CA ASP A 321 38.80 -34.62 1.35
C ASP A 321 39.08 -34.66 -0.16
N SER A 322 38.25 -35.40 -0.90
CA SER A 322 38.42 -35.46 -2.35
C SER A 322 38.30 -34.06 -2.96
N VAL A 323 37.29 -33.32 -2.54
CA VAL A 323 37.06 -31.94 -3.05
C VAL A 323 37.95 -30.99 -2.24
N GLY A 324 38.58 -31.46 -1.16
CA GLY A 324 39.39 -30.61 -0.32
C GLY A 324 38.67 -29.93 0.81
N ASN A 325 37.38 -30.25 0.98
CA ASN A 325 36.53 -29.60 2.00
C ASN A 325 36.75 -30.24 3.37
N THR A 326 37.53 -29.61 4.25
CA THR A 326 37.70 -30.09 5.61
C THR A 326 36.33 -30.14 6.28
N VAL A 327 36.25 -30.87 7.40
CA VAL A 327 34.98 -31.01 8.12
C VAL A 327 34.32 -29.65 8.30
N LEU A 328 35.12 -28.61 8.56
CA LEU A 328 34.57 -27.27 8.69
C LEU A 328 33.95 -26.81 7.37
N HIS A 329 34.63 -27.09 6.26
CA HIS A 329 34.08 -26.74 4.95
C HIS A 329 32.78 -27.48 4.70
N ALA A 330 32.72 -28.75 5.05
CA ALA A 330 31.47 -29.51 4.88
C ALA A 330 30.36 -28.93 5.74
N LEU A 331 30.70 -28.51 6.96
CA LEU A 331 29.70 -27.84 7.80
C LEU A 331 29.17 -26.59 7.11
N VAL A 332 30.06 -25.80 6.51
CA VAL A 332 29.63 -24.60 5.81
C VAL A 332 28.72 -24.96 4.65
N GLU A 333 29.11 -25.99 3.90
CA GLU A 333 28.32 -26.48 2.75
C GLU A 333 26.91 -26.82 3.23
N VAL A 334 26.79 -27.64 4.27
CA VAL A 334 25.50 -28.07 4.78
C VAL A 334 24.70 -26.91 5.35
N ALA A 335 25.36 -25.84 5.76
CA ALA A 335 24.65 -24.72 6.37
C ALA A 335 23.62 -24.15 5.40
N ASP A 336 22.48 -23.76 5.94
CA ASP A 336 21.43 -23.08 5.18
C ASP A 336 20.96 -21.87 5.98
N ASN A 337 20.15 -21.04 5.32
CA ASN A 337 19.60 -19.87 5.99
C ASN A 337 18.54 -20.24 7.03
N THR A 338 18.14 -21.50 7.10
CA THR A 338 17.16 -21.92 8.10
C THR A 338 17.70 -21.66 9.51
N VAL A 339 16.79 -21.27 10.41
CA VAL A 339 17.20 -20.89 11.76
C VAL A 339 17.76 -22.08 12.52
N ASP A 340 17.05 -23.21 12.49
CA ASP A 340 17.51 -24.37 13.26
C ASP A 340 18.80 -24.94 12.68
N ASN A 341 18.93 -24.96 11.35
CA ASN A 341 20.17 -25.42 10.75
C ASN A 341 21.32 -24.49 11.14
N THR A 342 21.05 -23.19 11.19
CA THR A 342 22.06 -22.25 11.67
C THR A 342 22.46 -22.58 13.10
N LYS A 343 21.49 -22.84 13.96
CA LYS A 343 21.78 -23.18 15.35
C LYS A 343 22.69 -24.39 15.43
N PHE A 344 22.35 -25.45 14.70
CA PHE A 344 23.13 -26.68 14.76
C PHE A 344 24.54 -26.45 14.21
N VAL A 345 24.64 -25.89 13.00
CA VAL A 345 25.93 -25.75 12.34
C VAL A 345 26.74 -24.61 12.96
N THR A 346 26.20 -23.94 13.97
CA THR A 346 26.91 -22.87 14.70
C THR A 346 27.39 -23.43 16.04
N SER A 347 26.53 -24.11 16.81
CA SER A 347 26.93 -24.72 18.07
C SER A 347 27.95 -25.84 17.84
N MET A 348 27.68 -26.70 16.86
CA MET A 348 28.63 -27.78 16.55
C MET A 348 29.93 -27.19 16.02
N TYR A 349 29.85 -26.13 15.21
CA TYR A 349 31.06 -25.45 14.73
C TYR A 349 31.93 -25.03 15.90
N ASN A 350 31.33 -24.35 16.88
CA ASN A 350 32.09 -23.89 18.04
C ASN A 350 32.67 -25.08 18.80
N GLU A 351 31.86 -26.11 19.02
CA GLU A 351 32.31 -27.25 19.81
C GLU A 351 33.48 -27.96 19.15
N ILE A 352 33.38 -28.25 17.85
CA ILE A 352 34.47 -28.96 17.17
C ILE A 352 35.69 -28.06 17.07
N LEU A 353 35.50 -26.75 16.94
CA LEU A 353 36.65 -25.84 16.95
C LEU A 353 37.40 -25.94 18.26
N ILE A 354 36.68 -25.91 19.39
CA ILE A 354 37.35 -25.99 20.69
C ILE A 354 37.98 -27.37 20.88
N LEU A 355 37.32 -28.42 20.39
CA LEU A 355 37.87 -29.76 20.51
C LEU A 355 39.17 -29.89 19.75
N GLY A 356 39.21 -29.37 18.52
CA GLY A 356 40.45 -29.36 17.76
C GLY A 356 41.52 -28.52 18.41
N ALA A 357 41.12 -27.41 19.04
CA ALA A 357 42.08 -26.62 19.81
C ALA A 357 42.70 -27.44 20.92
N LYS A 358 41.87 -28.21 21.64
CA LYS A 358 42.39 -29.08 22.69
C LYS A 358 43.33 -30.13 22.12
N LEU A 359 42.96 -30.73 20.99
CA LEU A 359 43.79 -31.78 20.39
C LEU A 359 45.13 -31.21 19.93
N HIS A 360 45.10 -30.25 19.01
CA HIS A 360 46.30 -29.60 18.48
C HIS A 360 46.16 -28.10 18.69
N PRO A 361 46.55 -27.59 19.86
CA PRO A 361 46.41 -26.15 20.11
C PRO A 361 47.19 -25.29 19.12
N THR A 362 48.21 -25.83 18.47
CA THR A 362 49.04 -25.09 17.53
C THR A 362 48.79 -25.54 16.09
N LEU A 363 47.56 -25.93 15.79
CA LEU A 363 47.17 -26.35 14.45
C LEU A 363 46.17 -25.36 13.88
N LYS A 364 46.46 -24.84 12.69
CA LYS A 364 45.59 -23.89 12.01
C LYS A 364 44.51 -24.62 11.21
N LEU A 365 43.55 -25.17 11.96
CA LEU A 365 42.48 -25.93 11.32
C LEU A 365 41.55 -25.03 10.51
N GLU A 366 41.40 -23.78 10.91
CA GLU A 366 40.51 -22.85 10.23
C GLU A 366 41.21 -22.08 9.12
N GLU A 367 42.47 -22.38 8.84
CA GLU A 367 43.20 -21.79 7.72
C GLU A 367 43.47 -22.78 6.61
N ILE A 368 42.96 -24.00 6.72
CA ILE A 368 43.18 -25.02 5.71
C ILE A 368 42.21 -24.79 4.56
N THR A 369 42.75 -24.71 3.35
CA THR A 369 41.96 -24.41 2.16
C THR A 369 41.74 -25.67 1.33
N ASN A 370 40.59 -25.71 0.65
CA ASN A 370 40.26 -26.81 -0.25
C ASN A 370 40.96 -26.57 -1.59
N ARG A 371 40.63 -27.39 -2.59
CA ARG A 371 41.26 -27.23 -3.89
C ARG A 371 40.97 -25.85 -4.48
N LYS A 372 39.73 -25.37 -4.31
CA LYS A 372 39.39 -24.03 -4.77
C LYS A 372 40.22 -22.95 -4.08
N GLY A 373 40.80 -23.25 -2.93
CA GLY A 373 41.67 -22.32 -2.24
C GLY A 373 41.00 -21.38 -1.27
N LEU A 374 39.76 -21.67 -0.85
CA LEU A 374 39.03 -20.84 0.09
C LEU A 374 38.95 -21.51 1.46
N THR A 375 39.24 -20.75 2.50
CA THR A 375 39.03 -21.18 3.88
C THR A 375 37.54 -21.18 4.19
N PRO A 376 37.12 -21.81 5.30
CA PRO A 376 35.68 -21.88 5.59
C PRO A 376 35.01 -20.52 5.60
N LEU A 377 35.69 -19.48 6.06
CA LEU A 377 35.12 -18.14 6.00
C LEU A 377 34.85 -17.73 4.56
N ALA A 378 35.85 -17.89 3.70
CA ALA A 378 35.67 -17.51 2.29
C ALA A 378 34.64 -18.40 1.62
N LEU A 379 34.61 -19.69 1.94
CA LEU A 379 33.61 -20.57 1.35
C LEU A 379 32.21 -20.15 1.76
N ALA A 380 32.01 -19.82 3.04
CA ALA A 380 30.71 -19.35 3.49
C ALA A 380 30.33 -18.05 2.79
N ALA A 381 31.27 -17.13 2.65
CA ALA A 381 30.98 -15.88 1.96
C ALA A 381 30.58 -16.13 0.52
N SER A 382 31.28 -17.03 -0.18
CA SER A 382 30.98 -17.30 -1.57
C SER A 382 29.63 -17.99 -1.72
N SER A 383 29.31 -18.93 -0.83
CA SER A 383 28.06 -19.69 -0.91
C SER A 383 26.89 -18.96 -0.27
N GLY A 384 27.09 -17.76 0.27
CA GLY A 384 26.01 -17.00 0.84
C GLY A 384 25.43 -17.58 2.11
N LYS A 385 26.27 -18.08 3.01
CA LYS A 385 25.84 -18.59 4.31
C LYS A 385 25.97 -17.45 5.32
N ILE A 386 24.87 -16.76 5.56
CA ILE A 386 24.91 -15.54 6.37
C ILE A 386 25.09 -15.88 7.85
N GLY A 387 24.42 -16.93 8.33
CA GLY A 387 24.51 -17.25 9.74
C GLY A 387 25.92 -17.61 10.17
N VAL A 388 26.59 -18.45 9.36
CA VAL A 388 27.95 -18.84 9.67
C VAL A 388 28.87 -17.63 9.67
N LEU A 389 28.70 -16.73 8.70
CA LEU A 389 29.51 -15.53 8.63
C LEU A 389 29.29 -14.66 9.86
N ALA A 390 28.03 -14.48 10.27
CA ALA A 390 27.75 -13.67 11.44
C ALA A 390 28.37 -14.28 12.69
N TYR A 391 28.34 -15.61 12.79
CA TYR A 391 29.02 -16.26 13.91
C TYR A 391 30.51 -15.98 13.89
N ILE A 392 31.17 -16.24 12.76
CA ILE A 392 32.63 -16.16 12.72
C ILE A 392 33.09 -14.73 12.95
N LEU A 393 32.45 -13.76 12.29
CA LEU A 393 32.85 -12.37 12.47
C LEU A 393 32.55 -11.85 13.87
N GLN A 394 31.68 -12.54 14.62
CA GLN A 394 31.35 -12.16 15.98
C GLN A 394 31.58 -13.29 16.98
N ARG A 395 32.45 -14.24 16.64
CA ARG A 395 32.70 -15.36 17.53
C ARG A 395 33.41 -14.89 18.78
N GLU A 396 32.83 -15.20 19.93
CA GLU A 396 33.36 -14.79 21.22
C GLU A 396 33.47 -15.99 22.15
N ILE A 397 34.50 -16.00 22.99
CA ILE A 397 34.74 -17.06 23.95
C ILE A 397 35.18 -16.43 25.27
N HIS A 398 34.61 -16.92 26.36
CA HIS A 398 34.90 -16.39 27.69
C HIS A 398 35.96 -17.20 28.43
N GLU A 399 36.30 -18.40 27.98
CA GLU A 399 37.32 -19.27 28.63
C GLU A 399 38.71 -18.66 28.40
N PRO A 400 39.44 -18.15 29.41
CA PRO A 400 40.71 -17.45 29.15
C PRO A 400 41.72 -18.26 28.35
N GLU A 401 41.80 -19.58 28.59
CA GLU A 401 42.82 -20.37 27.92
C GLU A 401 42.53 -20.51 26.43
N CYS A 402 41.28 -20.83 26.07
CA CYS A 402 40.91 -21.08 24.68
C CYS A 402 40.18 -19.89 24.05
N ARG A 403 40.17 -18.74 24.71
CA ARG A 403 39.54 -17.57 24.13
C ARG A 403 40.33 -17.03 22.93
N HIS A 404 41.61 -17.39 22.81
CA HIS A 404 42.41 -16.88 21.70
C HIS A 404 41.85 -17.32 20.35
N LEU A 405 41.11 -18.42 20.30
CA LEU A 405 40.37 -18.80 19.10
C LEU A 405 39.03 -18.06 19.05
N SER A 406 39.11 -16.75 19.10
CA SER A 406 37.95 -15.88 19.04
C SER A 406 38.20 -14.78 18.03
N ARG A 407 37.11 -14.20 17.52
CA ARG A 407 37.18 -13.14 16.51
C ARG A 407 37.05 -11.75 17.13
N LYS A 408 36.10 -11.59 18.07
CA LYS A 408 35.87 -10.31 18.73
C LYS A 408 36.46 -10.37 20.14
N PHE A 409 37.43 -9.50 20.42
CA PHE A 409 38.02 -9.40 21.75
C PHE A 409 37.43 -8.20 22.46
N THR A 410 36.44 -8.43 23.31
CA THR A 410 35.90 -7.34 24.12
C THR A 410 36.99 -6.76 25.01
N GLU A 411 37.07 -5.43 25.04
CA GLU A 411 38.15 -4.75 25.76
C GLU A 411 37.75 -4.39 27.19
N TRP A 412 36.69 -3.60 27.34
CA TRP A 412 36.24 -3.17 28.67
C TRP A 412 34.78 -2.76 28.58
N ALA A 413 34.16 -2.63 29.75
CA ALA A 413 32.76 -2.21 29.84
C ALA A 413 32.63 -1.32 31.08
N TYR A 414 32.74 -0.01 30.88
CA TYR A 414 32.57 0.96 31.98
C TYR A 414 31.10 1.34 32.02
N GLY A 415 30.31 0.56 32.75
CA GLY A 415 28.88 0.73 32.76
C GLY A 415 28.26 0.13 31.51
N PRO A 416 27.17 0.72 31.02
CA PRO A 416 26.58 0.20 29.77
C PRO A 416 27.47 0.37 28.56
N VAL A 417 28.45 1.26 28.61
CA VAL A 417 29.32 1.52 27.47
C VAL A 417 30.47 0.53 27.47
N HIS A 418 30.69 -0.12 26.33
CA HIS A 418 31.77 -1.08 26.20
C HIS A 418 32.27 -1.12 24.77
N SER A 419 33.59 -1.19 24.60
CA SER A 419 34.19 -1.31 23.29
C SER A 419 34.13 -2.75 22.81
N SER A 420 34.28 -2.93 21.49
CA SER A 420 34.21 -4.24 20.86
C SER A 420 35.24 -4.30 19.73
N LEU A 421 36.42 -4.83 20.05
CA LEU A 421 37.44 -5.03 19.03
C LEU A 421 37.05 -6.18 18.11
N TYR A 422 37.68 -6.23 16.93
CA TYR A 422 37.46 -7.28 15.95
C TYR A 422 38.81 -7.80 15.47
N ASP A 423 38.79 -8.69 14.47
CA ASP A 423 40.02 -9.38 13.99
C ASP A 423 40.52 -8.82 12.67
N LEU A 424 39.68 -8.72 11.64
CA LEU A 424 40.08 -8.20 10.33
C LEU A 424 41.25 -8.99 9.75
N SER A 425 41.41 -10.25 10.17
CA SER A 425 42.54 -11.04 9.72
C SER A 425 42.49 -11.26 8.22
N CYS A 426 41.30 -11.58 7.69
CA CYS A 426 41.12 -11.82 6.27
C CYS A 426 40.03 -10.95 5.66
N ILE A 427 39.37 -10.10 6.45
CA ILE A 427 38.28 -9.29 5.92
C ILE A 427 38.80 -8.28 4.91
N ASP A 428 39.91 -7.61 5.22
CA ASP A 428 40.44 -6.58 4.35
C ASP A 428 41.01 -7.20 3.07
N THR A 429 41.21 -6.34 2.07
CA THR A 429 41.81 -6.77 0.80
C THR A 429 43.31 -6.94 1.04
N CYS A 430 43.64 -7.95 1.86
CA CYS A 430 45.03 -8.20 2.23
C CYS A 430 45.39 -9.67 2.14
N GLU A 431 44.53 -10.51 1.57
CA GLU A 431 44.80 -11.92 1.40
C GLU A 431 44.39 -12.34 -0.01
N LYS A 432 44.66 -13.61 -0.33
CA LYS A 432 44.44 -14.08 -1.69
C LYS A 432 42.97 -13.99 -2.09
N ASN A 433 42.09 -14.48 -1.23
CA ASN A 433 40.64 -14.38 -1.45
C ASN A 433 40.01 -13.84 -0.17
N SER A 434 39.77 -12.53 -0.14
CA SER A 434 39.23 -11.87 1.04
C SER A 434 37.71 -11.99 1.07
N VAL A 435 37.15 -11.80 2.27
CA VAL A 435 35.70 -11.88 2.42
C VAL A 435 35.03 -10.73 1.65
N LEU A 436 35.56 -9.52 1.79
CA LEU A 436 34.95 -8.38 1.11
C LEU A 436 35.05 -8.52 -0.40
N GLU A 437 36.21 -8.95 -0.90
CA GLU A 437 36.36 -9.16 -2.34
C GLU A 437 35.40 -10.25 -2.82
N VAL A 438 35.27 -11.33 -2.04
CA VAL A 438 34.39 -12.42 -2.42
C VAL A 438 32.95 -11.94 -2.50
N ILE A 439 32.52 -11.14 -1.52
CA ILE A 439 31.15 -10.64 -1.53
C ILE A 439 30.94 -9.69 -2.69
N ALA A 440 31.91 -8.82 -2.96
CA ALA A 440 31.74 -7.82 -4.01
C ALA A 440 31.68 -8.46 -5.38
N TYR A 441 32.63 -9.34 -5.69
CA TYR A 441 32.76 -9.90 -7.02
C TYR A 441 32.01 -11.20 -7.21
N SER A 442 31.28 -11.66 -6.20
CA SER A 442 30.42 -12.82 -6.39
C SER A 442 29.22 -12.44 -7.25
N SER A 443 28.87 -13.33 -8.18
CA SER A 443 27.74 -13.06 -9.06
C SER A 443 26.44 -13.06 -8.26
N SER A 444 25.36 -12.66 -8.95
CA SER A 444 24.05 -12.60 -8.29
C SER A 444 23.52 -13.97 -7.92
N GLU A 445 24.15 -15.04 -8.42
CA GLU A 445 23.65 -16.39 -8.12
C GLU A 445 23.63 -16.66 -6.63
N THR A 446 24.68 -16.29 -5.92
CA THR A 446 24.71 -16.52 -4.48
C THR A 446 23.64 -15.68 -3.81
N PRO A 447 22.82 -16.26 -2.95
CA PRO A 447 21.70 -15.50 -2.37
C PRO A 447 22.18 -14.50 -1.32
N ASN A 448 21.45 -13.40 -1.21
CA ASN A 448 21.62 -12.45 -0.11
C ASN A 448 22.99 -11.79 -0.14
N ARG A 449 23.63 -11.77 -1.31
CA ARG A 449 24.98 -11.24 -1.39
C ARG A 449 25.05 -9.79 -0.94
N HIS A 450 23.99 -9.02 -1.19
CA HIS A 450 23.91 -7.65 -0.72
C HIS A 450 23.34 -7.53 0.68
N ASP A 451 22.81 -8.62 1.25
CA ASP A 451 22.34 -8.62 2.62
C ASP A 451 23.41 -9.03 3.62
N MET A 452 24.41 -9.80 3.19
CA MET A 452 25.49 -10.17 4.08
C MET A 452 26.28 -8.95 4.55
N LEU A 453 26.46 -7.97 3.67
CA LEU A 453 27.23 -6.78 4.03
C LEU A 453 26.57 -5.97 5.12
N LEU A 454 25.36 -6.31 5.54
CA LEU A 454 24.71 -5.60 6.64
C LEU A 454 25.21 -6.04 8.01
N VAL A 455 26.05 -7.08 8.07
CA VAL A 455 26.66 -7.44 9.35
C VAL A 455 27.41 -6.22 9.88
N GLU A 456 27.39 -6.07 11.21
CA GLU A 456 27.93 -4.86 11.82
C GLU A 456 29.39 -4.61 11.46
N PRO A 457 30.31 -5.58 11.56
CA PRO A 457 31.72 -5.27 11.32
C PRO A 457 31.97 -4.80 9.89
N LEU A 458 31.42 -5.50 8.91
CA LEU A 458 31.66 -5.14 7.52
C LEU A 458 31.07 -3.77 7.21
N ASN A 459 29.85 -3.49 7.66
CA ASN A 459 29.23 -2.20 7.38
C ASN A 459 30.04 -1.07 8.01
N ARG A 460 30.42 -1.23 9.28
CA ARG A 460 31.19 -0.19 9.94
C ARG A 460 32.54 0.02 9.26
N LEU A 461 33.21 -1.07 8.89
CA LEU A 461 34.51 -0.95 8.23
C LEU A 461 34.38 -0.27 6.88
N LEU A 462 33.37 -0.62 6.10
CA LEU A 462 33.19 -0.01 4.79
C LEU A 462 32.92 1.48 4.91
N GLN A 463 32.03 1.86 5.84
CA GLN A 463 31.76 3.27 6.02
C GLN A 463 33.00 4.01 6.53
N ASP A 464 33.81 3.34 7.37
CA ASP A 464 35.06 3.93 7.82
C ASP A 464 35.98 4.23 6.64
N LYS A 465 36.19 3.23 5.77
CA LYS A 465 37.06 3.44 4.62
C LYS A 465 36.53 4.55 3.73
N TRP A 466 35.21 4.57 3.48
CA TRP A 466 34.62 5.60 2.65
C TRP A 466 34.83 6.98 3.24
N ASP A 467 34.48 7.18 4.51
CA ASP A 467 34.64 8.47 5.16
C ASP A 467 36.10 8.89 5.30
N ARG A 468 37.03 7.94 5.29
CA ARG A 468 38.43 8.23 5.56
C ARG A 468 39.23 8.54 4.31
N PHE A 469 39.19 7.67 3.29
CA PHE A 469 40.09 7.83 2.17
C PHE A 469 39.50 7.55 0.79
N VAL A 470 38.21 7.27 0.68
CA VAL A 470 37.62 7.00 -0.63
C VAL A 470 36.61 8.06 -1.07
N LYS A 471 35.98 8.78 -0.15
CA LYS A 471 35.03 9.80 -0.58
C LYS A 471 35.71 10.90 -1.39
N ARG A 472 36.88 11.33 -0.94
CA ARG A 472 37.60 12.39 -1.67
C ARG A 472 38.01 11.94 -3.05
N ILE A 473 38.53 10.71 -3.17
CA ILE A 473 38.93 10.22 -4.48
C ILE A 473 37.72 10.06 -5.38
N PHE A 474 36.59 9.62 -4.83
CA PHE A 474 35.37 9.49 -5.62
C PHE A 474 34.92 10.85 -6.13
N TYR A 475 34.94 11.87 -5.27
CA TYR A 475 34.55 13.21 -5.70
C TYR A 475 35.51 13.76 -6.75
N PHE A 476 36.81 13.49 -6.59
CA PHE A 476 37.77 13.94 -7.61
C PHE A 476 37.49 13.29 -8.95
N ASN A 477 37.22 11.99 -8.95
CA ASN A 477 36.88 11.30 -10.20
C ASN A 477 35.59 11.85 -10.80
N PHE A 478 34.60 12.14 -9.95
CA PHE A 478 33.35 12.70 -10.43
C PHE A 478 33.58 14.05 -11.10
N PHE A 479 34.41 14.90 -10.49
CA PHE A 479 34.72 16.19 -11.06
C PHE A 479 35.48 16.04 -12.38
N VAL A 480 36.42 15.11 -12.44
CA VAL A 480 37.19 14.91 -13.66
C VAL A 480 36.29 14.43 -14.79
N TYR A 481 35.34 13.54 -14.47
CA TYR A 481 34.41 13.07 -15.49
C TYR A 481 33.49 14.19 -15.94
N CYS A 482 33.06 15.05 -15.02
CA CYS A 482 32.28 16.22 -15.43
C CYS A 482 33.06 17.09 -16.39
N LEU A 483 34.34 17.33 -16.10
CA LEU A 483 35.17 18.12 -16.99
C LEU A 483 35.31 17.45 -18.36
N TYR A 484 35.49 16.13 -18.37
CA TYR A 484 35.62 15.43 -19.63
C TYR A 484 34.35 15.54 -20.45
N MET A 485 33.19 15.38 -19.82
CA MET A 485 31.93 15.48 -20.54
C MET A 485 31.72 16.89 -21.07
N ILE A 486 32.09 17.90 -20.29
CA ILE A 486 31.95 19.28 -20.76
C ILE A 486 32.86 19.52 -21.95
N ILE A 487 34.09 19.00 -21.90
CA ILE A 487 35.01 19.17 -23.02
C ILE A 487 34.48 18.48 -24.26
N PHE A 488 33.97 17.24 -24.11
CA PHE A 488 33.40 16.54 -25.24
C PHE A 488 32.23 17.31 -25.83
N THR A 489 31.35 17.83 -24.98
CA THR A 489 30.20 18.59 -25.46
C THR A 489 30.63 19.82 -26.24
N ALA A 490 31.59 20.58 -25.69
CA ALA A 490 32.02 21.81 -26.34
C ALA A 490 32.75 21.51 -27.64
N ALA A 491 33.50 20.42 -27.70
CA ALA A 491 34.25 20.09 -28.90
C ALA A 491 33.32 19.61 -30.01
N ALA A 492 32.37 18.72 -29.67
CA ALA A 492 31.44 18.24 -30.67
C ALA A 492 30.50 19.34 -31.13
N TYR A 493 30.05 20.20 -30.21
CA TYR A 493 29.12 21.27 -30.56
C TYR A 493 29.72 22.18 -31.62
N TYR A 494 31.02 22.43 -31.56
CA TYR A 494 31.70 23.35 -32.48
C TYR A 494 32.34 22.63 -33.66
N ARG A 495 31.83 21.45 -34.02
CA ARG A 495 32.43 20.69 -35.09
C ARG A 495 32.28 21.42 -36.43
N PRO A 496 33.32 21.40 -37.27
CA PRO A 496 33.20 22.02 -38.60
C PRO A 496 32.15 21.31 -39.43
N VAL A 497 31.44 22.10 -40.24
CA VAL A 497 30.32 21.61 -41.05
C VAL A 497 30.60 21.76 -42.54
N GLU A 498 31.81 22.19 -42.89
CA GLU A 498 32.18 22.44 -44.30
C GLU A 498 33.39 21.55 -44.62
N GLY A 499 33.35 20.82 -45.74
CA GLY A 499 34.46 19.97 -46.14
C GLY A 499 34.43 18.62 -45.44
N LEU A 500 34.66 17.57 -46.23
CA LEU A 500 34.67 16.23 -45.68
C LEU A 500 35.87 16.07 -44.74
N PRO A 501 35.76 15.23 -43.71
CA PRO A 501 36.86 15.07 -42.76
C PRO A 501 38.01 14.30 -43.39
N PRO A 502 39.23 14.40 -42.82
CA PRO A 502 39.63 15.24 -41.69
C PRO A 502 39.73 16.71 -42.07
N TYR A 503 39.81 17.61 -41.10
CA TYR A 503 39.80 19.04 -41.35
C TYR A 503 41.19 19.63 -41.11
N LYS A 504 41.38 20.87 -41.59
CA LYS A 504 42.69 21.50 -41.56
C LYS A 504 43.06 21.93 -40.14
N LEU A 505 44.37 22.15 -39.94
CA LEU A 505 44.87 22.76 -38.72
C LEU A 505 45.12 24.23 -39.01
N LYS A 506 44.18 25.08 -38.61
CA LYS A 506 44.29 26.51 -38.86
C LYS A 506 45.28 27.15 -37.87
N ASN A 507 45.63 28.40 -38.15
CA ASN A 507 46.58 29.16 -37.30
C ASN A 507 45.80 29.91 -36.22
N THR A 508 44.48 29.75 -36.15
CA THR A 508 43.69 30.44 -35.14
C THR A 508 43.68 29.66 -33.83
N VAL A 509 43.46 30.39 -32.73
CA VAL A 509 43.37 29.76 -31.42
C VAL A 509 42.15 28.86 -31.36
N GLY A 510 41.07 29.24 -32.04
CA GLY A 510 39.85 28.44 -32.00
C GLY A 510 40.07 27.02 -32.48
N ASP A 511 40.76 26.87 -33.61
CA ASP A 511 41.00 25.54 -34.15
C ASP A 511 41.90 24.73 -33.21
N TYR A 512 42.90 25.39 -32.60
CA TYR A 512 43.77 24.69 -31.65
C TYR A 512 42.96 24.19 -30.46
N PHE A 513 42.07 25.03 -29.92
CA PHE A 513 41.24 24.59 -28.80
C PHE A 513 40.31 23.47 -29.22
N ARG A 514 39.76 23.54 -30.43
CA ARG A 514 38.89 22.47 -30.92
C ARG A 514 39.65 21.16 -31.02
N VAL A 515 40.88 21.20 -31.53
CA VAL A 515 41.68 19.99 -31.63
C VAL A 515 42.02 19.46 -30.25
N THR A 516 42.31 20.36 -29.31
CA THR A 516 42.55 19.93 -27.93
C THR A 516 41.33 19.23 -27.35
N GLY A 517 40.14 19.78 -27.58
CA GLY A 517 38.93 19.14 -27.11
C GLY A 517 38.74 17.76 -27.72
N GLU A 518 38.94 17.66 -29.04
CA GLU A 518 38.75 16.37 -29.72
C GLU A 518 39.73 15.33 -29.19
N ILE A 519 41.00 15.72 -29.02
CA ILE A 519 42.01 14.76 -28.58
C ILE A 519 41.77 14.37 -27.12
N LEU A 520 41.35 15.31 -26.28
CA LEU A 520 41.00 14.97 -24.90
C LEU A 520 39.82 13.99 -24.87
N SER A 521 38.82 14.23 -25.71
CA SER A 521 37.69 13.32 -25.78
C SER A 521 38.15 11.93 -26.20
N VAL A 522 39.00 11.85 -27.21
CA VAL A 522 39.47 10.55 -27.68
C VAL A 522 40.28 9.84 -26.59
N SER A 523 41.10 10.60 -25.86
CA SER A 523 41.89 10.01 -24.79
C SER A 523 40.98 9.43 -23.72
N GLY A 524 39.95 10.18 -23.31
CA GLY A 524 39.01 9.66 -22.35
C GLY A 524 38.30 8.42 -22.85
N GLY A 525 37.93 8.42 -24.13
CA GLY A 525 37.24 7.27 -24.68
C GLY A 525 38.10 6.02 -24.67
N VAL A 526 39.37 6.16 -25.08
CA VAL A 526 40.25 4.99 -25.09
C VAL A 526 40.54 4.53 -23.66
N TYR A 527 40.66 5.48 -22.72
CA TYR A 527 40.84 5.09 -21.33
C TYR A 527 39.67 4.26 -20.83
N PHE A 528 38.45 4.70 -21.14
CA PHE A 528 37.27 3.94 -20.71
C PHE A 528 37.20 2.59 -21.42
N PHE A 529 37.60 2.53 -22.68
CA PHE A 529 37.67 1.26 -23.40
C PHE A 529 38.58 0.29 -22.67
N PHE A 530 39.81 0.72 -22.36
CA PHE A 530 40.75 -0.16 -21.69
C PHE A 530 40.26 -0.52 -20.29
N ARG A 531 39.61 0.41 -19.60
CA ARG A 531 39.08 0.10 -18.28
C ARG A 531 38.01 -0.98 -18.36
N GLY A 532 37.13 -0.89 -19.37
CA GLY A 532 36.13 -1.93 -19.55
C GLY A 532 36.74 -3.28 -19.87
N ILE A 533 37.75 -3.29 -20.73
CA ILE A 533 38.43 -4.56 -21.03
C ILE A 533 39.07 -5.14 -19.79
N GLN A 534 39.71 -4.28 -18.98
CA GLN A 534 40.33 -4.75 -17.74
C GLN A 534 39.28 -5.31 -16.80
N TYR A 535 38.13 -4.65 -16.69
CA TYR A 535 37.04 -5.17 -15.86
C TYR A 535 36.61 -6.55 -16.36
N PHE A 536 36.41 -6.69 -17.66
CA PHE A 536 35.97 -7.97 -18.20
C PHE A 536 36.98 -9.07 -17.89
N LEU A 537 38.27 -8.81 -18.10
CA LEU A 537 39.27 -9.85 -17.87
C LEU A 537 39.43 -10.18 -16.40
N GLN A 538 39.56 -9.17 -15.54
CA GLN A 538 39.77 -9.43 -14.11
C GLN A 538 38.57 -10.13 -13.50
N ARG A 539 37.36 -9.61 -13.75
CA ARG A 539 36.17 -10.17 -13.11
C ARG A 539 35.69 -11.44 -13.82
N ARG A 540 35.80 -11.49 -15.14
CA ARG A 540 35.12 -12.50 -15.94
C ARG A 540 33.66 -12.60 -15.48
N PRO A 541 32.88 -11.54 -15.65
CA PRO A 541 31.54 -11.50 -15.04
C PRO A 541 30.60 -12.51 -15.69
N SER A 542 29.57 -12.88 -14.93
CA SER A 542 28.63 -13.89 -15.38
C SER A 542 28.04 -13.51 -16.73
N LEU A 543 28.07 -14.47 -17.65
CA LEU A 543 27.51 -14.29 -18.98
C LEU A 543 26.00 -14.53 -19.02
N LYS A 544 25.44 -15.20 -18.00
CA LYS A 544 24.01 -15.46 -17.99
C LYS A 544 23.22 -14.16 -17.84
N SER A 545 23.58 -13.35 -16.84
CA SER A 545 22.91 -12.07 -16.58
C SER A 545 23.97 -11.04 -16.20
N LEU A 546 24.50 -10.34 -17.21
CA LEU A 546 25.44 -9.26 -16.99
C LEU A 546 24.81 -7.88 -17.07
N PHE A 547 23.50 -7.81 -17.28
CA PHE A 547 22.77 -6.54 -17.27
C PHE A 547 22.19 -6.22 -15.89
N VAL A 548 22.41 -7.07 -14.89
CA VAL A 548 21.86 -6.86 -13.56
C VAL A 548 22.93 -6.42 -12.57
N ASP A 549 24.21 -6.71 -12.83
CA ASP A 549 25.30 -6.35 -11.94
C ASP A 549 26.38 -5.50 -12.58
N SER A 550 26.43 -5.42 -13.91
CA SER A 550 27.45 -4.67 -14.62
C SER A 550 26.82 -3.74 -15.65
N TYR A 551 25.68 -3.15 -15.30
CA TYR A 551 24.97 -2.26 -16.21
C TYR A 551 25.81 -1.03 -16.53
N SER A 552 26.27 -0.33 -15.50
CA SER A 552 26.96 0.93 -15.71
C SER A 552 28.29 0.72 -16.43
N GLU A 553 29.03 -0.33 -16.08
CA GLU A 553 30.29 -0.59 -16.78
C GLU A 553 30.03 -0.91 -18.24
N ILE A 554 28.97 -1.66 -18.51
CA ILE A 554 28.59 -1.94 -19.89
C ILE A 554 28.31 -0.65 -20.63
N LEU A 555 27.60 0.28 -19.99
CA LEU A 555 27.27 1.54 -20.65
C LEU A 555 28.51 2.37 -20.91
N PHE A 556 29.44 2.42 -19.95
CA PHE A 556 30.70 3.14 -20.17
C PHE A 556 31.47 2.52 -21.33
N PHE A 557 31.52 1.19 -21.38
CA PHE A 557 32.23 0.51 -22.46
C PHE A 557 31.58 0.82 -23.80
N VAL A 558 30.25 0.86 -23.85
CA VAL A 558 29.54 1.17 -25.09
C VAL A 558 29.86 2.60 -25.53
N GLN A 559 29.90 3.53 -24.59
CA GLN A 559 30.26 4.91 -24.93
C GLN A 559 31.66 4.96 -25.53
N SER A 560 32.61 4.29 -24.89
CA SER A 560 33.98 4.29 -25.40
C SER A 560 34.05 3.66 -26.79
N LEU A 561 33.32 2.57 -26.98
CA LEU A 561 33.31 1.89 -28.27
C LEU A 561 32.73 2.80 -29.36
N PHE A 562 31.64 3.51 -29.04
CA PHE A 562 31.07 4.46 -30.01
C PHE A 562 32.08 5.54 -30.36
N MET A 563 32.77 6.08 -29.36
CA MET A 563 33.76 7.12 -29.65
C MET A 563 34.90 6.58 -30.51
N LEU A 564 35.34 5.35 -30.24
CA LEU A 564 36.40 4.77 -31.06
C LEU A 564 35.94 4.55 -32.49
N VAL A 565 34.69 4.12 -32.68
CA VAL A 565 34.14 3.98 -34.03
C VAL A 565 34.10 5.34 -34.72
N SER A 566 33.71 6.38 -33.98
CA SER A 566 33.67 7.72 -34.56
C SER A 566 35.06 8.16 -35.00
N VAL A 567 36.08 7.85 -34.19
CA VAL A 567 37.45 8.19 -34.57
C VAL A 567 37.88 7.39 -35.79
N VAL A 568 37.47 6.13 -35.86
CA VAL A 568 37.82 5.30 -37.02
C VAL A 568 37.24 5.90 -38.28
N LEU A 569 35.98 6.33 -38.23
CA LEU A 569 35.33 6.85 -39.43
C LEU A 569 35.83 8.24 -39.77
N TYR A 570 36.09 9.08 -38.77
CA TYR A 570 36.51 10.44 -39.04
C TYR A 570 37.79 10.50 -39.86
N PHE A 571 38.66 9.50 -39.71
CA PHE A 571 39.90 9.42 -40.46
C PHE A 571 39.77 8.58 -41.72
N SER A 572 38.58 8.06 -42.02
CA SER A 572 38.33 7.34 -43.26
C SER A 572 37.65 8.22 -44.29
N GLN A 573 37.76 9.54 -44.14
CA GLN A 573 37.15 10.49 -45.06
C GLN A 573 35.66 10.21 -45.21
N ARG A 574 35.01 9.86 -44.10
CA ARG A 574 33.59 9.56 -44.08
C ARG A 574 32.91 10.47 -43.08
N LYS A 575 31.68 10.89 -43.39
CA LYS A 575 30.95 11.86 -42.59
C LYS A 575 29.84 11.23 -41.78
N GLU A 576 29.93 9.93 -41.51
CA GLU A 576 28.99 9.25 -40.62
C GLU A 576 29.50 9.20 -39.19
N TYR A 577 30.64 9.81 -38.90
CA TYR A 577 31.14 9.86 -37.54
C TYR A 577 30.27 10.73 -36.64
N VAL A 578 29.45 11.61 -37.23
CA VAL A 578 28.58 12.46 -36.44
C VAL A 578 27.61 11.60 -35.62
N ALA A 579 27.04 10.56 -36.23
CA ALA A 579 26.10 9.72 -35.52
C ALA A 579 26.75 9.04 -34.32
N SER A 580 27.91 8.41 -34.53
CA SER A 580 28.58 7.71 -33.45
C SER A 580 28.98 8.69 -32.35
N MET A 581 29.50 9.86 -32.73
CA MET A 581 29.91 10.84 -31.73
C MET A 581 28.72 11.33 -30.92
N VAL A 582 27.59 11.56 -31.58
CA VAL A 582 26.39 12.02 -30.87
C VAL A 582 25.90 10.96 -29.91
N PHE A 583 25.87 9.70 -30.35
CA PHE A 583 25.45 8.62 -29.46
C PHE A 583 26.38 8.53 -28.25
N SER A 584 27.68 8.63 -28.48
CA SER A 584 28.63 8.60 -27.37
C SER A 584 28.40 9.76 -26.42
N LEU A 585 28.10 10.95 -26.96
CA LEU A 585 27.86 12.12 -26.13
C LEU A 585 26.64 11.92 -25.24
N ALA A 586 25.53 11.47 -25.83
CA ALA A 586 24.33 11.26 -25.04
C ALA A 586 24.54 10.17 -23.99
N MET A 587 25.22 9.09 -24.37
CA MET A 587 25.51 8.03 -23.39
C MET A 587 26.37 8.56 -22.26
N GLY A 588 27.38 9.37 -22.59
CA GLY A 588 28.24 9.91 -21.54
C GLY A 588 27.48 10.80 -20.58
N TRP A 589 26.60 11.66 -21.10
CA TRP A 589 25.82 12.52 -20.21
C TRP A 589 24.88 11.70 -19.34
N THR A 590 24.21 10.71 -19.93
CA THR A 590 23.33 9.85 -19.12
C THR A 590 24.09 8.99 -18.13
N ASN A 591 25.39 8.77 -18.36
CA ASN A 591 26.19 7.95 -17.46
C ASN A 591 26.71 8.71 -16.26
N MET A 592 26.42 10.01 -16.15
CA MET A 592 26.76 10.74 -14.93
C MET A 592 26.01 10.18 -13.73
N LEU A 593 24.95 9.41 -13.96
CA LEU A 593 24.22 8.79 -12.86
C LEU A 593 25.03 7.69 -12.17
N TYR A 594 26.13 7.24 -12.79
CA TYR A 594 27.00 6.28 -12.12
C TYR A 594 27.58 6.89 -10.84
N TYR A 595 27.66 8.21 -10.78
CA TYR A 595 28.29 8.90 -9.67
C TYR A 595 27.30 9.30 -8.58
N THR A 596 26.03 8.95 -8.72
CA THR A 596 25.05 9.17 -7.67
C THR A 596 25.06 8.09 -6.62
N ARG A 597 26.00 7.16 -6.69
CA ARG A 597 26.13 6.11 -5.69
C ARG A 597 27.00 6.53 -4.52
N GLY A 598 27.66 7.68 -4.59
CA GLY A 598 28.34 8.22 -3.43
C GLY A 598 27.44 8.99 -2.49
N PHE A 599 26.17 9.17 -2.84
CA PHE A 599 25.21 9.92 -2.05
C PHE A 599 24.04 9.00 -1.71
N GLN A 600 23.64 8.98 -0.44
CA GLN A 600 22.78 7.91 0.06
C GLN A 600 21.37 7.98 -0.49
N GLN A 601 20.87 9.15 -0.87
CA GLN A 601 19.50 9.28 -1.35
C GLN A 601 19.38 9.22 -2.86
N MET A 602 20.37 9.73 -3.60
CA MET A 602 20.33 9.62 -5.04
C MET A 602 20.72 8.23 -5.51
N GLY A 603 21.57 7.53 -4.75
CA GLY A 603 21.92 6.17 -5.13
C GLY A 603 20.71 5.26 -5.17
N ILE A 604 19.81 5.41 -4.19
CA ILE A 604 18.59 4.61 -4.18
C ILE A 604 17.75 4.95 -5.41
N TYR A 605 17.72 6.22 -5.79
CA TYR A 605 16.96 6.61 -6.97
C TYR A 605 17.53 5.96 -8.23
N ALA A 606 18.86 5.94 -8.37
CA ALA A 606 19.46 5.29 -9.52
C ALA A 606 19.19 3.80 -9.54
N VAL A 607 19.27 3.15 -8.37
CA VAL A 607 19.00 1.72 -8.30
C VAL A 607 17.56 1.44 -8.69
N MET A 608 16.62 2.25 -8.21
CA MET A 608 15.23 2.07 -8.57
C MET A 608 15.02 2.29 -10.07
N ILE A 609 15.71 3.28 -10.64
CA ILE A 609 15.56 3.66 -12.08
C ILE A 609 16.09 2.53 -12.94
N GLU A 610 16.99 1.71 -12.43
CA GLU A 610 17.59 0.60 -13.20
C GLU A 610 16.75 -0.65 -12.99
N LYS A 611 16.11 -0.79 -11.84
CA LYS A 611 15.26 -1.95 -11.52
C LYS A 611 13.95 -1.82 -12.30
N MET A 612 13.40 -0.61 -12.39
CA MET A 612 12.20 -0.38 -13.19
C MET A 612 12.46 -0.45 -14.69
N ILE A 613 13.69 -0.19 -15.14
CA ILE A 613 14.01 -0.39 -16.54
C ILE A 613 14.09 -1.87 -16.90
N LEU A 614 14.77 -2.66 -16.08
CA LEU A 614 14.94 -4.08 -16.38
C LEU A 614 13.78 -4.95 -15.92
N ARG A 615 12.80 -4.38 -15.22
CA ARG A 615 11.71 -5.15 -14.65
C ARG A 615 10.34 -4.73 -15.16
N ASP A 616 10.06 -3.43 -15.24
CA ASP A 616 8.74 -2.92 -15.59
C ASP A 616 8.67 -2.28 -16.96
N LEU A 617 9.73 -1.57 -17.39
CA LEU A 617 9.68 -0.90 -18.69
C LEU A 617 9.85 -1.90 -19.82
N CYS A 618 10.61 -2.96 -19.62
CA CYS A 618 10.84 -3.93 -20.69
C CYS A 618 9.55 -4.65 -21.07
N ARG A 619 8.80 -5.13 -20.07
CA ARG A 619 7.56 -5.84 -20.36
C ARG A 619 6.55 -4.92 -21.03
N PHE A 620 6.40 -3.69 -20.50
CA PHE A 620 5.48 -2.75 -21.11
C PHE A 620 5.88 -2.44 -22.53
N MET A 621 7.19 -2.27 -22.78
CA MET A 621 7.64 -2.00 -24.14
C MET A 621 7.34 -3.16 -25.06
N PHE A 622 7.51 -4.39 -24.59
CA PHE A 622 7.18 -5.55 -25.41
C PHE A 622 5.70 -5.54 -25.82
N VAL A 623 4.82 -5.42 -24.83
CA VAL A 623 3.40 -5.46 -25.13
C VAL A 623 2.99 -4.28 -26.00
N TYR A 624 3.53 -3.09 -25.69
CA TYR A 624 3.19 -1.89 -26.44
C TYR A 624 3.66 -1.99 -27.88
N LEU A 625 4.85 -2.54 -28.12
CA LEU A 625 5.29 -2.73 -29.50
C LEU A 625 4.40 -3.71 -30.22
N VAL A 626 3.97 -4.79 -29.55
CA VAL A 626 3.05 -5.71 -30.19
C VAL A 626 1.79 -4.97 -30.64
N PHE A 627 1.17 -4.22 -29.72
CA PHE A 627 -0.06 -3.51 -30.05
C PHE A 627 0.17 -2.49 -31.16
N LEU A 628 1.24 -1.70 -31.03
CA LEU A 628 1.52 -0.64 -31.99
C LEU A 628 1.72 -1.22 -33.38
N PHE A 629 2.53 -2.27 -33.49
CA PHE A 629 2.76 -2.87 -34.80
C PHE A 629 1.48 -3.44 -35.38
N GLY A 630 0.68 -4.12 -34.56
CA GLY A 630 -0.56 -4.67 -35.07
C GLY A 630 -1.48 -3.60 -35.64
N PHE A 631 -1.76 -2.57 -34.85
CA PHE A 631 -2.69 -1.55 -35.30
C PHE A 631 -2.10 -0.71 -36.42
N SER A 632 -0.78 -0.52 -36.46
CA SER A 632 -0.17 0.24 -37.54
C SER A 632 -0.25 -0.52 -38.85
N THR A 633 0.00 -1.83 -38.83
CA THR A 633 -0.18 -2.63 -40.03
C THR A 633 -1.63 -2.60 -40.47
N ALA A 634 -2.57 -2.71 -39.53
CA ALA A 634 -3.97 -2.57 -39.85
C ALA A 634 -4.25 -1.28 -40.59
N VAL A 635 -3.78 -0.15 -40.03
CA VAL A 635 -4.07 1.15 -40.61
C VAL A 635 -3.47 1.27 -42.00
N VAL A 636 -2.17 0.95 -42.14
CA VAL A 636 -1.53 1.12 -43.44
C VAL A 636 -2.18 0.21 -44.47
N THR A 637 -2.72 -0.94 -44.04
CA THR A 637 -3.55 -1.73 -44.94
C THR A 637 -4.81 -0.97 -45.34
N LEU A 638 -5.43 -0.28 -44.38
CA LEU A 638 -6.64 0.47 -44.70
C LEU A 638 -6.35 1.59 -45.69
N ILE A 639 -5.24 2.31 -45.50
CA ILE A 639 -4.91 3.43 -46.38
C ILE A 639 -4.68 2.92 -47.80
N GLU A 640 -5.18 3.66 -48.78
CA GLU A 640 -5.06 3.29 -50.18
C GLU A 640 -4.20 4.26 -50.98
N ASP A 641 -4.44 5.57 -50.84
CA ASP A 641 -3.69 6.59 -51.55
C ASP A 641 -3.77 6.38 -53.07
N GLY A 642 -5.00 6.45 -53.57
CA GLY A 642 -5.24 6.26 -55.00
C GLY A 642 -5.65 7.53 -55.70
N LYS A 643 -5.31 8.69 -55.12
CA LYS A 643 -5.70 9.97 -55.68
C LYS A 643 -4.81 10.34 -56.88
N GLY A 664 0.45 14.90 -46.60
CA GLY A 664 -0.65 14.08 -46.17
C GLY A 664 -1.07 13.06 -47.22
N ASN A 665 -0.11 12.63 -48.03
CA ASN A 665 -0.37 11.65 -49.08
C ASN A 665 0.55 10.44 -49.02
N SER A 666 1.82 10.59 -48.63
CA SER A 666 2.76 9.48 -48.58
C SER A 666 2.77 8.84 -47.19
N TYR A 667 1.57 8.52 -46.72
CA TYR A 667 1.41 7.86 -45.42
C TYR A 667 1.32 6.35 -45.55
N ASN A 668 1.47 5.81 -46.76
CA ASN A 668 1.45 4.36 -46.92
C ASN A 668 2.56 3.68 -46.13
N SER A 669 3.74 4.29 -46.07
CA SER A 669 4.87 3.67 -45.40
C SER A 669 4.51 3.32 -43.97
N LEU A 670 4.91 2.12 -43.54
CA LEU A 670 4.63 1.69 -42.18
C LEU A 670 5.28 2.62 -41.16
N TYR A 671 6.42 3.21 -41.52
CA TYR A 671 7.11 4.08 -40.58
C TYR A 671 6.23 5.26 -40.19
N SER A 672 5.58 5.89 -41.17
CA SER A 672 4.77 7.07 -40.87
C SER A 672 3.61 6.74 -39.94
N THR A 673 2.92 5.62 -40.21
CA THR A 673 1.78 5.25 -39.37
C THR A 673 2.23 4.84 -37.98
N CYS A 674 3.34 4.11 -37.88
CA CYS A 674 3.86 3.75 -36.56
C CYS A 674 4.24 4.99 -35.77
N LEU A 675 4.85 5.97 -36.44
CA LEU A 675 5.21 7.22 -35.76
C LEU A 675 3.96 7.97 -35.33
N GLU A 676 2.91 7.97 -36.16
CA GLU A 676 1.68 8.64 -35.78
C GLU A 676 1.05 8.01 -34.55
N LEU A 677 1.07 6.67 -34.48
CA LEU A 677 0.48 6.02 -33.33
C LEU A 677 1.35 6.21 -32.08
N PHE A 678 2.66 6.28 -32.25
CA PHE A 678 3.51 6.62 -31.10
C PHE A 678 3.21 8.03 -30.62
N LYS A 679 3.02 8.97 -31.55
CA LYS A 679 2.59 10.31 -31.17
C LYS A 679 1.29 10.25 -30.38
N PHE A 680 0.34 9.42 -30.82
CA PHE A 680 -0.84 9.15 -30.01
C PHE A 680 -0.46 8.76 -28.59
N THR A 681 0.56 7.90 -28.46
CA THR A 681 0.99 7.46 -27.13
C THR A 681 1.52 8.61 -26.29
N ILE A 682 2.30 9.53 -26.88
CA ILE A 682 2.82 10.65 -26.10
C ILE A 682 1.83 11.80 -26.00
N GLY A 683 0.58 11.60 -26.39
CA GLY A 683 -0.42 12.63 -26.27
C GLY A 683 -0.33 13.73 -27.30
N MET A 684 0.10 13.42 -28.52
CA MET A 684 0.15 14.39 -29.61
C MET A 684 -0.38 13.76 -30.89
N GLY A 685 -1.38 12.88 -30.76
CA GLY A 685 -1.90 12.13 -31.88
C GLY A 685 -3.14 12.77 -32.46
N ASP A 686 -3.15 12.93 -33.77
CA ASP A 686 -4.27 13.49 -34.50
C ASP A 686 -5.15 12.37 -35.01
N LEU A 687 -6.40 12.33 -34.55
CA LEU A 687 -7.32 11.27 -34.94
C LEU A 687 -7.76 11.37 -36.40
N GLU A 688 -7.45 12.47 -37.08
CA GLU A 688 -7.79 12.64 -38.48
C GLU A 688 -6.60 13.19 -39.26
N PHE A 689 -5.43 12.59 -39.05
CA PHE A 689 -4.23 13.07 -39.74
C PHE A 689 -4.30 12.85 -41.24
N THR A 690 -5.12 11.91 -41.71
CA THR A 690 -5.23 11.65 -43.13
C THR A 690 -6.65 11.21 -43.45
N GLU A 691 -7.10 11.49 -44.67
CA GLU A 691 -8.45 11.12 -45.13
C GLU A 691 -8.32 10.35 -46.44
N ASN A 692 -7.23 9.60 -46.63
CA ASN A 692 -7.02 8.80 -47.83
C ASN A 692 -7.66 7.41 -47.75
N TYR A 693 -8.20 7.04 -46.59
CA TYR A 693 -8.84 5.74 -46.46
C TYR A 693 -10.12 5.69 -47.29
N ASP A 694 -10.77 4.54 -47.28
CA ASP A 694 -12.04 4.35 -47.98
C ASP A 694 -13.22 4.17 -47.04
N PHE A 695 -12.98 3.82 -45.78
CA PHE A 695 -14.04 3.68 -44.79
C PHE A 695 -13.62 4.42 -43.52
N LYS A 696 -14.27 5.55 -43.25
CA LYS A 696 -13.92 6.34 -42.07
C LYS A 696 -14.25 5.61 -40.79
N ALA A 697 -15.35 4.84 -40.77
CA ALA A 697 -15.74 4.15 -39.54
C ALA A 697 -14.67 3.17 -39.09
N VAL A 698 -14.11 2.41 -40.03
CA VAL A 698 -13.07 1.44 -39.69
C VAL A 698 -11.83 2.15 -39.16
N PHE A 699 -11.42 3.23 -39.84
CA PHE A 699 -10.25 3.98 -39.39
C PHE A 699 -10.45 4.49 -37.97
N ILE A 700 -11.60 5.09 -37.70
CA ILE A 700 -11.85 5.66 -36.38
C ILE A 700 -11.94 4.55 -35.33
N ILE A 701 -12.53 3.41 -35.69
CA ILE A 701 -12.63 2.31 -34.74
C ILE A 701 -11.25 1.79 -34.38
N LEU A 702 -10.38 1.63 -35.38
CA LEU A 702 -9.03 1.15 -35.12
C LEU A 702 -8.27 2.13 -34.24
N LEU A 703 -8.37 3.43 -34.55
CA LEU A 703 -7.65 4.41 -33.75
C LEU A 703 -8.17 4.46 -32.32
N LEU A 704 -9.50 4.37 -32.15
CA LEU A 704 -10.08 4.38 -30.82
C LEU A 704 -9.66 3.15 -30.02
N ALA A 705 -9.64 1.98 -30.67
CA ALA A 705 -9.18 0.77 -29.98
C ALA A 705 -7.73 0.92 -29.55
N TYR A 706 -6.89 1.47 -30.43
CA TYR A 706 -5.49 1.66 -30.07
C TYR A 706 -5.36 2.60 -28.88
N VAL A 707 -6.08 3.72 -28.91
CA VAL A 707 -6.00 4.69 -27.82
C VAL A 707 -6.46 4.07 -26.52
N ILE A 708 -7.57 3.33 -26.56
CA ILE A 708 -8.10 2.73 -25.34
C ILE A 708 -7.12 1.71 -24.78
N LEU A 709 -6.54 0.87 -25.65
CA LEU A 709 -5.72 -0.22 -25.17
C LEU A 709 -4.35 0.25 -24.69
N THR A 710 -3.76 1.25 -25.36
CA THR A 710 -2.42 1.72 -24.99
C THR A 710 -2.45 2.95 -24.08
N TYR A 711 -3.10 4.03 -24.51
CA TYR A 711 -3.04 5.26 -23.74
C TYR A 711 -3.78 5.14 -22.42
N ILE A 712 -4.99 4.57 -22.42
CA ILE A 712 -5.87 4.55 -21.21
C ILE A 712 -5.67 3.30 -20.36
N LEU A 713 -5.15 2.20 -20.89
CA LEU A 713 -4.98 0.97 -20.13
C LEU A 713 -3.52 0.65 -19.85
N LEU A 714 -2.65 0.75 -20.85
CA LEU A 714 -1.28 0.27 -20.66
C LEU A 714 -0.43 1.24 -19.86
N LEU A 715 -0.58 2.56 -20.07
CA LEU A 715 0.27 3.51 -19.37
C LEU A 715 -0.15 3.65 -17.91
N ASN A 716 -1.46 3.68 -17.68
CA ASN A 716 -2.01 3.76 -16.31
C ASN A 716 -1.60 2.47 -15.59
N MET A 717 -1.67 1.32 -16.27
CA MET A 717 -1.22 0.05 -15.72
C MET A 717 0.27 0.09 -15.41
N LEU A 718 1.06 0.75 -16.27
CA LEU A 718 2.48 0.88 -16.01
C LEU A 718 2.73 1.66 -14.74
N ILE A 719 1.98 2.74 -14.53
CA ILE A 719 2.14 3.52 -13.30
C ILE A 719 1.79 2.66 -12.08
N ALA A 720 0.73 1.86 -12.19
CA ALA A 720 0.35 0.99 -11.07
C ALA A 720 1.45 -0.02 -10.77
N LEU A 721 1.99 -0.65 -11.81
CA LEU A 721 3.07 -1.62 -11.61
C LEU A 721 4.30 -0.94 -11.03
N MET A 722 4.59 0.30 -11.45
CA MET A 722 5.72 1.02 -10.87
C MET A 722 5.50 1.27 -9.39
N GLY A 723 4.28 1.63 -9.00
CA GLY A 723 4.01 1.80 -7.58
C GLY A 723 4.22 0.51 -6.80
N GLU A 724 3.70 -0.59 -7.31
CA GLU A 724 3.89 -1.88 -6.65
C GLU A 724 5.37 -2.21 -6.53
N THR A 725 6.13 -2.04 -7.61
CA THR A 725 7.54 -2.37 -7.61
C THR A 725 8.32 -1.50 -6.63
N VAL A 726 8.00 -0.21 -6.57
CA VAL A 726 8.69 0.68 -5.64
C VAL A 726 8.45 0.22 -4.20
N ASN A 727 7.17 0.01 -3.86
CA ASN A 727 6.84 -0.46 -2.52
C ASN A 727 7.54 -1.77 -2.20
N LYS A 728 7.73 -2.63 -3.21
CA LYS A 728 8.35 -3.92 -2.95
C LYS A 728 9.85 -3.83 -2.78
N ILE A 729 10.52 -2.95 -3.53
CA ILE A 729 11.98 -3.02 -3.67
C ILE A 729 12.68 -1.80 -3.09
N ALA A 730 12.00 -0.99 -2.27
CA ALA A 730 12.74 0.07 -1.58
C ALA A 730 13.95 -0.47 -0.82
N GLN A 731 13.76 -1.52 -0.01
CA GLN A 731 14.85 -2.04 0.81
C GLN A 731 15.91 -2.73 -0.03
N GLU A 732 15.48 -3.48 -1.05
CA GLU A 732 16.44 -4.12 -1.94
C GLU A 732 17.30 -3.08 -2.64
N SER A 733 16.70 -1.95 -3.02
CA SER A 733 17.48 -0.87 -3.63
C SER A 733 18.48 -0.29 -2.64
N LYS A 734 18.07 -0.11 -1.38
CA LYS A 734 19.02 0.37 -0.38
C LYS A 734 20.22 -0.57 -0.28
N ASN A 735 19.96 -1.87 -0.15
CA ASN A 735 21.04 -2.82 0.00
C ASN A 735 21.92 -2.86 -1.26
N ILE A 736 21.30 -2.74 -2.43
CA ILE A 736 22.07 -2.76 -3.67
C ILE A 736 22.95 -1.53 -3.77
N TRP A 737 22.47 -0.38 -3.30
CA TRP A 737 23.33 0.80 -3.28
C TRP A 737 24.51 0.60 -2.34
N LYS A 738 24.26 -0.01 -1.17
CA LYS A 738 25.37 -0.30 -0.27
C LYS A 738 26.40 -1.20 -0.95
N LEU A 739 25.94 -2.23 -1.66
CA LEU A 739 26.87 -3.11 -2.35
C LEU A 739 27.63 -2.38 -3.45
N GLN A 740 26.94 -1.50 -4.19
CA GLN A 740 27.60 -0.74 -5.24
C GLN A 740 28.70 0.14 -4.68
N ARG A 741 28.42 0.82 -3.57
CA ARG A 741 29.45 1.63 -2.92
C ARG A 741 30.59 0.77 -2.42
N ALA A 742 30.29 -0.44 -1.95
CA ALA A 742 31.35 -1.35 -1.52
C ALA A 742 32.26 -1.70 -2.68
N ILE A 743 31.68 -2.02 -3.85
CA ILE A 743 32.50 -2.33 -5.01
C ILE A 743 33.33 -1.13 -5.41
N THR A 744 32.74 0.07 -5.33
CA THR A 744 33.51 1.28 -5.64
C THR A 744 34.70 1.43 -4.70
N ILE A 745 34.50 1.16 -3.41
CA ILE A 745 35.59 1.25 -2.44
C ILE A 745 36.69 0.25 -2.79
N LEU A 746 36.28 -0.99 -3.09
CA LEU A 746 37.27 -2.01 -3.44
C LEU A 746 38.10 -1.57 -4.63
N ASP A 747 37.43 -1.14 -5.70
CA ASP A 747 38.16 -0.75 -6.91
C ASP A 747 39.05 0.45 -6.64
N THR A 748 38.56 1.43 -5.88
CA THR A 748 39.37 2.60 -5.58
C THR A 748 40.65 2.21 -4.86
N GLU A 749 40.53 1.42 -3.78
CA GLU A 749 41.73 1.08 -3.03
C GLU A 749 42.63 0.14 -3.81
N LYS A 750 42.07 -0.63 -4.74
CA LYS A 750 42.91 -1.50 -5.58
C LYS A 750 43.68 -0.70 -6.62
N SER A 751 43.10 0.40 -7.11
CA SER A 751 43.75 1.16 -8.17
C SER A 751 45.13 1.65 -7.74
N PHE A 752 45.30 1.94 -6.45
CA PHE A 752 46.58 2.46 -5.95
C PHE A 752 47.54 1.35 -5.53
N LEU A 753 47.42 0.16 -6.12
CA LEU A 753 48.29 -0.95 -5.74
C LEU A 753 49.77 -0.57 -5.88
N LYS A 754 50.12 0.14 -6.95
CA LYS A 754 51.50 0.58 -7.13
C LYS A 754 51.73 1.98 -6.57
N CYS A 755 50.67 2.80 -6.49
CA CYS A 755 50.83 4.15 -5.97
C CYS A 755 51.28 4.14 -4.52
N MET A 756 50.49 3.53 -3.65
CA MET A 756 50.85 3.40 -2.24
C MET A 756 49.80 2.54 -1.54
N ARG A 757 50.22 1.89 -0.46
CA ARG A 757 49.37 0.93 0.23
C ARG A 757 49.33 1.18 1.73
N LYS A 758 50.42 1.70 2.30
CA LYS A 758 50.56 1.73 3.76
C LYS A 758 49.41 2.49 4.41
N ALA A 759 49.15 3.71 3.96
CA ALA A 759 48.05 4.49 4.52
C ALA A 759 46.69 3.98 4.09
N PHE A 760 46.63 3.13 3.06
CA PHE A 760 45.37 2.55 2.61
C PHE A 760 45.08 1.25 3.34
N ARG A 761 45.10 1.30 4.67
CA ARG A 761 44.92 0.13 5.51
C ARG A 761 44.04 0.49 6.69
N SER A 762 43.08 -0.38 6.99
CA SER A 762 42.13 -0.15 8.06
C SER A 762 42.46 -1.01 9.28
N GLY A 763 42.04 -0.54 10.44
CA GLY A 763 42.32 -1.21 11.68
C GLY A 763 43.66 -0.83 12.27
N LYS A 764 43.81 -1.12 13.56
CA LYS A 764 45.03 -0.83 14.31
C LYS A 764 45.61 -2.11 14.87
N LEU A 765 46.93 -2.25 14.76
CA LEU A 765 47.61 -3.45 15.24
C LEU A 765 47.61 -3.45 16.76
N LEU A 766 46.86 -4.36 17.37
CA LEU A 766 46.71 -4.45 18.80
C LEU A 766 47.15 -5.83 19.29
N GLN A 767 47.58 -5.85 20.56
CA GLN A 767 47.96 -7.06 21.28
C GLN A 767 47.19 -7.07 22.59
N VAL A 768 46.13 -7.88 22.65
CA VAL A 768 45.29 -7.93 23.84
C VAL A 768 45.61 -9.17 24.66
N GLY A 769 45.54 -10.35 24.02
CA GLY A 769 45.68 -11.61 24.73
C GLY A 769 46.93 -12.35 24.29
N PHE A 770 47.02 -13.59 24.76
CA PHE A 770 48.14 -14.46 24.45
C PHE A 770 47.66 -15.75 23.78
N THR A 771 48.61 -16.51 23.24
CA THR A 771 48.37 -17.84 22.73
C THR A 771 48.86 -18.88 23.73
N PRO A 772 48.31 -20.10 23.70
CA PRO A 772 48.76 -21.13 24.65
C PRO A 772 50.25 -21.34 24.63
N ASP A 773 50.92 -20.93 23.56
CA ASP A 773 52.38 -21.00 23.45
C ASP A 773 53.07 -19.88 24.22
N GLY A 774 52.35 -19.14 25.05
CA GLY A 774 52.96 -18.07 25.82
C GLY A 774 53.48 -16.92 24.97
N LYS A 775 52.78 -16.59 23.89
CA LYS A 775 53.16 -15.51 23.00
C LYS A 775 51.98 -14.58 22.79
N ASP A 776 52.21 -13.50 22.04
CA ASP A 776 51.26 -12.42 21.87
C ASP A 776 50.31 -12.70 20.70
N ASP A 777 49.26 -11.89 20.61
CA ASP A 777 48.28 -11.95 19.52
C ASP A 777 48.26 -10.58 18.84
N TYR A 778 49.16 -10.39 17.89
CA TYR A 778 49.25 -9.14 17.13
C TYR A 778 48.26 -9.21 15.98
N ARG A 779 47.11 -8.57 16.13
CA ARG A 779 46.09 -8.57 15.09
C ARG A 779 45.55 -7.17 14.86
N TRP A 780 45.10 -6.92 13.65
CA TRP A 780 44.57 -5.61 13.26
C TRP A 780 43.12 -5.53 13.68
N CYS A 781 42.88 -5.01 14.88
CA CYS A 781 41.54 -4.91 15.43
C CYS A 781 40.92 -3.56 15.09
N PHE A 782 39.60 -3.49 15.18
CA PHE A 782 38.85 -2.31 14.77
C PHE A 782 37.73 -2.07 15.78
N ARG A 783 37.80 -0.95 16.50
CA ARG A 783 36.93 -0.72 17.64
C ARG A 783 35.50 -0.42 17.20
N VAL A 784 34.54 -0.90 17.99
CA VAL A 784 33.13 -0.54 17.82
C VAL A 784 32.48 -0.41 19.19
N ASP A 785 32.25 0.83 19.62
CA ASP A 785 31.64 1.11 20.95
C ASP A 785 30.16 0.76 20.91
N GLU A 786 29.65 0.17 21.98
CA GLU A 786 28.22 -0.20 22.09
C GLU A 786 27.72 0.27 23.45
N VAL A 787 26.42 0.44 23.61
CA VAL A 787 25.80 0.89 24.86
C VAL A 787 24.52 0.07 25.04
N ASN A 788 24.52 -0.82 26.02
CA ASN A 788 23.34 -1.62 26.36
C ASN A 788 22.96 -1.39 27.81
N TRP A 789 21.66 -1.30 28.06
CA TRP A 789 21.15 -0.93 29.38
C TRP A 789 20.40 -2.07 30.06
N THR A 790 20.51 -3.30 29.55
CA THR A 790 19.85 -4.45 30.14
C THR A 790 20.79 -5.60 30.44
N THR A 791 21.85 -5.78 29.64
CA THR A 791 22.83 -6.83 29.92
C THR A 791 23.42 -6.64 31.32
N TRP A 792 24.13 -5.53 31.52
CA TRP A 792 24.59 -5.13 32.85
C TRP A 792 25.30 -6.25 33.58
N ASN A 793 26.23 -6.91 32.90
CA ASN A 793 27.04 -7.95 33.54
C ASN A 793 28.19 -8.37 32.64
N SER B 237 46.26 15.54 35.40
CA SER B 237 46.43 14.12 34.99
C SER B 237 45.10 13.38 35.03
N TYR B 238 44.97 12.35 34.19
CA TYR B 238 43.71 11.61 34.11
C TYR B 238 43.37 10.94 35.42
N TYR B 239 44.35 10.30 36.06
CA TYR B 239 44.10 9.50 37.25
C TYR B 239 44.17 10.33 38.53
N LYS B 240 43.45 11.46 38.54
CA LYS B 240 43.29 12.26 39.74
C LYS B 240 41.85 12.70 40.00
N GLY B 241 41.04 12.88 38.96
CA GLY B 241 39.64 13.20 39.16
C GLY B 241 38.88 12.03 39.76
N GLN B 242 39.23 10.80 39.37
CA GLN B 242 38.55 9.63 39.88
C GLN B 242 39.00 9.31 41.30
N THR B 243 38.15 8.58 42.02
CA THR B 243 38.48 8.06 43.33
C THR B 243 38.00 6.61 43.42
N ALA B 244 38.52 5.90 44.42
CA ALA B 244 38.15 4.49 44.59
C ALA B 244 36.64 4.35 44.71
N LEU B 245 35.97 5.36 45.26
CA LEU B 245 34.51 5.33 45.36
C LEU B 245 33.87 5.26 43.97
N HIS B 246 34.42 6.00 43.00
CA HIS B 246 33.84 6.00 41.66
C HIS B 246 33.88 4.62 41.04
N ILE B 247 35.05 3.97 41.04
CA ILE B 247 35.17 2.64 40.46
C ILE B 247 34.36 1.62 41.26
N ALA B 248 34.32 1.79 42.59
CA ALA B 248 33.53 0.88 43.42
C ALA B 248 32.05 0.96 43.05
N ILE B 249 31.53 2.17 42.84
CA ILE B 249 30.16 2.32 42.38
C ILE B 249 30.01 1.73 40.99
N GLU B 250 31.01 1.89 40.14
CA GLU B 250 30.95 1.30 38.80
C GLU B 250 30.70 -0.21 38.88
N ARG B 251 31.36 -0.89 39.81
CA ARG B 251 31.12 -2.31 40.02
C ARG B 251 29.76 -2.61 40.61
N ARG B 252 29.07 -1.59 41.14
CA ARG B 252 27.74 -1.75 41.71
C ARG B 252 27.72 -2.74 42.88
N ASN B 253 28.81 -2.75 43.65
CA ASN B 253 28.90 -3.59 44.85
C ASN B 253 28.62 -2.71 46.07
N MET B 254 27.45 -2.87 46.67
CA MET B 254 27.07 -2.03 47.80
C MET B 254 28.02 -2.23 48.98
N THR B 255 28.38 -3.48 49.26
CA THR B 255 29.24 -3.77 50.40
C THR B 255 30.60 -3.10 50.23
N LEU B 256 31.16 -3.15 49.03
CA LEU B 256 32.46 -2.56 48.79
C LEU B 256 32.43 -1.05 48.99
N VAL B 257 31.39 -0.39 48.46
CA VAL B 257 31.32 1.06 48.56
C VAL B 257 31.07 1.50 49.99
N THR B 258 30.23 0.76 50.73
CA THR B 258 29.97 1.14 52.12
C THR B 258 31.21 0.90 52.98
N LEU B 259 31.98 -0.15 52.68
CA LEU B 259 33.26 -0.32 53.36
C LEU B 259 34.19 0.84 53.05
N LEU B 260 34.23 1.26 51.79
CA LEU B 260 35.12 2.36 51.40
C LEU B 260 34.73 3.65 52.11
N VAL B 261 33.45 3.94 52.21
CA VAL B 261 33.01 5.22 52.76
C VAL B 261 32.87 5.18 54.28
N GLU B 262 32.91 4.00 54.89
CA GLU B 262 32.74 3.92 56.33
C GLU B 262 33.82 4.70 57.08
N ASN B 263 35.05 4.68 56.58
CA ASN B 263 36.12 5.45 57.22
C ASN B 263 35.90 6.95 57.13
N GLY B 264 34.99 7.39 56.26
CA GLY B 264 34.73 8.81 56.10
C GLY B 264 35.25 9.36 54.79
N ALA B 265 35.16 8.56 53.73
CA ALA B 265 35.65 8.98 52.43
C ALA B 265 34.88 10.19 51.93
N ASP B 266 35.58 11.08 51.24
CA ASP B 266 34.96 12.28 50.71
C ASP B 266 33.86 11.92 49.71
N VAL B 267 32.70 12.56 49.86
CA VAL B 267 31.55 12.33 48.99
C VAL B 267 31.43 13.43 47.93
N GLN B 268 32.28 14.45 47.98
CA GLN B 268 32.24 15.55 47.03
C GLN B 268 33.20 15.37 45.87
N ALA B 269 33.74 14.17 45.67
CA ALA B 269 34.68 13.94 44.59
C ALA B 269 34.06 14.33 43.26
N ALA B 270 34.79 15.11 42.47
CA ALA B 270 34.34 15.59 41.17
C ALA B 270 35.18 14.94 40.08
N ALA B 271 34.51 14.28 39.13
CA ALA B 271 35.20 13.62 38.02
C ALA B 271 35.29 14.61 36.86
N ASN B 272 36.20 15.57 37.02
CA ASN B 272 36.40 16.61 36.01
C ASN B 272 37.36 16.15 34.91
N GLY B 273 37.09 14.98 34.35
CA GLY B 273 37.91 14.41 33.29
C GLY B 273 37.21 14.46 31.95
N ASP B 274 38.01 14.61 30.89
CA ASP B 274 37.44 14.68 29.55
C ASP B 274 36.75 13.38 29.18
N PHE B 275 37.17 12.26 29.76
CA PHE B 275 36.51 10.99 29.50
C PHE B 275 35.05 11.03 29.95
N PHE B 276 34.76 11.82 30.98
CA PHE B 276 33.40 11.94 31.50
C PHE B 276 32.62 13.09 30.87
N LYS B 277 33.22 13.87 29.98
CA LYS B 277 32.50 15.01 29.41
C LYS B 277 31.39 14.54 28.50
N LYS B 278 30.45 15.46 28.24
CA LYS B 278 29.22 15.13 27.52
C LYS B 278 29.44 14.86 26.04
N THR B 279 30.63 15.13 25.51
CA THR B 279 30.85 15.01 24.08
C THR B 279 30.47 13.62 23.59
N LYS B 280 29.64 13.58 22.55
CA LYS B 280 29.22 12.33 21.94
C LYS B 280 30.15 11.85 20.85
N GLY B 281 31.04 12.71 20.36
CA GLY B 281 32.02 12.30 19.37
C GLY B 281 33.24 11.61 19.95
N ARG B 282 33.28 11.43 21.26
CA ARG B 282 34.40 10.81 21.96
C ARG B 282 33.86 9.70 22.84
N PRO B 283 34.70 8.72 23.19
CA PRO B 283 34.22 7.61 24.03
C PRO B 283 33.83 8.06 25.42
N GLY B 284 33.10 7.21 26.14
CA GLY B 284 32.62 7.54 27.46
C GLY B 284 31.28 8.26 27.42
N PHE B 285 30.63 8.30 28.58
CA PHE B 285 29.33 8.94 28.73
C PHE B 285 29.32 9.77 30.01
N TYR B 286 28.80 10.99 29.90
CA TYR B 286 28.72 11.88 31.05
C TYR B 286 27.56 11.46 31.94
N PHE B 287 27.82 11.33 33.25
CA PHE B 287 26.81 10.97 34.22
C PHE B 287 26.73 11.94 35.38
N GLY B 288 27.69 12.83 35.54
CA GLY B 288 27.73 13.76 36.65
C GLY B 288 29.01 13.61 37.43
N GLU B 289 29.62 14.73 37.79
CA GLU B 289 30.90 14.70 38.48
C GLU B 289 30.79 14.01 39.84
N LEU B 290 29.72 14.29 40.58
CA LEU B 290 29.56 13.73 41.90
C LEU B 290 29.34 12.22 41.83
N PRO B 291 29.85 11.47 42.81
CA PRO B 291 29.56 10.03 42.84
C PRO B 291 28.08 9.74 43.02
N LEU B 292 27.35 10.60 43.73
CA LEU B 292 25.91 10.46 43.82
C LEU B 292 25.28 10.54 42.44
N SER B 293 25.77 11.46 41.60
CA SER B 293 25.26 11.55 40.23
C SER B 293 25.55 10.27 39.45
N LEU B 294 26.74 9.69 39.63
CA LEU B 294 27.07 8.44 38.96
C LEU B 294 26.13 7.33 39.40
N ALA B 295 25.87 7.23 40.70
CA ALA B 295 24.95 6.22 41.19
C ALA B 295 23.55 6.44 40.65
N ALA B 296 23.12 7.70 40.58
CA ALA B 296 21.76 8.00 40.13
C ALA B 296 21.60 7.69 38.65
N CYS B 297 22.58 8.05 37.82
CA CYS B 297 22.51 7.70 36.41
C CYS B 297 22.42 6.20 36.22
N THR B 298 23.23 5.45 36.97
CA THR B 298 23.05 4.01 37.09
C THR B 298 21.78 3.73 37.91
N ASN B 299 21.30 2.50 37.80
CA ASN B 299 20.11 2.08 38.54
C ASN B 299 20.42 1.66 39.97
N GLN B 300 21.53 2.14 40.55
CA GLN B 300 21.97 1.69 41.86
C GLN B 300 21.12 2.38 42.94
N LEU B 301 19.98 1.75 43.23
CA LEU B 301 19.07 2.28 44.25
C LEU B 301 19.72 2.28 45.62
N ALA B 302 20.40 1.19 45.98
CA ALA B 302 20.96 1.06 47.33
C ALA B 302 22.03 2.11 47.60
N ILE B 303 22.89 2.36 46.62
CA ILE B 303 23.98 3.31 46.84
C ILE B 303 23.43 4.69 47.14
N VAL B 304 22.47 5.15 46.34
CA VAL B 304 21.88 6.47 46.57
C VAL B 304 21.16 6.50 47.90
N LYS B 305 20.42 5.43 48.23
CA LYS B 305 19.69 5.42 49.49
C LYS B 305 20.63 5.54 50.67
N PHE B 306 21.73 4.79 50.65
CA PHE B 306 22.69 4.84 51.75
C PHE B 306 23.45 6.17 51.81
N LEU B 307 23.87 6.71 50.67
CA LEU B 307 24.63 7.94 50.68
C LEU B 307 23.76 9.12 51.11
N LEU B 308 22.49 9.12 50.70
CA LEU B 308 21.56 10.17 51.10
C LEU B 308 21.09 10.01 52.54
N GLN B 309 21.38 8.88 53.18
CA GLN B 309 20.98 8.63 54.57
C GLN B 309 22.16 8.33 55.47
N ASN B 310 23.39 8.44 54.98
CA ASN B 310 24.56 8.13 55.79
C ASN B 310 24.67 9.09 56.97
N SER B 311 25.22 8.60 58.08
CA SER B 311 25.34 9.41 59.28
C SER B 311 26.40 10.50 59.15
N TRP B 312 27.36 10.33 58.26
CA TRP B 312 28.46 11.27 58.11
C TRP B 312 28.58 11.73 56.66
N GLN B 313 28.86 13.01 56.50
CA GLN B 313 29.09 13.62 55.19
C GLN B 313 27.98 13.26 54.19
N PRO B 314 26.74 13.64 54.48
CA PRO B 314 25.67 13.44 53.49
C PRO B 314 25.80 14.44 52.35
N ALA B 315 25.96 13.93 51.14
CA ALA B 315 26.20 14.79 49.99
C ALA B 315 25.04 15.74 49.76
N ASP B 316 25.34 16.96 49.35
CA ASP B 316 24.34 17.96 49.00
C ASP B 316 23.75 17.59 47.64
N ILE B 317 22.44 17.36 47.60
CA ILE B 317 21.80 16.95 46.36
C ILE B 317 21.85 18.08 45.33
N SER B 318 21.62 19.32 45.78
CA SER B 318 21.71 20.49 44.91
C SER B 318 23.19 20.84 44.74
N ALA B 319 23.77 20.42 43.62
CA ALA B 319 25.21 20.61 43.38
C ALA B 319 25.41 20.94 41.91
N ARG B 320 25.73 22.19 41.62
CA ARG B 320 26.12 22.56 40.27
C ARG B 320 27.44 21.89 39.90
N ASP B 321 27.42 21.11 38.82
CA ASP B 321 28.60 20.41 38.36
C ASP B 321 29.44 21.35 37.50
N SER B 322 30.46 20.81 36.83
CA SER B 322 31.28 21.63 35.95
C SER B 322 30.42 22.26 34.86
N VAL B 323 29.57 21.46 34.24
CA VAL B 323 28.67 21.95 33.15
C VAL B 323 27.44 22.57 33.81
N GLY B 324 27.26 22.41 35.13
CA GLY B 324 26.10 22.94 35.80
C GLY B 324 24.93 22.00 35.87
N ASN B 325 25.10 20.77 35.39
CA ASN B 325 24.01 19.78 35.32
C ASN B 325 23.81 19.09 36.67
N THR B 326 22.81 19.50 37.46
CA THR B 326 22.49 18.82 38.70
C THR B 326 22.18 17.35 38.40
N VAL B 327 22.19 16.52 39.45
CA VAL B 327 21.93 15.09 39.27
C VAL B 327 20.68 14.88 38.43
N LEU B 328 19.67 15.73 38.61
CA LEU B 328 18.47 15.63 37.80
C LEU B 328 18.78 15.91 36.33
N HIS B 329 19.61 16.92 36.08
CA HIS B 329 20.01 17.22 34.70
C HIS B 329 20.76 16.05 34.10
N ALA B 330 21.65 15.43 34.86
CA ALA B 330 22.39 14.27 34.36
C ALA B 330 21.43 13.11 34.06
N LEU B 331 20.43 12.92 34.92
CA LEU B 331 19.42 11.91 34.63
C LEU B 331 18.73 12.20 33.31
N VAL B 332 18.38 13.46 33.06
CA VAL B 332 17.73 13.81 31.80
C VAL B 332 18.66 13.52 30.63
N GLU B 333 19.93 13.89 30.79
CA GLU B 333 20.96 13.66 29.75
C GLU B 333 20.98 12.17 29.42
N VAL B 334 21.13 11.31 30.43
CA VAL B 334 21.22 9.87 30.22
C VAL B 334 19.93 9.30 29.65
N ALA B 335 18.80 9.97 29.84
CA ALA B 335 17.53 9.43 29.37
C ALA B 335 17.57 9.24 27.86
N ASP B 336 16.95 8.17 27.40
CA ASP B 336 16.78 7.89 25.98
C ASP B 336 15.33 7.49 25.74
N ASN B 337 14.98 7.40 24.45
CA ASN B 337 13.63 6.98 24.08
C ASN B 337 13.39 5.50 24.35
N THR B 338 14.42 4.75 24.72
CA THR B 338 14.24 3.33 25.03
C THR B 338 13.27 3.17 26.21
N VAL B 339 12.46 2.10 26.13
CA VAL B 339 11.42 1.90 27.13
C VAL B 339 12.02 1.62 28.51
N ASP B 340 12.98 0.71 28.58
CA ASP B 340 13.57 0.35 29.87
C ASP B 340 14.35 1.51 30.47
N ASN B 341 15.08 2.26 29.63
CA ASN B 341 15.79 3.43 30.12
C ASN B 341 14.80 4.46 30.65
N THR B 342 13.67 4.61 29.97
CA THR B 342 12.62 5.50 30.47
C THR B 342 12.14 5.03 31.83
N LYS B 343 11.89 3.73 31.98
CA LYS B 343 11.44 3.19 33.26
C LYS B 343 12.43 3.52 34.37
N PHE B 344 13.72 3.27 34.12
CA PHE B 344 14.72 3.51 35.15
C PHE B 344 14.82 4.99 35.49
N VAL B 345 15.00 5.84 34.46
CA VAL B 345 15.22 7.26 34.69
C VAL B 345 13.93 7.97 35.09
N THR B 346 12.83 7.24 35.18
CA THR B 346 11.53 7.80 35.63
C THR B 346 11.29 7.36 37.08
N SER B 347 11.46 6.07 37.41
CA SER B 347 11.30 5.60 38.78
C SER B 347 12.37 6.20 39.69
N MET B 348 13.62 6.19 39.23
CA MET B 348 14.70 6.79 40.03
C MET B 348 14.49 8.29 40.16
N TYR B 349 14.02 8.94 39.10
CA TYR B 349 13.70 10.37 39.17
C TYR B 349 12.72 10.64 40.30
N ASN B 350 11.62 9.89 40.33
CA ASN B 350 10.62 10.09 41.37
C ASN B 350 11.22 9.82 42.75
N GLU B 351 11.98 8.74 42.88
CA GLU B 351 12.52 8.37 44.19
C GLU B 351 13.47 9.43 44.71
N ILE B 352 14.41 9.89 43.88
CA ILE B 352 15.37 10.89 44.35
C ILE B 352 14.66 12.22 44.59
N LEU B 353 13.62 12.53 43.82
CA LEU B 353 12.86 13.74 44.09
C LEU B 353 12.24 13.69 45.48
N ILE B 354 11.61 12.56 45.83
CA ILE B 354 10.99 12.45 47.15
C ILE B 354 12.05 12.45 48.24
N LEU B 355 13.20 11.82 47.98
CA LEU B 355 14.28 11.80 48.96
C LEU B 355 14.79 13.20 49.25
N GLY B 356 15.01 13.98 48.19
CA GLY B 356 15.40 15.37 48.38
C GLY B 356 14.34 16.19 49.08
N ALA B 357 13.07 15.89 48.80
CA ALA B 357 11.99 16.55 49.54
C ALA B 357 12.09 16.26 51.02
N LYS B 358 12.36 15.00 51.38
CA LYS B 358 12.53 14.64 52.78
C LYS B 358 13.73 15.37 53.38
N LEU B 359 14.84 15.42 52.65
CA LEU B 359 16.04 16.08 53.17
C LEU B 359 15.81 17.57 53.38
N HIS B 360 15.49 18.29 52.31
CA HIS B 360 15.22 19.73 52.35
C HIS B 360 13.84 19.97 51.76
N PRO B 361 12.79 19.88 52.58
CA PRO B 361 11.44 20.09 52.03
C PRO B 361 11.23 21.48 51.43
N THR B 362 12.04 22.45 51.80
CA THR B 362 11.92 23.82 51.31
C THR B 362 13.06 24.18 50.36
N LEU B 363 13.56 23.19 49.61
CA LEU B 363 14.63 23.40 48.65
C LEU B 363 14.07 23.17 47.25
N LYS B 364 14.29 24.15 46.37
CA LYS B 364 13.84 24.06 44.98
C LYS B 364 14.88 23.34 44.13
N LEU B 365 14.96 22.02 44.33
CA LEU B 365 15.94 21.22 43.60
C LEU B 365 15.60 21.13 42.11
N GLU B 366 14.33 21.20 41.75
CA GLU B 366 13.90 21.10 40.36
C GLU B 366 13.85 22.44 39.66
N GLU B 367 14.25 23.51 40.33
CA GLU B 367 14.35 24.84 39.72
C GLU B 367 15.78 25.30 39.54
N ILE B 368 16.75 24.45 39.85
CA ILE B 368 18.16 24.80 39.72
C ILE B 368 18.57 24.64 38.27
N THR B 369 19.15 25.70 37.70
CA THR B 369 19.53 25.73 36.31
C THR B 369 21.04 25.56 36.15
N ASN B 370 21.44 24.94 35.04
CA ASN B 370 22.84 24.78 34.70
C ASN B 370 23.35 26.08 34.07
N ARG B 371 24.58 26.04 33.54
CA ARG B 371 25.14 27.24 32.94
C ARG B 371 24.28 27.71 31.77
N LYS B 372 23.79 26.77 30.96
CA LYS B 372 22.90 27.12 29.86
C LYS B 372 21.62 27.80 30.34
N GLY B 373 21.26 27.62 31.61
CA GLY B 373 20.11 28.28 32.18
C GLY B 373 18.79 27.55 32.06
N LEU B 374 18.81 26.25 31.75
CA LEU B 374 17.61 25.44 31.63
C LEU B 374 17.45 24.50 32.82
N THR B 375 16.24 24.47 33.38
CA THR B 375 15.88 23.49 34.40
C THR B 375 15.71 22.12 33.76
N PRO B 376 15.66 21.05 34.55
CA PRO B 376 15.56 19.71 33.95
C PRO B 376 14.40 19.57 32.98
N LEU B 377 13.28 20.22 33.24
CA LEU B 377 12.17 20.19 32.29
C LEU B 377 12.59 20.80 30.95
N ALA B 378 13.20 21.99 31.01
CA ALA B 378 13.62 22.65 29.77
C ALA B 378 14.72 21.86 29.09
N LEU B 379 15.65 21.29 29.86
CA LEU B 379 16.71 20.48 29.26
C LEU B 379 16.14 19.26 28.55
N ALA B 380 15.17 18.59 29.18
CA ALA B 380 14.53 17.45 28.53
C ALA B 380 13.81 17.87 27.26
N ALA B 381 13.11 19.00 27.31
CA ALA B 381 12.41 19.48 26.12
C ALA B 381 13.39 19.78 25.00
N SER B 382 14.52 20.42 25.32
CA SER B 382 15.50 20.76 24.29
C SER B 382 16.16 19.52 23.72
N SER B 383 16.48 18.53 24.56
CA SER B 383 17.16 17.32 24.11
C SER B 383 16.20 16.27 23.56
N GLY B 384 14.90 16.55 23.53
CA GLY B 384 13.95 15.61 22.97
C GLY B 384 13.77 14.35 23.77
N LYS B 385 13.71 14.45 25.09
CA LYS B 385 13.45 13.30 25.97
C LYS B 385 11.95 13.26 26.25
N ILE B 386 11.23 12.46 25.47
CA ILE B 386 9.77 12.47 25.53
C ILE B 386 9.27 11.80 26.80
N GLY B 387 9.90 10.69 27.20
CA GLY B 387 9.42 9.97 28.37
C GLY B 387 9.50 10.81 29.64
N VAL B 388 10.63 11.49 29.83
CA VAL B 388 10.80 12.34 31.00
C VAL B 388 9.78 13.46 31.00
N LEU B 389 9.54 14.07 29.84
CA LEU B 389 8.56 15.13 29.74
C LEU B 389 7.16 14.63 30.08
N ALA B 390 6.80 13.45 29.56
CA ALA B 390 5.49 12.90 29.86
C ALA B 390 5.34 12.61 31.34
N TYR B 391 6.41 12.13 31.97
CA TYR B 391 6.36 11.93 33.42
C TYR B 391 6.14 13.25 34.15
N ILE B 392 6.96 14.26 33.86
CA ILE B 392 6.91 15.50 34.64
C ILE B 392 5.58 16.20 34.44
N LEU B 393 5.11 16.29 33.19
CA LEU B 393 3.84 16.96 32.94
C LEU B 393 2.66 16.19 33.51
N GLN B 394 2.84 14.90 33.83
CA GLN B 394 1.79 14.09 34.41
C GLN B 394 2.22 13.45 35.72
N ARG B 395 3.20 14.03 36.41
CA ARG B 395 3.68 13.45 37.66
C ARG B 395 2.61 13.57 38.73
N GLU B 396 2.25 12.44 39.32
CA GLU B 396 1.22 12.37 40.34
C GLU B 396 1.74 11.64 41.57
N ILE B 397 1.30 12.07 42.75
CA ILE B 397 1.69 11.47 44.01
C ILE B 397 0.46 11.38 44.90
N HIS B 398 0.28 10.23 45.55
CA HIS B 398 -0.87 9.99 46.40
C HIS B 398 -0.59 10.25 47.88
N GLU B 399 0.68 10.37 48.28
CA GLU B 399 1.07 10.62 49.70
C GLU B 399 0.68 12.06 50.07
N PRO B 400 -0.30 12.32 50.97
CA PRO B 400 -0.75 13.69 51.22
C PRO B 400 0.37 14.66 51.60
N GLU B 401 1.35 14.21 52.39
CA GLU B 401 2.38 15.12 52.85
C GLU B 401 3.29 15.57 51.72
N CYS B 402 3.76 14.63 50.89
CA CYS B 402 4.71 14.93 49.82
C CYS B 402 4.04 15.00 48.45
N ARG B 403 2.71 15.02 48.40
CA ARG B 403 2.03 15.15 47.13
C ARG B 403 2.21 16.54 46.52
N HIS B 404 2.58 17.54 47.33
CA HIS B 404 2.75 18.89 46.80
C HIS B 404 3.83 18.96 45.73
N LEU B 405 4.79 18.03 45.75
CA LEU B 405 5.75 17.90 44.66
C LEU B 405 5.15 17.05 43.53
N SER B 406 4.02 17.51 43.04
CA SER B 406 3.31 16.85 41.95
C SER B 406 2.92 17.89 40.91
N ARG B 407 2.70 17.43 39.69
CA ARG B 407 2.34 18.30 38.57
C ARG B 407 0.84 18.31 38.32
N LYS B 408 0.20 17.14 38.35
CA LYS B 408 -1.24 17.02 38.12
C LYS B 408 -1.94 16.79 39.45
N PHE B 409 -2.82 17.71 39.83
CA PHE B 409 -3.61 17.58 41.05
C PHE B 409 -5.01 17.12 40.68
N THR B 410 -5.28 15.84 40.80
CA THR B 410 -6.62 15.33 40.56
C THR B 410 -7.59 15.97 41.56
N GLU B 411 -8.73 16.42 41.05
CA GLU B 411 -9.69 17.16 41.87
C GLU B 411 -10.76 16.25 42.47
N TRP B 412 -11.51 15.55 41.62
CA TRP B 412 -12.58 14.67 42.09
C TRP B 412 -12.87 13.64 41.02
N ALA B 413 -13.61 12.61 41.41
CA ALA B 413 -14.01 11.56 40.48
C ALA B 413 -15.43 11.12 40.88
N TYR B 414 -16.43 11.70 40.23
CA TYR B 414 -17.83 11.33 40.47
C TYR B 414 -18.18 10.23 39.48
N GLY B 415 -17.91 8.99 39.87
CA GLY B 415 -18.06 7.87 38.99
C GLY B 415 -16.89 7.78 38.03
N PRO B 416 -17.12 7.32 36.80
CA PRO B 416 -16.02 7.28 35.82
C PRO B 416 -15.52 8.65 35.42
N VAL B 417 -16.30 9.70 35.64
CA VAL B 417 -15.91 11.04 35.23
C VAL B 417 -15.07 11.68 36.33
N HIS B 418 -13.91 12.21 35.95
CA HIS B 418 -13.03 12.86 36.91
C HIS B 418 -12.23 13.96 36.22
N SER B 419 -12.08 15.10 36.89
CA SER B 419 -11.28 16.19 36.38
C SER B 419 -9.80 15.93 36.64
N SER B 420 -8.95 16.64 35.90
CA SER B 420 -7.51 16.49 35.99
C SER B 420 -6.86 17.87 35.83
N LEU B 421 -6.57 18.51 36.96
CA LEU B 421 -5.86 19.78 36.93
C LEU B 421 -4.40 19.55 36.57
N TYR B 422 -3.73 20.63 36.14
CA TYR B 422 -2.32 20.60 35.79
C TYR B 422 -1.62 21.78 36.46
N ASP B 423 -0.34 21.97 36.14
CA ASP B 423 0.50 23.00 36.83
C ASP B 423 0.73 24.23 35.95
N LEU B 424 1.19 24.08 34.72
CA LEU B 424 1.45 25.20 33.81
C LEU B 424 2.44 26.19 34.43
N SER B 425 3.27 25.73 35.36
CA SER B 425 4.19 26.64 36.04
C SER B 425 5.17 27.26 35.07
N CYS B 426 5.73 26.45 34.16
CA CYS B 426 6.68 26.91 33.18
C CYS B 426 6.27 26.58 31.75
N ILE B 427 5.14 25.93 31.55
CA ILE B 427 4.73 25.54 30.20
C ILE B 427 4.42 26.77 29.35
N ASP B 428 3.68 27.73 29.92
CA ASP B 428 3.28 28.90 29.17
C ASP B 428 4.48 29.80 28.89
N THR B 429 4.29 30.72 27.94
CA THR B 429 5.32 31.70 27.60
C THR B 429 5.35 32.75 28.70
N CYS B 430 5.76 32.31 29.89
CA CYS B 430 5.78 33.19 31.06
C CYS B 430 7.08 33.08 31.85
N GLU B 431 8.09 32.39 31.32
CA GLU B 431 9.38 32.26 31.97
C GLU B 431 10.48 32.48 30.95
N LYS B 432 11.72 32.47 31.43
CA LYS B 432 12.85 32.81 30.57
C LYS B 432 12.98 31.83 29.41
N ASN B 433 12.93 30.54 29.71
CA ASN B 433 12.97 29.50 28.67
C ASN B 433 11.83 28.53 28.96
N SER B 434 10.70 28.71 28.28
CA SER B 434 9.52 27.90 28.49
C SER B 434 9.59 26.61 27.69
N VAL B 435 8.80 25.62 28.12
CA VAL B 435 8.78 24.34 27.42
C VAL B 435 8.22 24.52 26.01
N LEU B 436 7.13 25.26 25.87
CA LEU B 436 6.53 25.45 24.56
C LEU B 436 7.44 26.22 23.63
N GLU B 437 8.07 27.29 24.14
CA GLU B 437 9.02 28.03 23.32
C GLU B 437 10.20 27.15 22.91
N VAL B 438 10.70 26.33 23.84
CA VAL B 438 11.83 25.47 23.55
C VAL B 438 11.46 24.47 22.46
N ILE B 439 10.26 23.89 22.54
CA ILE B 439 9.84 22.93 21.53
C ILE B 439 9.66 23.62 20.19
N ALA B 440 9.07 24.81 20.18
CA ALA B 440 8.77 25.49 18.92
C ALA B 440 10.04 25.91 18.22
N TYR B 441 10.96 26.56 18.93
CA TYR B 441 12.14 27.15 18.33
C TYR B 441 13.34 26.22 18.33
N SER B 442 13.19 25.00 18.81
CA SER B 442 14.28 24.03 18.69
C SER B 442 14.41 23.59 17.24
N SER B 443 15.65 23.48 16.78
CA SER B 443 15.90 23.07 15.41
C SER B 443 15.48 21.62 15.21
N SER B 444 15.49 21.19 13.94
CA SER B 444 15.10 19.82 13.61
C SER B 444 16.06 18.78 14.15
N GLU B 445 17.23 19.21 14.64
CA GLU B 445 18.22 18.25 15.15
C GLU B 445 17.65 17.41 16.28
N THR B 446 16.96 18.05 17.22
CA THR B 446 16.38 17.30 18.34
C THR B 446 15.31 16.35 17.81
N PRO B 447 15.35 15.08 18.19
CA PRO B 447 14.39 14.12 17.61
C PRO B 447 12.99 14.31 18.18
N ASN B 448 12.00 14.00 17.36
CA ASN B 448 10.61 13.89 17.81
C ASN B 448 10.06 15.23 18.28
N ARG B 449 10.68 16.33 17.83
CA ARG B 449 10.27 17.64 18.33
C ARG B 449 8.80 17.91 18.05
N HIS B 450 8.28 17.41 16.93
CA HIS B 450 6.87 17.54 16.61
C HIS B 450 6.02 16.43 17.20
N ASP B 451 6.64 15.38 17.76
CA ASP B 451 5.91 14.33 18.44
C ASP B 451 5.73 14.59 19.93
N MET B 452 6.61 15.38 20.54
CA MET B 452 6.45 15.71 21.94
C MET B 452 5.17 16.51 22.19
N LEU B 453 4.81 17.38 21.25
CA LEU B 453 3.62 18.20 21.43
C LEU B 453 2.33 17.38 21.45
N LEU B 454 2.40 16.08 21.19
CA LEU B 454 1.21 15.23 21.27
C LEU B 454 0.86 14.84 22.70
N VAL B 455 1.70 15.18 23.68
CA VAL B 455 1.33 14.95 25.07
C VAL B 455 0.01 15.67 25.34
N GLU B 456 -0.82 15.06 26.18
CA GLU B 456 -2.17 15.57 26.38
C GLU B 456 -2.19 17.02 26.87
N PRO B 457 -1.42 17.42 27.89
CA PRO B 457 -1.56 18.79 28.40
C PRO B 457 -1.19 19.83 27.36
N LEU B 458 -0.08 19.64 26.67
CA LEU B 458 0.36 20.63 25.69
C LEU B 458 -0.63 20.72 24.53
N ASN B 459 -1.10 19.58 24.01
CA ASN B 459 -2.06 19.62 22.91
C ASN B 459 -3.34 20.32 23.32
N ARG B 460 -3.89 19.96 24.49
CA ARG B 460 -5.12 20.59 24.93
C ARG B 460 -4.93 22.08 25.15
N LEU B 461 -3.81 22.48 25.75
CA LEU B 461 -3.56 23.90 26.00
C LEU B 461 -3.42 24.67 24.69
N LEU B 462 -2.70 24.11 23.71
CA LEU B 462 -2.52 24.79 22.45
C LEU B 462 -3.85 24.96 21.72
N GLN B 463 -4.66 23.90 21.69
CA GLN B 463 -5.96 24.03 21.05
C GLN B 463 -6.84 25.01 21.79
N ASP B 464 -6.72 25.07 23.12
CA ASP B 464 -7.47 26.05 23.90
C ASP B 464 -7.09 27.47 23.48
N LYS B 465 -5.79 27.75 23.44
CA LYS B 465 -5.35 29.09 23.06
C LYS B 465 -5.81 29.43 21.65
N TRP B 466 -5.70 28.48 20.71
CA TRP B 466 -6.13 28.72 19.35
C TRP B 466 -7.61 29.03 19.28
N ASP B 467 -8.46 28.19 19.86
CA ASP B 467 -9.89 28.40 19.84
C ASP B 467 -10.32 29.65 20.60
N ARG B 468 -9.51 30.13 21.54
CA ARG B 468 -9.90 31.23 22.41
C ARG B 468 -9.50 32.58 21.87
N PHE B 469 -8.22 32.79 21.52
CA PHE B 469 -7.76 34.12 21.20
C PHE B 469 -6.78 34.22 20.03
N VAL B 470 -6.49 33.14 19.32
CA VAL B 470 -5.56 33.21 18.20
C VAL B 470 -6.22 32.92 16.85
N LYS B 471 -7.32 32.18 16.81
CA LYS B 471 -7.96 31.93 15.52
C LYS B 471 -8.45 33.21 14.87
N ARG B 472 -9.06 34.09 15.67
CA ARG B 472 -9.57 35.35 15.12
C ARG B 472 -8.45 36.23 14.60
N ILE B 473 -7.35 36.33 15.34
CA ILE B 473 -6.23 37.14 14.89
C ILE B 473 -5.62 36.54 13.63
N PHE B 474 -5.54 35.21 13.56
CA PHE B 474 -5.01 34.56 12.36
C PHE B 474 -5.89 34.86 11.16
N TYR B 475 -7.21 34.78 11.32
CA TYR B 475 -8.11 35.08 10.22
C TYR B 475 -8.02 36.54 9.81
N PHE B 476 -7.87 37.44 10.78
CA PHE B 476 -7.72 38.86 10.43
C PHE B 476 -6.45 39.09 9.63
N ASN B 477 -5.35 38.47 10.04
CA ASN B 477 -4.10 38.59 9.28
C ASN B 477 -4.24 37.99 7.88
N PHE B 478 -4.94 36.86 7.77
CA PHE B 478 -5.16 36.24 6.48
C PHE B 478 -5.95 37.18 5.56
N PHE B 479 -6.99 37.81 6.09
CA PHE B 479 -7.78 38.75 5.31
C PHE B 479 -6.94 39.96 4.90
N VAL B 480 -6.13 40.48 5.81
CA VAL B 480 -5.31 41.64 5.49
C VAL B 480 -4.30 41.30 4.40
N TYR B 481 -3.72 40.10 4.47
CA TYR B 481 -2.78 39.69 3.42
C TYR B 481 -3.48 39.50 2.10
N CYS B 482 -4.71 38.97 2.11
CA CYS B 482 -5.47 38.89 0.87
C CYS B 482 -5.70 40.26 0.28
N LEU B 483 -6.06 41.24 1.11
CA LEU B 483 -6.25 42.60 0.63
C LEU B 483 -4.95 43.17 0.05
N TYR B 484 -3.84 42.92 0.73
CA TYR B 484 -2.56 43.42 0.23
C TYR B 484 -2.22 42.82 -1.12
N MET B 485 -2.42 41.52 -1.27
CA MET B 485 -2.12 40.86 -2.55
C MET B 485 -3.03 41.39 -3.65
N ILE B 486 -4.31 41.62 -3.34
CA ILE B 486 -5.22 42.16 -4.34
C ILE B 486 -4.79 43.56 -4.74
N ILE B 487 -4.38 44.38 -3.78
CA ILE B 487 -3.93 45.73 -4.09
C ILE B 487 -2.68 45.68 -4.96
N PHE B 488 -1.72 44.81 -4.61
CA PHE B 488 -0.51 44.68 -5.42
C PHE B 488 -0.86 44.25 -6.83
N THR B 489 -1.75 43.28 -6.97
CA THR B 489 -2.13 42.80 -8.30
C THR B 489 -2.76 43.92 -9.12
N ALA B 490 -3.69 44.67 -8.52
CA ALA B 490 -4.39 45.71 -9.26
C ALA B 490 -3.44 46.85 -9.61
N ALA B 491 -2.49 47.16 -8.74
CA ALA B 491 -1.57 48.26 -9.00
C ALA B 491 -0.57 47.89 -10.09
N ALA B 492 0.00 46.68 -10.02
CA ALA B 492 0.95 46.25 -11.04
C ALA B 492 0.25 46.05 -12.38
N TYR B 493 -0.97 45.50 -12.37
CA TYR B 493 -1.68 45.24 -13.62
C TYR B 493 -1.89 46.52 -14.40
N TYR B 494 -2.14 47.63 -13.71
CA TYR B 494 -2.42 48.91 -14.36
C TYR B 494 -1.18 49.79 -14.49
N ARG B 495 0.01 49.19 -14.53
CA ARG B 495 1.22 49.97 -14.59
C ARG B 495 1.32 50.72 -15.92
N PRO B 496 1.78 51.98 -15.89
CA PRO B 496 1.97 52.71 -17.15
C PRO B 496 3.01 52.05 -18.02
N VAL B 497 2.77 52.10 -19.34
CA VAL B 497 3.62 51.44 -20.33
C VAL B 497 4.29 52.43 -21.26
N GLU B 498 4.10 53.72 -20.99
CA GLU B 498 4.65 54.79 -21.86
C GLU B 498 5.57 55.66 -21.01
N GLY B 499 6.79 55.94 -21.48
CA GLY B 499 7.73 56.78 -20.75
C GLY B 499 8.49 56.01 -19.70
N LEU B 500 9.80 56.26 -19.65
CA LEU B 500 10.64 55.59 -18.68
C LEU B 500 10.28 56.06 -17.27
N PRO B 501 10.44 55.21 -16.25
CA PRO B 501 10.07 55.60 -14.89
C PRO B 501 11.06 56.61 -14.33
N PRO B 502 10.67 57.35 -13.28
CA PRO B 502 9.36 57.39 -12.63
C PRO B 502 8.31 58.11 -13.48
N TYR B 503 7.04 57.98 -13.16
CA TYR B 503 5.96 58.54 -13.96
C TYR B 503 5.33 59.73 -13.25
N LYS B 504 4.55 60.51 -14.00
CA LYS B 504 4.00 61.75 -13.50
C LYS B 504 2.88 61.50 -12.50
N LEU B 505 2.58 62.54 -11.70
CA LEU B 505 1.42 62.54 -10.83
C LEU B 505 0.32 63.34 -11.52
N LYS B 506 -0.61 62.64 -12.16
CA LYS B 506 -1.69 63.29 -12.89
C LYS B 506 -2.75 63.81 -11.92
N ASN B 507 -3.66 64.62 -12.45
CA ASN B 507 -4.76 65.21 -11.65
C ASN B 507 -5.97 64.28 -11.68
N THR B 508 -5.88 63.12 -12.32
CA THR B 508 -6.99 62.19 -12.38
C THR B 508 -7.04 61.31 -11.14
N VAL B 509 -8.24 60.82 -10.82
CA VAL B 509 -8.40 59.91 -9.69
C VAL B 509 -7.67 58.61 -9.96
N GLY B 510 -7.63 58.17 -11.22
CA GLY B 510 -6.99 56.91 -11.54
C GLY B 510 -5.52 56.88 -11.14
N ASP B 511 -4.79 57.95 -11.46
CA ASP B 511 -3.38 58.01 -11.11
C ASP B 511 -3.20 58.04 -9.59
N TYR B 512 -4.07 58.75 -8.88
CA TYR B 512 -3.99 58.79 -7.42
C TYR B 512 -4.20 57.40 -6.84
N PHE B 513 -5.20 56.66 -7.34
CA PHE B 513 -5.43 55.30 -6.86
C PHE B 513 -4.26 54.40 -7.20
N ARG B 514 -3.67 54.56 -8.38
CA ARG B 514 -2.51 53.77 -8.76
C ARG B 514 -1.34 54.02 -7.82
N VAL B 515 -1.10 55.29 -7.48
CA VAL B 515 -0.02 55.62 -6.56
C VAL B 515 -0.31 55.07 -5.18
N THR B 516 -1.57 55.12 -4.75
CA THR B 516 -1.95 54.52 -3.48
C THR B 516 -1.66 53.02 -3.47
N GLY B 517 -2.01 52.33 -4.56
CA GLY B 517 -1.72 50.92 -4.65
C GLY B 517 -0.22 50.63 -4.58
N GLU B 518 0.56 51.41 -5.33
CA GLU B 518 2.00 51.19 -5.35
C GLU B 518 2.61 51.41 -3.97
N ILE B 519 2.19 52.49 -3.29
CA ILE B 519 2.77 52.80 -1.98
C ILE B 519 2.32 51.77 -0.94
N LEU B 520 1.08 51.31 -1.01
CA LEU B 520 0.64 50.25 -0.11
C LEU B 520 1.44 48.97 -0.34
N SER B 521 1.69 48.63 -1.61
CA SER B 521 2.50 47.46 -1.91
C SER B 521 3.90 47.61 -1.33
N VAL B 522 4.51 48.78 -1.51
CA VAL B 522 5.86 48.99 -1.00
C VAL B 522 5.87 48.90 0.53
N SER B 523 4.85 49.45 1.18
CA SER B 523 4.77 49.39 2.64
C SER B 523 4.69 47.95 3.11
N GLY B 524 3.84 47.14 2.46
CA GLY B 524 3.76 45.74 2.82
C GLY B 524 5.08 45.03 2.60
N GLY B 525 5.76 45.34 1.50
CA GLY B 525 7.03 44.70 1.23
C GLY B 525 8.07 45.01 2.27
N VAL B 526 8.19 46.29 2.66
CA VAL B 526 9.18 46.66 3.67
C VAL B 526 8.80 46.06 5.02
N TYR B 527 7.50 45.98 5.33
CA TYR B 527 7.09 45.34 6.57
C TYR B 527 7.53 43.88 6.59
N PHE B 528 7.32 43.17 5.49
CA PHE B 528 7.73 41.76 5.44
C PHE B 528 9.25 41.63 5.50
N PHE B 529 9.98 42.56 4.88
CA PHE B 529 11.43 42.58 4.98
C PHE B 529 11.87 42.67 6.43
N PHE B 530 11.34 43.65 7.16
CA PHE B 530 11.71 43.83 8.56
C PHE B 530 11.28 42.63 9.40
N ARG B 531 10.13 42.05 9.09
CA ARG B 531 9.68 40.87 9.83
C ARG B 531 10.64 39.71 9.63
N GLY B 532 11.11 39.51 8.39
CA GLY B 532 12.08 38.46 8.14
C GLY B 532 13.39 38.70 8.86
N ILE B 533 13.86 39.94 8.85
CA ILE B 533 15.10 40.25 9.59
C ILE B 533 14.92 39.99 11.07
N GLN B 534 13.77 40.39 11.62
CA GLN B 534 13.50 40.14 13.04
C GLN B 534 13.48 38.65 13.33
N TYR B 535 12.85 37.87 12.46
CA TYR B 535 12.85 36.41 12.63
C TYR B 535 14.28 35.87 12.63
N PHE B 536 15.10 36.30 11.68
CA PHE B 536 16.47 35.81 11.61
C PHE B 536 17.23 36.15 12.88
N LEU B 537 17.12 37.39 13.37
CA LEU B 537 17.89 37.77 14.55
C LEU B 537 17.38 37.09 15.81
N GLN B 538 16.07 37.08 16.04
CA GLN B 538 15.52 36.47 17.26
C GLN B 538 15.80 34.98 17.29
N ARG B 539 15.49 34.28 16.20
CA ARG B 539 15.62 32.82 16.21
C ARG B 539 17.06 32.38 15.99
N ARG B 540 17.82 33.10 15.16
CA ARG B 540 19.10 32.62 14.65
C ARG B 540 18.93 31.18 14.18
N PRO B 541 18.13 30.94 13.14
CA PRO B 541 17.77 29.57 12.78
C PRO B 541 18.97 28.80 12.23
N SER B 542 18.88 27.47 12.32
CA SER B 542 19.97 26.62 11.91
C SER B 542 20.37 26.91 10.47
N LEU B 543 21.67 27.08 10.27
CA LEU B 543 22.23 27.33 8.95
C LEU B 543 22.45 26.05 8.16
N LYS B 544 22.47 24.89 8.83
CA LYS B 544 22.69 23.63 8.12
C LYS B 544 21.50 23.31 7.21
N SER B 545 20.29 23.37 7.75
CA SER B 545 19.06 23.09 6.99
C SER B 545 17.99 24.09 7.41
N LEU B 546 17.94 25.23 6.72
CA LEU B 546 16.90 26.22 6.94
C LEU B 546 15.78 26.17 5.92
N PHE B 547 15.83 25.23 4.99
CA PHE B 547 14.75 25.01 4.03
C PHE B 547 13.75 23.96 4.50
N VAL B 548 13.94 23.39 5.69
CA VAL B 548 13.05 22.37 6.20
C VAL B 548 12.15 22.89 7.31
N ASP B 549 12.54 23.98 8.00
CA ASP B 549 11.76 24.54 9.08
C ASP B 549 11.38 26.00 8.89
N SER B 550 12.02 26.71 7.96
CA SER B 550 11.76 28.13 7.74
C SER B 550 11.52 28.39 6.26
N TYR B 551 10.84 27.47 5.59
CA TYR B 551 10.58 27.61 4.16
C TYR B 551 9.70 28.83 3.88
N SER B 552 8.56 28.92 4.57
CA SER B 552 7.60 29.98 4.27
C SER B 552 8.16 31.35 4.63
N GLU B 553 8.87 31.46 5.75
CA GLU B 553 9.47 32.75 6.11
C GLU B 553 10.51 33.15 5.09
N ILE B 554 11.30 32.18 4.61
CA ILE B 554 12.27 32.46 3.57
C ILE B 554 11.57 32.99 2.33
N LEU B 555 10.44 32.38 1.96
CA LEU B 555 9.72 32.82 0.76
C LEU B 555 9.16 34.22 0.93
N PHE B 556 8.60 34.52 2.11
CA PHE B 556 8.12 35.88 2.37
C PHE B 556 9.26 36.89 2.29
N PHE B 557 10.41 36.55 2.86
CA PHE B 557 11.56 37.44 2.81
C PHE B 557 12.01 37.66 1.38
N VAL B 558 12.01 36.61 0.56
CA VAL B 558 12.40 36.73 -0.84
C VAL B 558 11.43 37.65 -1.58
N GLN B 559 10.14 37.51 -1.31
CA GLN B 559 9.15 38.39 -1.94
C GLN B 559 9.43 39.84 -1.57
N SER B 560 9.66 40.10 -0.29
CA SER B 560 9.93 41.46 0.14
C SER B 560 11.21 42.00 -0.50
N LEU B 561 12.23 41.17 -0.58
CA LEU B 561 13.49 41.58 -1.18
C LEU B 561 13.30 41.92 -2.66
N PHE B 562 12.53 41.09 -3.38
CA PHE B 562 12.24 41.39 -4.79
C PHE B 562 11.52 42.71 -4.93
N MET B 563 10.53 42.96 -4.07
CA MET B 563 9.81 44.23 -4.15
C MET B 563 10.72 45.41 -3.86
N LEU B 564 11.61 45.26 -2.88
CA LEU B 564 12.54 46.35 -2.58
C LEU B 564 13.50 46.61 -3.74
N VAL B 565 13.96 45.54 -4.41
CA VAL B 565 14.80 45.71 -5.59
C VAL B 565 14.01 46.43 -6.69
N SER B 566 12.74 46.07 -6.85
CA SER B 566 11.91 46.73 -7.86
C SER B 566 11.77 48.22 -7.55
N VAL B 567 11.60 48.56 -6.27
CA VAL B 567 11.52 49.97 -5.90
C VAL B 567 12.85 50.67 -6.14
N VAL B 568 13.96 49.98 -5.88
CA VAL B 568 15.27 50.58 -6.11
C VAL B 568 15.44 50.90 -7.58
N LEU B 569 15.05 49.98 -8.46
CA LEU B 569 15.25 50.19 -9.89
C LEU B 569 14.25 51.20 -10.45
N TYR B 570 13.01 51.18 -9.97
CA TYR B 570 12.00 52.08 -10.51
C TYR B 570 12.39 53.54 -10.36
N PHE B 571 13.16 53.87 -9.32
CA PHE B 571 13.62 55.22 -9.09
C PHE B 571 15.01 55.47 -9.67
N SER B 572 15.61 54.49 -10.33
CA SER B 572 16.87 54.66 -11.03
C SER B 572 16.68 54.88 -12.52
N GLN B 573 15.48 55.31 -12.92
CA GLN B 573 15.17 55.55 -14.33
C GLN B 573 15.49 54.32 -15.17
N ARG B 574 15.19 53.14 -14.62
CA ARG B 574 15.43 51.87 -15.29
C ARG B 574 14.12 51.11 -15.39
N LYS B 575 13.94 50.38 -16.49
CA LYS B 575 12.69 49.70 -16.79
C LYS B 575 12.78 48.20 -16.59
N GLU B 576 13.75 47.74 -15.79
CA GLU B 576 13.85 46.33 -15.42
C GLU B 576 13.12 46.03 -14.11
N TYR B 577 12.45 47.02 -13.52
CA TYR B 577 11.69 46.78 -12.31
C TYR B 577 10.47 45.90 -12.57
N VAL B 578 10.05 45.78 -13.84
CA VAL B 578 8.90 44.95 -14.15
C VAL B 578 9.19 43.49 -13.77
N ALA B 579 10.39 43.00 -14.08
CA ALA B 579 10.73 41.62 -13.76
C ALA B 579 10.66 41.37 -12.26
N SER B 580 11.31 42.22 -11.46
CA SER B 580 11.32 42.03 -10.02
C SER B 580 9.91 42.12 -9.46
N MET B 581 9.12 43.09 -9.93
CA MET B 581 7.76 43.24 -9.42
C MET B 581 6.91 42.02 -9.77
N VAL B 582 7.07 41.49 -10.98
CA VAL B 582 6.30 40.31 -11.38
C VAL B 582 6.69 39.11 -10.53
N PHE B 583 7.99 38.91 -10.31
CA PHE B 583 8.43 37.81 -9.46
C PHE B 583 7.86 37.95 -8.05
N SER B 584 7.90 39.16 -7.50
CA SER B 584 7.33 39.38 -6.17
C SER B 584 5.84 39.09 -6.16
N LEU B 585 5.13 39.47 -7.22
CA LEU B 585 3.69 39.23 -7.29
C LEU B 585 3.38 37.74 -7.29
N ALA B 586 4.07 36.98 -8.14
CA ALA B 586 3.84 35.55 -8.20
C ALA B 586 4.20 34.88 -6.88
N MET B 587 5.32 35.28 -6.28
CA MET B 587 5.69 34.72 -4.98
C MET B 587 4.64 35.03 -3.93
N GLY B 588 4.13 36.26 -3.92
CA GLY B 588 3.11 36.62 -2.94
C GLY B 588 1.85 35.80 -3.10
N TRP B 589 1.40 35.61 -4.34
CA TRP B 589 0.20 34.80 -4.55
C TRP B 589 0.43 33.35 -4.14
N THR B 590 1.58 32.79 -4.49
CA THR B 590 1.87 31.41 -4.07
C THR B 590 2.07 31.29 -2.57
N ASN B 591 2.39 32.39 -1.88
CA ASN B 591 2.60 32.36 -0.45
C ASN B 591 1.31 32.43 0.35
N MET B 592 0.16 32.54 -0.31
CA MET B 592 -1.10 32.45 0.42
C MET B 592 -1.28 31.08 1.06
N LEU B 593 -0.50 30.09 0.63
CA LEU B 593 -0.56 28.76 1.24
C LEU B 593 0.00 28.76 2.66
N TYR B 594 0.71 29.81 3.06
CA TYR B 594 1.16 29.90 4.44
C TYR B 594 -0.03 29.94 5.40
N TYR B 595 -1.18 30.39 4.91
CA TYR B 595 -2.36 30.57 5.74
C TYR B 595 -3.28 29.35 5.74
N THR B 596 -2.90 28.27 5.07
CA THR B 596 -3.65 27.03 5.13
C THR B 596 -3.30 26.19 6.34
N ARG B 597 -2.47 26.71 7.24
CA ARG B 597 -2.12 26.01 8.46
C ARG B 597 -3.09 26.28 9.59
N GLY B 598 -4.03 27.20 9.42
CA GLY B 598 -5.11 27.36 10.38
C GLY B 598 -6.26 26.41 10.18
N PHE B 599 -6.23 25.60 9.13
CA PHE B 599 -7.27 24.65 8.79
C PHE B 599 -6.68 23.25 8.76
N GLN B 600 -7.35 22.30 9.41
CA GLN B 600 -6.71 21.02 9.72
C GLN B 600 -6.48 20.16 8.50
N GLN B 601 -7.27 20.30 7.44
CA GLN B 601 -7.12 19.45 6.27
C GLN B 601 -6.27 20.07 5.18
N MET B 602 -6.31 21.40 5.02
CA MET B 602 -5.44 22.03 4.04
C MET B 602 -4.01 22.15 4.54
N GLY B 603 -3.82 22.26 5.86
CA GLY B 603 -2.47 22.31 6.39
C GLY B 603 -1.69 21.06 6.07
N ILE B 604 -2.33 19.90 6.17
CA ILE B 604 -1.66 18.65 5.82
C ILE B 604 -1.29 18.66 4.33
N TYR B 605 -2.16 19.21 3.50
CA TYR B 605 -1.87 19.29 2.08
C TYR B 605 -0.64 20.17 1.82
N ALA B 606 -0.55 21.32 2.50
CA ALA B 606 0.61 22.17 2.33
C ALA B 606 1.89 21.50 2.81
N VAL B 607 1.81 20.79 3.94
CA VAL B 607 2.98 20.10 4.46
C VAL B 607 3.43 19.03 3.48
N MET B 608 2.48 18.27 2.92
CA MET B 608 2.83 17.26 1.95
C MET B 608 3.44 17.88 0.70
N ILE B 609 2.91 19.03 0.26
CA ILE B 609 3.35 19.73 -0.98
C ILE B 609 4.77 20.23 -0.78
N GLU B 610 5.19 20.47 0.45
CA GLU B 610 6.54 20.99 0.75
C GLU B 610 7.49 19.82 0.95
N LYS B 611 6.98 18.69 1.44
CA LYS B 611 7.80 17.48 1.68
C LYS B 611 8.10 16.84 0.32
N MET B 612 7.13 16.80 -0.59
CA MET B 612 7.36 16.28 -1.93
C MET B 612 8.22 17.20 -2.78
N ILE B 613 8.24 18.51 -2.50
CA ILE B 613 9.16 19.39 -3.20
C ILE B 613 10.60 19.17 -2.76
N LEU B 614 10.83 19.09 -1.45
CA LEU B 614 12.20 18.93 -0.94
C LEU B 614 12.69 17.50 -0.92
N ARG B 615 11.83 16.53 -1.25
CA ARG B 615 12.17 15.12 -1.14
C ARG B 615 12.09 14.39 -2.47
N ASP B 616 11.03 14.60 -3.25
CA ASP B 616 10.79 13.84 -4.47
C ASP B 616 10.98 14.65 -5.74
N LEU B 617 10.60 15.94 -5.74
CA LEU B 617 10.73 16.74 -6.95
C LEU B 617 12.18 17.12 -7.21
N CYS B 618 12.98 17.32 -6.17
CA CYS B 618 14.36 17.73 -6.36
C CYS B 618 15.17 16.64 -7.05
N ARG B 619 15.05 15.40 -6.58
CA ARG B 619 15.80 14.30 -7.19
C ARG B 619 15.38 14.08 -8.63
N PHE B 620 14.06 14.09 -8.89
CA PHE B 620 13.58 13.92 -10.25
C PHE B 620 14.07 15.03 -11.13
N MET B 621 14.07 16.27 -10.63
CA MET B 621 14.56 17.39 -11.42
C MET B 621 16.03 17.23 -11.73
N PHE B 622 16.83 16.77 -10.77
CA PHE B 622 18.25 16.55 -11.02
C PHE B 622 18.45 15.54 -12.16
N VAL B 623 17.82 14.37 -12.04
CA VAL B 623 18.02 13.33 -13.05
C VAL B 623 17.48 13.79 -14.40
N TYR B 624 16.31 14.46 -14.39
CA TYR B 624 15.70 14.91 -15.63
C TYR B 624 16.55 15.97 -16.31
N LEU B 625 17.14 16.88 -15.55
CA LEU B 625 18.03 17.86 -16.16
C LEU B 625 19.25 17.18 -16.75
N VAL B 626 19.80 16.17 -16.07
CA VAL B 626 20.93 15.44 -16.64
C VAL B 626 20.54 14.86 -18.00
N PHE B 627 19.42 14.14 -18.05
CA PHE B 627 18.99 13.51 -19.30
C PHE B 627 18.70 14.56 -20.37
N LEU B 628 17.97 15.61 -20.01
CA LEU B 628 17.60 16.63 -20.97
C LEU B 628 18.82 17.30 -21.57
N PHE B 629 19.78 17.69 -20.72
CA PHE B 629 20.98 18.33 -21.23
C PHE B 629 21.77 17.39 -22.12
N GLY B 630 21.91 16.13 -21.72
CA GLY B 630 22.65 15.19 -22.55
C GLY B 630 22.05 15.05 -23.94
N PHE B 631 20.74 14.76 -23.99
CA PHE B 631 20.12 14.52 -25.29
C PHE B 631 20.01 15.81 -26.09
N SER B 632 19.87 16.97 -25.44
CA SER B 632 19.80 18.22 -26.17
C SER B 632 21.15 18.57 -26.79
N THR B 633 22.24 18.36 -26.06
CA THR B 633 23.56 18.55 -26.65
C THR B 633 23.77 17.59 -27.80
N ALA B 634 23.36 16.33 -27.64
CA ALA B 634 23.43 15.38 -28.74
C ALA B 634 22.71 15.91 -29.97
N VAL B 635 21.47 16.38 -29.80
CA VAL B 635 20.67 16.82 -30.94
C VAL B 635 21.31 18.02 -31.61
N VAL B 636 21.66 19.05 -30.81
CA VAL B 636 22.21 20.26 -31.42
C VAL B 636 23.54 19.95 -32.11
N THR B 637 24.27 18.95 -31.62
CA THR B 637 25.41 18.46 -32.38
C THR B 637 24.98 17.86 -33.71
N LEU B 638 23.89 17.10 -33.71
CA LEU B 638 23.42 16.50 -34.95
C LEU B 638 23.01 17.57 -35.95
N ILE B 639 22.29 18.60 -35.50
CA ILE B 639 21.82 19.64 -36.40
C ILE B 639 23.01 20.36 -37.03
N GLU B 640 22.90 20.66 -38.31
CA GLU B 640 23.96 21.33 -39.06
C GLU B 640 23.56 22.72 -39.54
N ASP B 641 22.38 22.86 -40.15
CA ASP B 641 21.90 24.14 -40.65
C ASP B 641 22.89 24.74 -41.65
N GLY B 642 23.10 24.01 -42.74
CA GLY B 642 24.01 24.45 -43.79
C GLY B 642 23.32 24.84 -45.06
N LYS B 643 22.03 25.20 -44.97
CA LYS B 643 21.24 25.55 -46.14
C LYS B 643 21.57 26.97 -46.61
N GLY B 664 12.24 27.66 -38.46
CA GLY B 664 12.70 26.30 -38.44
C GLY B 664 14.12 26.15 -38.96
N ASN B 665 14.92 27.20 -38.79
CA ASN B 665 16.30 27.20 -39.23
C ASN B 665 17.30 27.55 -38.13
N SER B 666 16.96 28.44 -37.20
CA SER B 666 17.88 28.85 -36.14
C SER B 666 17.68 27.98 -34.89
N TYR B 667 17.69 26.67 -35.12
CA TYR B 667 17.56 25.70 -34.03
C TYR B 667 18.90 25.23 -33.51
N ASN B 668 20.01 25.78 -34.02
CA ASN B 668 21.32 25.39 -33.52
C ASN B 668 21.48 25.70 -32.04
N SER B 669 20.93 26.83 -31.58
CA SER B 669 21.10 27.24 -30.19
C SER B 669 20.63 26.13 -29.26
N LEU B 670 21.42 25.88 -28.21
CA LEU B 670 21.06 24.86 -27.25
C LEU B 670 19.73 25.18 -26.57
N TYR B 671 19.42 26.47 -26.41
CA TYR B 671 18.18 26.84 -25.75
C TYR B 671 16.97 26.30 -26.50
N SER B 672 16.96 26.43 -27.83
CA SER B 672 15.81 25.99 -28.60
C SER B 672 15.59 24.49 -28.48
N THR B 673 16.68 23.71 -28.57
CA THR B 673 16.55 22.26 -28.49
C THR B 673 16.15 21.82 -27.09
N CYS B 674 16.72 22.45 -26.06
CA CYS B 674 16.32 22.12 -24.69
C CYS B 674 14.85 22.43 -24.48
N LEU B 675 14.38 23.56 -25.01
CA LEU B 675 12.96 23.90 -24.88
C LEU B 675 12.09 22.90 -25.62
N GLU B 676 12.53 22.45 -26.80
CA GLU B 676 11.76 21.46 -27.55
C GLU B 676 11.64 20.16 -26.78
N LEU B 677 12.73 19.73 -26.14
CA LEU B 677 12.67 18.48 -25.39
C LEU B 677 11.85 18.64 -24.12
N PHE B 678 11.88 19.82 -23.50
CA PHE B 678 10.98 20.07 -22.37
C PHE B 678 9.53 20.02 -22.83
N LYS B 679 9.23 20.60 -23.99
CA LYS B 679 7.89 20.48 -24.56
C LYS B 679 7.52 19.01 -24.74
N PHE B 680 8.46 18.19 -25.23
CA PHE B 680 8.25 16.75 -25.23
C PHE B 680 7.83 16.25 -23.85
N THR B 681 8.49 16.76 -22.80
CA THR B 681 8.15 16.32 -21.45
C THR B 681 6.73 16.70 -21.06
N ILE B 682 6.26 17.91 -21.41
CA ILE B 682 4.91 18.30 -21.06
C ILE B 682 3.87 17.79 -22.06
N GLY B 683 4.25 16.91 -22.97
CA GLY B 683 3.32 16.35 -23.91
C GLY B 683 2.94 17.25 -25.05
N MET B 684 3.85 18.11 -25.51
CA MET B 684 3.61 18.98 -26.66
C MET B 684 4.83 18.97 -27.57
N GLY B 685 5.49 17.82 -27.67
CA GLY B 685 6.73 17.71 -28.42
C GLY B 685 6.50 17.18 -29.82
N ASP B 686 7.07 17.86 -30.80
CA ASP B 686 6.97 17.48 -32.20
C ASP B 686 8.20 16.65 -32.57
N LEU B 687 7.98 15.40 -32.95
CA LEU B 687 9.09 14.51 -33.29
C LEU B 687 9.78 14.89 -34.60
N GLU B 688 9.22 15.82 -35.37
CA GLU B 688 9.81 16.27 -36.61
C GLU B 688 9.76 17.79 -36.70
N PHE B 689 10.16 18.46 -35.62
CA PHE B 689 10.12 19.93 -35.62
C PHE B 689 11.11 20.54 -36.60
N THR B 690 12.15 19.80 -36.99
CA THR B 690 13.13 20.33 -37.92
C THR B 690 13.67 19.19 -38.77
N GLU B 691 14.09 19.50 -39.99
CA GLU B 691 14.64 18.51 -40.92
C GLU B 691 15.99 19.01 -41.42
N ASN B 692 16.73 19.76 -40.60
CA ASN B 692 18.04 20.27 -40.96
C ASN B 692 19.17 19.29 -40.67
N TYR B 693 18.88 18.17 -40.02
CA TYR B 693 19.90 17.18 -39.73
C TYR B 693 20.39 16.53 -41.02
N ASP B 694 21.36 15.64 -40.88
CA ASP B 694 21.89 14.88 -42.02
C ASP B 694 21.54 13.40 -41.97
N PHE B 695 21.16 12.88 -40.81
CA PHE B 695 20.75 11.48 -40.67
C PHE B 695 19.45 11.44 -39.87
N LYS B 696 18.35 11.12 -40.55
CA LYS B 696 17.05 11.08 -39.88
C LYS B 696 16.99 9.95 -38.86
N ALA B 697 17.62 8.81 -39.15
CA ALA B 697 17.55 7.68 -38.23
C ALA B 697 18.15 8.03 -36.87
N VAL B 698 19.29 8.72 -36.87
CA VAL B 698 19.93 9.10 -35.61
C VAL B 698 19.05 10.08 -34.84
N PHE B 699 18.50 11.07 -35.54
CA PHE B 699 17.62 12.04 -34.88
C PHE B 699 16.43 11.35 -34.24
N ILE B 700 15.78 10.46 -34.98
CA ILE B 700 14.60 9.78 -34.45
C ILE B 700 14.98 8.86 -33.30
N ILE B 701 16.13 8.20 -33.39
CA ILE B 701 16.56 7.31 -32.31
C ILE B 701 16.80 8.11 -31.04
N LEU B 702 17.47 9.26 -31.16
CA LEU B 702 17.74 10.08 -30.00
C LEU B 702 16.44 10.58 -29.37
N LEU B 703 15.51 11.05 -30.21
CA LEU B 703 14.25 11.56 -29.67
C LEU B 703 13.46 10.44 -29.01
N LEU B 704 13.44 9.25 -29.61
CA LEU B 704 12.72 8.13 -29.03
C LEU B 704 13.33 7.71 -27.70
N ALA B 705 14.67 7.67 -27.62
CA ALA B 705 15.32 7.34 -26.36
C ALA B 705 14.97 8.37 -25.30
N TYR B 706 14.97 9.65 -25.66
CA TYR B 706 14.62 10.68 -24.68
C TYR B 706 13.19 10.50 -24.19
N VAL B 707 12.26 10.27 -25.12
CA VAL B 707 10.86 10.10 -24.74
C VAL B 707 10.68 8.89 -23.84
N ILE B 708 11.33 7.78 -24.18
CA ILE B 708 11.19 6.57 -23.38
C ILE B 708 11.76 6.78 -21.98
N LEU B 709 12.93 7.42 -21.89
CA LEU B 709 13.60 7.53 -20.61
C LEU B 709 12.94 8.55 -19.70
N THR B 710 12.46 9.67 -20.25
CA THR B 710 11.86 10.73 -19.43
C THR B 710 10.34 10.64 -19.35
N TYR B 711 9.65 10.65 -20.49
CA TYR B 711 8.20 10.70 -20.46
C TYR B 711 7.60 9.42 -19.93
N ILE B 712 8.09 8.25 -20.37
CA ILE B 712 7.45 6.94 -20.03
C ILE B 712 8.06 6.30 -18.79
N LEU B 713 9.28 6.64 -18.38
CA LEU B 713 9.91 6.04 -17.22
C LEU B 713 10.02 7.00 -16.04
N LEU B 714 10.48 8.22 -16.27
CA LEU B 714 10.79 9.10 -15.15
C LEU B 714 9.54 9.71 -14.53
N LEU B 715 8.54 10.09 -15.34
CA LEU B 715 7.35 10.74 -14.77
C LEU B 715 6.46 9.72 -14.06
N ASN B 716 6.31 8.55 -14.67
CA ASN B 716 5.51 7.46 -14.08
C ASN B 716 6.22 7.05 -12.78
N MET B 717 7.56 6.97 -12.79
CA MET B 717 8.33 6.68 -11.59
C MET B 717 8.14 7.76 -10.54
N LEU B 718 8.04 9.02 -10.97
CA LEU B 718 7.79 10.10 -10.03
C LEU B 718 6.45 9.93 -9.34
N ILE B 719 5.43 9.54 -10.10
CA ILE B 719 4.11 9.31 -9.50
C ILE B 719 4.19 8.17 -8.49
N ALA B 720 4.92 7.10 -8.82
CA ALA B 720 5.06 5.99 -7.89
C ALA B 720 5.76 6.43 -6.61
N LEU B 721 6.85 7.18 -6.74
CA LEU B 721 7.56 7.67 -5.56
C LEU B 721 6.68 8.60 -4.74
N MET B 722 5.85 9.42 -5.40
CA MET B 722 4.94 10.29 -4.67
C MET B 722 3.94 9.46 -3.88
N GLY B 723 3.43 8.39 -4.47
CA GLY B 723 2.52 7.52 -3.72
C GLY B 723 3.19 6.92 -2.49
N GLU B 724 4.40 6.41 -2.67
CA GLU B 724 5.14 5.84 -1.54
C GLU B 724 5.36 6.89 -0.45
N THR B 725 5.78 8.09 -0.85
CA THR B 725 6.07 9.14 0.11
C THR B 725 4.81 9.57 0.87
N VAL B 726 3.68 9.68 0.16
CA VAL B 726 2.43 10.06 0.82
C VAL B 726 2.06 9.02 1.86
N ASN B 727 2.06 7.74 1.46
CA ASN B 727 1.74 6.68 2.40
C ASN B 727 2.68 6.69 3.60
N LYS B 728 3.94 7.07 3.38
CA LYS B 728 4.90 7.05 4.48
C LYS B 728 4.73 8.23 5.42
N ILE B 729 4.39 9.41 4.90
CA ILE B 729 4.52 10.65 5.68
C ILE B 729 3.18 11.31 5.95
N ALA B 730 2.06 10.61 5.78
CA ALA B 730 0.79 11.20 6.22
C ALA B 730 0.85 11.66 7.68
N GLN B 731 1.30 10.78 8.58
CA GLN B 731 1.30 11.11 10.00
C GLN B 731 2.34 12.18 10.33
N GLU B 732 3.51 12.09 9.71
CA GLU B 732 4.53 13.11 9.93
C GLU B 732 4.03 14.48 9.49
N SER B 733 3.27 14.52 8.38
CA SER B 733 2.69 15.79 7.94
C SER B 733 1.67 16.30 8.95
N LYS B 734 0.84 15.41 9.50
CA LYS B 734 -0.10 15.84 10.53
C LYS B 734 0.63 16.49 11.71
N ASN B 735 1.67 15.81 12.21
CA ASN B 735 2.40 16.33 13.35
C ASN B 735 3.11 17.64 13.01
N ILE B 736 3.63 17.75 11.78
CA ILE B 736 4.31 18.98 11.38
C ILE B 736 3.32 20.13 11.29
N TRP B 737 2.09 19.85 10.83
CA TRP B 737 1.09 20.91 10.82
C TRP B 737 0.76 21.35 12.24
N LYS B 738 0.65 20.40 13.18
CA LYS B 738 0.42 20.77 14.56
C LYS B 738 1.54 21.67 15.08
N LEU B 739 2.79 21.32 14.77
CA LEU B 739 3.91 22.15 15.22
C LEU B 739 3.87 23.53 14.57
N GLN B 740 3.52 23.60 13.28
CA GLN B 740 3.44 24.88 12.60
C GLN B 740 2.40 25.78 13.25
N ARG B 741 1.23 25.21 13.56
CA ARG B 741 0.20 25.99 14.24
C ARG B 741 0.66 26.41 15.62
N ALA B 742 1.43 25.57 16.30
CA ALA B 742 1.97 25.95 17.60
C ALA B 742 2.89 27.15 17.48
N ILE B 743 3.77 27.15 16.48
CA ILE B 743 4.67 28.28 16.28
C ILE B 743 3.86 29.53 15.96
N THR B 744 2.80 29.38 15.15
CA THR B 744 1.95 30.53 14.85
C THR B 744 1.32 31.09 16.12
N ILE B 745 0.86 30.21 17.02
CA ILE B 745 0.27 30.66 18.28
C ILE B 745 1.30 31.41 19.11
N LEU B 746 2.51 30.86 19.20
CA LEU B 746 3.56 31.52 19.97
C LEU B 746 3.83 32.91 19.44
N ASP B 747 4.03 33.02 18.12
CA ASP B 747 4.34 34.32 17.54
C ASP B 747 3.19 35.29 17.71
N THR B 748 1.95 34.82 17.54
CA THR B 748 0.80 35.69 17.69
C THR B 748 0.75 36.27 19.11
N GLU B 749 0.84 35.40 20.12
CA GLU B 749 0.73 35.91 21.49
C GLU B 749 1.94 36.74 21.87
N LYS B 750 3.09 36.50 21.24
CA LYS B 750 4.27 37.32 21.53
C LYS B 750 4.15 38.71 20.90
N SER B 751 3.48 38.80 19.75
CA SER B 751 3.40 40.09 19.06
C SER B 751 2.76 41.16 19.93
N PHE B 752 1.83 40.76 20.80
CA PHE B 752 1.13 41.72 21.66
C PHE B 752 1.83 41.96 22.98
N LEU B 753 3.16 41.78 23.02
CA LEU B 753 3.90 41.97 24.27
C LEU B 753 3.65 43.36 24.86
N LYS B 754 3.62 44.39 24.01
CA LYS B 754 3.34 45.74 24.50
C LYS B 754 1.86 46.08 24.40
N CYS B 755 1.12 45.43 23.50
CA CYS B 755 -0.29 45.73 23.36
C CYS B 755 -1.06 45.39 24.63
N MET B 756 -1.00 44.13 25.04
CA MET B 756 -1.65 43.69 26.27
C MET B 756 -1.29 42.23 26.52
N ARG B 757 -1.32 41.85 27.80
CA ARG B 757 -0.88 40.52 28.20
C ARG B 757 -1.89 39.83 29.11
N LYS B 758 -2.63 40.61 29.91
CA LYS B 758 -3.43 40.02 30.98
C LYS B 758 -4.42 39.00 30.44
N ALA B 759 -5.21 39.38 29.45
CA ALA B 759 -6.18 38.45 28.87
C ALA B 759 -5.52 37.39 28.00
N PHE B 760 -4.25 37.58 27.62
CA PHE B 760 -3.51 36.59 26.84
C PHE B 760 -2.81 35.60 27.75
N ARG B 761 -3.56 34.99 28.65
CA ARG B 761 -3.01 34.07 29.65
C ARG B 761 -3.95 32.88 29.80
N SER B 762 -3.38 31.69 29.82
CA SER B 762 -4.14 30.46 29.92
C SER B 762 -4.06 29.87 31.33
N GLY B 763 -5.08 29.11 31.68
CA GLY B 763 -5.17 28.52 33.00
C GLY B 763 -5.81 29.44 34.01
N LYS B 764 -6.25 28.85 35.12
CA LYS B 764 -6.90 29.57 36.21
C LYS B 764 -6.11 29.38 37.48
N LEU B 765 -5.94 30.47 38.23
CA LEU B 765 -5.18 30.42 39.49
C LEU B 765 -5.99 29.68 40.53
N LEU B 766 -5.53 28.49 40.92
CA LEU B 766 -6.22 27.64 41.86
C LEU B 766 -5.32 27.34 43.05
N GLN B 767 -5.98 27.07 44.19
CA GLN B 767 -5.34 26.66 45.43
C GLN B 767 -6.03 25.38 45.90
N VAL B 768 -5.38 24.24 45.68
CA VAL B 768 -5.97 22.95 46.04
C VAL B 768 -5.35 22.43 47.33
N GLY B 769 -4.02 22.33 47.36
CA GLY B 769 -3.33 21.71 48.48
C GLY B 769 -2.47 22.72 49.22
N PHE B 770 -1.67 22.18 50.14
CA PHE B 770 -0.76 22.98 50.95
C PHE B 770 0.68 22.51 50.77
N THR B 771 1.61 23.32 51.27
CA THR B 771 3.01 22.97 51.36
C THR B 771 3.36 22.56 52.79
N PRO B 772 4.41 21.74 52.99
CA PRO B 772 4.77 21.33 54.35
C PRO B 772 4.96 22.50 55.29
N ASP B 773 5.18 23.70 54.75
CA ASP B 773 5.30 24.92 55.54
C ASP B 773 3.95 25.45 55.99
N GLY B 774 2.88 24.68 55.82
CA GLY B 774 1.56 25.14 56.24
C GLY B 774 1.05 26.33 55.45
N LYS B 775 1.34 26.39 54.16
CA LYS B 775 0.90 27.47 53.30
C LYS B 775 0.22 26.89 52.06
N ASP B 776 -0.29 27.77 51.21
CA ASP B 776 -1.11 27.41 50.07
C ASP B 776 -0.25 27.12 48.84
N ASP B 777 -0.89 26.56 47.82
CA ASP B 777 -0.26 26.27 46.53
C ASP B 777 -1.05 27.00 45.44
N TYR B 778 -0.71 28.26 45.23
CA TYR B 778 -1.36 29.09 44.21
C TYR B 778 -0.69 28.82 42.87
N ARG B 779 -1.32 28.00 42.03
CA ARG B 779 -0.76 27.68 40.73
C ARG B 779 -1.83 27.79 39.65
N TRP B 780 -1.39 28.08 38.44
CA TRP B 780 -2.30 28.24 37.30
C TRP B 780 -2.58 26.87 36.72
N CYS B 781 -3.67 26.25 37.19
CA CYS B 781 -4.04 24.91 36.75
C CYS B 781 -5.01 24.99 35.57
N PHE B 782 -5.11 23.89 34.84
CA PHE B 782 -5.89 23.84 33.60
C PHE B 782 -6.63 22.51 33.56
N ARG B 783 -7.96 22.56 33.61
CA ARG B 783 -8.77 21.36 33.80
C ARG B 783 -8.79 20.50 32.54
N VAL B 784 -8.80 19.18 32.74
CA VAL B 784 -9.01 18.23 31.65
C VAL B 784 -9.86 17.06 32.17
N ASP B 785 -11.14 17.05 31.80
CA ASP B 785 -12.08 15.99 32.24
C ASP B 785 -11.77 14.69 31.51
N GLU B 786 -11.84 13.57 32.22
CA GLU B 786 -11.59 12.24 31.63
C GLU B 786 -12.71 11.32 32.08
N VAL B 787 -12.94 10.22 31.37
CA VAL B 787 -13.98 9.24 31.67
C VAL B 787 -13.39 7.86 31.42
N ASN B 788 -13.16 7.11 32.48
CA ASN B 788 -12.66 5.73 32.39
C ASN B 788 -13.63 4.79 33.08
N TRP B 789 -13.84 3.63 32.45
CA TRP B 789 -14.86 2.68 32.91
C TRP B 789 -14.26 1.39 33.45
N THR B 790 -12.95 1.35 33.70
CA THR B 790 -12.29 0.17 34.22
C THR B 790 -11.47 0.44 35.47
N THR B 791 -10.89 1.63 35.61
CA THR B 791 -10.16 1.98 36.83
C THR B 791 -11.06 1.84 38.05
N TRP B 792 -12.10 2.66 38.12
CA TRP B 792 -13.15 2.51 39.12
C TRP B 792 -12.60 2.39 40.53
N ASN B 793 -11.67 3.28 40.88
CA ASN B 793 -11.13 3.31 42.25
C ASN B 793 -10.30 4.56 42.47
N SER C 237 -31.99 25.34 44.38
CA SER C 237 -30.57 25.24 44.82
C SER C 237 -29.96 23.90 44.39
N TYR C 238 -28.64 23.89 44.18
CA TYR C 238 -27.98 22.68 43.73
C TYR C 238 -28.10 21.55 44.73
N TYR C 239 -27.92 21.85 46.02
CA TYR C 239 -27.87 20.81 47.05
C TYR C 239 -29.26 20.50 47.61
N LYS C 240 -30.21 20.25 46.71
CA LYS C 240 -31.53 19.78 47.10
C LYS C 240 -32.04 18.62 46.26
N GLY C 241 -31.64 18.52 44.99
CA GLY C 241 -32.01 17.37 44.19
C GLY C 241 -31.35 16.10 44.68
N GLN C 242 -30.10 16.20 45.13
CA GLN C 242 -29.38 15.03 45.61
C GLN C 242 -29.87 14.61 46.99
N THR C 243 -29.63 13.34 47.32
CA THR C 243 -29.89 12.81 48.64
C THR C 243 -28.71 11.93 49.05
N ALA C 244 -28.64 11.65 50.36
CA ALA C 244 -27.54 10.83 50.87
C ALA C 244 -27.49 9.50 50.14
N LEU C 245 -28.64 8.99 49.70
CA LEU C 245 -28.66 7.74 48.94
C LEU C 245 -27.86 7.88 47.64
N HIS C 246 -27.98 9.02 46.96
CA HIS C 246 -27.26 9.20 45.70
C HIS C 246 -25.76 9.11 45.90
N ILE C 247 -25.21 9.87 46.86
CA ILE C 247 -23.77 9.83 47.10
C ILE C 247 -23.35 8.47 47.64
N ALA C 248 -24.19 7.85 48.46
CA ALA C 248 -23.87 6.51 48.97
C ALA C 248 -23.74 5.51 47.82
N ILE C 249 -24.65 5.56 46.85
CA ILE C 249 -24.54 4.71 45.68
C ILE C 249 -23.28 5.08 44.89
N GLU C 250 -22.97 6.37 44.81
CA GLU C 250 -21.76 6.79 44.11
C GLU C 250 -20.53 6.07 44.67
N ARG C 251 -20.45 5.95 46.00
CA ARG C 251 -19.36 5.23 46.62
C ARG C 251 -19.42 3.73 46.37
N ARG C 252 -20.57 3.22 45.90
CA ARG C 252 -20.74 1.80 45.60
C ARG C 252 -20.52 0.92 46.83
N ASN C 253 -20.92 1.42 47.99
CA ASN C 253 -20.85 0.66 49.24
C ASN C 253 -22.24 0.11 49.54
N MET C 254 -22.43 -1.19 49.35
CA MET C 254 -23.74 -1.79 49.54
C MET C 254 -24.20 -1.65 51.00
N THR C 255 -23.29 -1.88 51.94
CA THR C 255 -23.66 -1.82 53.36
C THR C 255 -24.14 -0.43 53.73
N LEU C 256 -23.45 0.60 53.25
CA LEU C 256 -23.82 1.97 53.57
C LEU C 256 -25.21 2.31 53.03
N VAL C 257 -25.48 1.92 51.78
CA VAL C 257 -26.76 2.26 51.17
C VAL C 257 -27.89 1.49 51.83
N THR C 258 -27.66 0.22 52.17
CA THR C 258 -28.73 -0.55 52.82
C THR C 258 -28.98 -0.03 54.24
N LEU C 259 -27.93 0.42 54.94
CA LEU C 259 -28.15 1.08 56.21
C LEU C 259 -28.97 2.35 56.03
N LEU C 260 -28.65 3.13 55.00
CA LEU C 260 -29.37 4.38 54.76
C LEU C 260 -30.84 4.11 54.47
N VAL C 261 -31.14 3.11 53.67
CA VAL C 261 -32.52 2.87 53.24
C VAL C 261 -33.30 2.01 54.23
N GLU C 262 -32.62 1.38 55.19
CA GLU C 262 -33.32 0.51 56.13
C GLU C 262 -34.38 1.27 56.92
N ASN C 263 -34.10 2.52 57.30
CA ASN C 263 -35.09 3.31 58.02
C ASN C 263 -36.30 3.64 57.18
N GLY C 264 -36.22 3.45 55.86
CA GLY C 264 -37.34 3.76 54.98
C GLY C 264 -37.10 4.99 54.14
N ALA C 265 -35.86 5.18 53.70
CA ALA C 265 -35.52 6.35 52.90
C ALA C 265 -36.28 6.34 51.58
N ASP C 266 -36.67 7.52 51.12
CA ASP C 266 -37.40 7.64 49.87
C ASP C 266 -36.56 7.12 48.71
N VAL C 267 -37.19 6.29 47.86
CA VAL C 267 -36.52 5.71 46.70
C VAL C 267 -36.90 6.46 45.42
N GLN C 268 -37.78 7.45 45.50
CA GLN C 268 -38.20 8.22 44.34
C GLN C 268 -37.43 9.51 44.16
N ALA C 269 -36.32 9.68 44.87
CA ALA C 269 -35.54 10.91 44.76
C ALA C 269 -35.16 11.17 43.31
N ALA C 270 -35.40 12.39 42.84
CA ALA C 270 -35.11 12.80 41.47
C ALA C 270 -33.98 13.81 41.49
N ALA C 271 -32.92 13.53 40.74
CA ALA C 271 -31.77 14.43 40.65
C ALA C 271 -31.98 15.38 39.48
N ASN C 272 -32.88 16.34 39.69
CA ASN C 272 -33.22 17.31 38.65
C ASN C 272 -32.25 18.49 38.65
N GLY C 273 -30.96 18.19 38.61
CA GLY C 273 -29.92 19.19 38.60
C GLY C 273 -29.25 19.29 37.25
N ASP C 274 -28.80 20.51 36.91
CA ASP C 274 -28.15 20.71 35.63
C ASP C 274 -26.85 19.93 35.53
N PHE C 275 -26.21 19.65 36.67
CA PHE C 275 -25.00 18.84 36.66
C PHE C 275 -25.27 17.45 36.11
N PHE C 276 -26.49 16.95 36.31
CA PHE C 276 -26.87 15.62 35.84
C PHE C 276 -27.50 15.64 34.45
N LYS C 277 -27.70 16.81 33.84
CA LYS C 277 -28.36 16.85 32.54
C LYS C 277 -27.47 16.24 31.47
N LYS C 278 -28.11 15.88 30.35
CA LYS C 278 -27.45 15.12 29.29
C LYS C 278 -26.43 15.94 28.51
N THR C 279 -26.39 17.25 28.71
CA THR C 279 -25.52 18.10 27.90
C THR C 279 -24.08 17.60 27.95
N LYS C 280 -23.49 17.42 26.77
CA LYS C 280 -22.11 16.98 26.65
C LYS C 280 -21.12 18.13 26.64
N GLY C 281 -21.59 19.36 26.44
CA GLY C 281 -20.72 20.52 26.50
C GLY C 281 -20.44 21.02 27.90
N ARG C 282 -20.99 20.36 28.91
CA ARG C 282 -20.83 20.74 30.31
C ARG C 282 -20.36 19.53 31.09
N PRO C 283 -19.71 19.75 32.24
CA PRO C 283 -19.22 18.60 33.03
C PRO C 283 -20.34 17.74 33.57
N GLY C 284 -20.01 16.54 34.02
CA GLY C 284 -21.00 15.60 34.51
C GLY C 284 -21.58 14.74 33.40
N PHE C 285 -22.24 13.66 33.81
CA PHE C 285 -22.86 12.72 32.89
C PHE C 285 -24.24 12.35 33.40
N TYR C 286 -25.21 12.35 32.49
CA TYR C 286 -26.59 12.00 32.86
C TYR C 286 -26.71 10.48 32.98
N PHE C 287 -27.29 10.02 34.10
CA PHE C 287 -27.51 8.61 34.34
C PHE C 287 -28.95 8.28 34.68
N GLY C 288 -29.78 9.26 34.95
CA GLY C 288 -31.16 9.03 35.34
C GLY C 288 -31.44 9.65 36.69
N GLU C 289 -32.59 10.32 36.80
CA GLU C 289 -32.92 11.03 38.02
C GLU C 289 -33.07 10.06 39.20
N LEU C 290 -33.70 8.92 38.97
CA LEU C 290 -33.93 7.97 40.04
C LEU C 290 -32.62 7.35 40.52
N PRO C 291 -32.51 7.06 41.82
CA PRO C 291 -31.30 6.37 42.30
C PRO C 291 -31.15 4.98 41.70
N LEU C 292 -32.26 4.31 41.40
CA LEU C 292 -32.19 3.04 40.69
C LEU C 292 -31.52 3.23 39.33
N SER C 293 -31.85 4.31 38.63
CA SER C 293 -31.20 4.60 37.36
C SER C 293 -29.70 4.81 37.54
N LEU C 294 -29.31 5.53 38.61
CA LEU C 294 -27.89 5.74 38.87
C LEU C 294 -27.19 4.41 39.12
N ALA C 295 -27.80 3.54 39.91
CA ALA C 295 -27.20 2.23 40.17
C ALA C 295 -27.10 1.42 38.89
N ALA C 296 -28.13 1.49 38.04
CA ALA C 296 -28.14 0.69 36.81
C ALA C 296 -27.09 1.18 35.83
N CYS C 297 -26.95 2.50 35.67
CA CYS C 297 -25.91 3.03 34.80
C CYS C 297 -24.54 2.58 35.28
N THR C 298 -24.31 2.64 36.59
CA THR C 298 -23.15 2.00 37.19
C THR C 298 -23.35 0.48 37.15
N ASN C 299 -22.25 -0.24 37.34
CA ASN C 299 -22.29 -1.70 37.34
C ASN C 299 -22.70 -2.28 38.69
N GLN C 300 -23.41 -1.51 39.53
CA GLN C 300 -23.73 -1.93 40.88
C GLN C 300 -24.88 -2.93 40.83
N LEU C 301 -24.51 -4.20 40.65
CA LEU C 301 -25.50 -5.28 40.60
C LEU C 301 -26.24 -5.42 41.93
N ALA C 302 -25.50 -5.37 43.04
CA ALA C 302 -26.11 -5.61 44.35
C ALA C 302 -27.13 -4.55 44.70
N ILE C 303 -26.83 -3.28 44.41
CA ILE C 303 -27.75 -2.20 44.78
C ILE C 303 -29.08 -2.38 44.06
N VAL C 304 -29.04 -2.63 42.75
CA VAL C 304 -30.28 -2.82 42.00
C VAL C 304 -31.02 -4.05 42.49
N LYS C 305 -30.29 -5.14 42.76
CA LYS C 305 -30.95 -6.36 43.21
C LYS C 305 -31.69 -6.12 44.52
N PHE C 306 -31.04 -5.44 45.47
CA PHE C 306 -31.67 -5.18 46.76
C PHE C 306 -32.82 -4.19 46.67
N LEU C 307 -32.67 -3.12 45.88
CA LEU C 307 -33.72 -2.12 45.79
C LEU C 307 -34.95 -2.68 45.07
N LEU C 308 -34.73 -3.52 44.06
CA LEU C 308 -35.83 -4.16 43.34
C LEU C 308 -36.46 -5.29 44.14
N GLN C 309 -35.85 -5.71 45.24
CA GLN C 309 -36.38 -6.79 46.08
C GLN C 309 -36.60 -6.36 47.51
N ASN C 310 -36.43 -5.08 47.83
CA ASN C 310 -36.60 -4.62 49.20
C ASN C 310 -38.04 -4.80 49.67
N SER C 311 -38.21 -5.05 50.96
CA SER C 311 -39.55 -5.28 51.51
C SER C 311 -40.40 -4.02 51.55
N TRP C 312 -39.78 -2.85 51.57
CA TRP C 312 -40.49 -1.59 51.69
C TRP C 312 -40.11 -0.64 50.56
N GLN C 313 -41.11 0.06 50.05
CA GLN C 313 -40.92 1.07 49.01
C GLN C 313 -40.09 0.54 47.83
N PRO C 314 -40.56 -0.50 47.15
CA PRO C 314 -39.87 -0.96 45.94
C PRO C 314 -40.11 0.02 44.79
N ALA C 315 -39.03 0.58 44.27
CA ALA C 315 -39.15 1.61 43.24
C ALA C 315 -39.81 1.06 41.99
N ASP C 316 -40.64 1.89 41.35
CA ASP C 316 -41.29 1.54 40.10
C ASP C 316 -40.26 1.61 38.98
N ILE C 317 -40.05 0.48 38.30
CA ILE C 317 -39.04 0.44 37.25
C ILE C 317 -39.45 1.33 36.08
N SER C 318 -40.73 1.31 35.72
CA SER C 318 -41.26 2.16 34.66
C SER C 318 -41.46 3.57 35.24
N ALA C 319 -40.51 4.45 34.98
CA ALA C 319 -40.54 5.80 35.56
C ALA C 319 -40.03 6.78 34.51
N ARG C 320 -40.94 7.58 33.95
CA ARG C 320 -40.54 8.67 33.08
C ARG C 320 -39.76 9.71 33.87
N ASP C 321 -38.53 9.98 33.46
CA ASP C 321 -37.70 10.96 34.13
C ASP C 321 -38.04 12.35 33.61
N SER C 322 -37.22 13.35 33.97
CA SER C 322 -37.44 14.70 33.47
C SER C 322 -37.40 14.73 31.95
N VAL C 323 -36.39 14.08 31.38
CA VAL C 323 -36.22 14.03 29.90
C VAL C 323 -37.10 12.90 29.37
N GLY C 324 -37.67 12.06 30.25
CA GLY C 324 -38.47 10.94 29.82
C GLY C 324 -37.72 9.66 29.60
N ASN C 325 -36.42 9.65 29.91
CA ASN C 325 -35.54 8.49 29.66
C ASN C 325 -35.68 7.46 30.78
N THR C 326 -36.45 6.39 30.57
CA THR C 326 -36.54 5.32 31.54
C THR C 326 -35.14 4.75 31.79
N VAL C 327 -34.99 4.00 32.88
CA VAL C 327 -33.69 3.43 33.23
C VAL C 327 -33.06 2.76 32.02
N LEU C 328 -33.88 2.10 31.20
CA LEU C 328 -33.36 1.48 29.99
C LEU C 328 -32.81 2.54 29.03
N HIS C 329 -33.53 3.65 28.89
CA HIS C 329 -33.06 4.74 28.04
C HIS C 329 -31.73 5.29 28.57
N ALA C 330 -31.62 5.46 29.88
CA ALA C 330 -30.37 5.95 30.45
C ALA C 330 -29.24 4.95 30.20
N LEU C 331 -29.53 3.66 30.30
CA LEU C 331 -28.52 2.66 29.96
C LEU C 331 -28.06 2.83 28.52
N VAL C 332 -29.00 3.05 27.60
CA VAL C 332 -28.63 3.24 26.21
C VAL C 332 -27.76 4.48 26.05
N GLU C 333 -28.16 5.56 26.74
CA GLU C 333 -27.39 6.83 26.71
C GLU C 333 -25.96 6.56 27.14
N VAL C 334 -25.78 5.92 28.30
CA VAL C 334 -24.45 5.65 28.83
C VAL C 334 -23.66 4.70 27.95
N ALA C 335 -24.33 3.89 27.14
CA ALA C 335 -23.63 2.92 26.31
C ALA C 335 -22.66 3.63 25.37
N ASP C 336 -21.50 3.01 25.17
CA ASP C 336 -20.51 3.48 24.21
C ASP C 336 -20.04 2.29 23.38
N ASN C 337 -19.28 2.60 22.32
CA ASN C 337 -18.74 1.55 21.47
C ASN C 337 -17.63 0.77 22.17
N THR C 338 -17.18 1.20 23.34
CA THR C 338 -16.16 0.46 24.07
C THR C 338 -16.64 -0.95 24.39
N VAL C 339 -15.70 -1.90 24.34
CA VAL C 339 -16.06 -3.31 24.52
C VAL C 339 -16.56 -3.57 25.94
N ASP C 340 -15.83 -3.10 26.94
CA ASP C 340 -16.21 -3.36 28.33
C ASP C 340 -17.51 -2.65 28.68
N ASN C 341 -17.69 -1.42 28.20
CA ASN C 341 -18.95 -0.72 28.44
C ASN C 341 -20.10 -1.47 27.79
N THR C 342 -19.87 -2.01 26.60
CA THR C 342 -20.88 -2.84 25.95
C THR C 342 -21.21 -4.05 26.82
N LYS C 343 -20.20 -4.72 27.35
CA LYS C 343 -20.42 -5.87 28.21
C LYS C 343 -21.29 -5.51 29.40
N PHE C 344 -20.95 -4.41 30.08
CA PHE C 344 -21.70 -4.02 31.27
C PHE C 344 -23.13 -3.65 30.91
N VAL C 345 -23.30 -2.74 29.94
CA VAL C 345 -24.62 -2.23 29.61
C VAL C 345 -25.44 -3.26 28.83
N THR C 346 -24.87 -4.43 28.58
CA THR C 346 -25.58 -5.54 27.90
C THR C 346 -25.99 -6.58 28.95
N SER C 347 -25.07 -6.99 29.84
CA SER C 347 -25.40 -7.94 30.90
C SER C 347 -26.40 -7.32 31.88
N MET C 348 -26.14 -6.08 32.29
CA MET C 348 -27.07 -5.40 33.21
C MET C 348 -28.41 -5.18 32.52
N TYR C 349 -28.40 -4.85 31.23
CA TYR C 349 -29.64 -4.70 30.48
C TYR C 349 -30.47 -5.97 30.57
N ASN C 350 -29.86 -7.12 30.29
CA ASN C 350 -30.58 -8.38 30.35
C ASN C 350 -31.09 -8.64 31.76
N GLU C 351 -30.24 -8.42 32.76
CA GLU C 351 -30.63 -8.73 34.13
C GLU C 351 -31.80 -7.87 34.58
N ILE C 352 -31.75 -6.56 34.35
CA ILE C 352 -32.84 -5.69 34.79
C ILE C 352 -34.10 -5.99 33.97
N LEU C 353 -33.95 -6.37 32.71
CA LEU C 353 -35.12 -6.75 31.92
C LEU C 353 -35.82 -7.95 32.55
N ILE C 354 -35.05 -8.98 32.92
CA ILE C 354 -35.66 -10.16 33.52
C ILE C 354 -36.24 -9.83 34.90
N LEU C 355 -35.57 -8.96 35.65
CA LEU C 355 -36.07 -8.56 36.96
C LEU C 355 -37.41 -7.85 36.84
N GLY C 356 -37.50 -6.92 35.89
CA GLY C 356 -38.78 -6.26 35.65
C GLY C 356 -39.84 -7.22 35.16
N ALA C 357 -39.45 -8.21 34.37
CA ALA C 357 -40.40 -9.25 33.97
C ALA C 357 -40.94 -9.98 35.18
N LYS C 358 -40.07 -10.32 36.13
CA LYS C 358 -40.51 -10.97 37.36
C LYS C 358 -41.45 -10.06 38.15
N LEU C 359 -41.10 -8.78 38.26
CA LEU C 359 -41.94 -7.86 39.02
C LEU C 359 -43.31 -7.69 38.38
N HIS C 360 -43.35 -7.20 37.15
CA HIS C 360 -44.59 -7.00 36.39
C HIS C 360 -44.48 -7.76 35.09
N PRO C 361 -44.84 -9.05 35.08
CA PRO C 361 -44.72 -9.83 33.84
C PRO C 361 -45.58 -9.28 32.69
N THR C 362 -46.60 -8.50 32.99
CA THR C 362 -47.49 -7.93 31.99
C THR C 362 -47.29 -6.42 31.84
N LEU C 363 -46.06 -5.96 32.03
CA LEU C 363 -45.72 -4.55 31.89
C LEU C 363 -44.78 -4.39 30.71
N LYS C 364 -45.14 -3.49 29.79
CA LYS C 364 -44.32 -3.20 28.61
C LYS C 364 -43.26 -2.16 28.94
N LEU C 365 -42.26 -2.60 29.70
CA LEU C 365 -41.18 -1.69 30.10
C LEU C 365 -40.32 -1.27 28.92
N GLU C 366 -40.18 -2.12 27.91
CA GLU C 366 -39.36 -1.82 26.75
C GLU C 366 -40.12 -1.10 25.65
N GLU C 367 -41.38 -0.77 25.87
CA GLU C 367 -42.17 0.01 24.93
C GLU C 367 -42.47 1.41 25.43
N ILE C 368 -41.91 1.79 26.57
CA ILE C 368 -42.15 3.12 27.14
C ILE C 368 -41.24 4.11 26.44
N THR C 369 -41.83 5.19 25.93
CA THR C 369 -41.11 6.19 25.17
C THR C 369 -40.88 7.44 26.00
N ASN C 370 -39.77 8.12 25.73
CA ASN C 370 -39.45 9.38 26.38
C ASN C 370 -40.21 10.50 25.67
N ARG C 371 -39.90 11.76 26.03
CA ARG C 371 -40.58 12.88 25.41
C ARG C 371 -40.37 12.89 23.90
N LYS C 372 -39.13 12.59 23.47
CA LYS C 372 -38.85 12.51 22.04
C LYS C 372 -39.68 11.44 21.35
N GLY C 373 -40.20 10.47 22.09
CA GLY C 373 -41.06 9.45 21.54
C GLY C 373 -40.38 8.21 21.01
N LEU C 374 -39.13 7.98 21.38
CA LEU C 374 -38.38 6.81 20.95
C LEU C 374 -38.22 5.81 22.09
N THR C 375 -38.48 4.54 21.80
CA THR C 375 -38.20 3.44 22.72
C THR C 375 -36.70 3.20 22.77
N PRO C 376 -36.22 2.43 23.76
CA PRO C 376 -34.76 2.23 23.87
C PRO C 376 -34.13 1.72 22.59
N LEU C 377 -34.82 0.88 21.84
CA LEU C 377 -34.29 0.43 20.56
C LEU C 377 -34.09 1.61 19.61
N ALA C 378 -35.13 2.44 19.48
CA ALA C 378 -35.03 3.60 18.58
C ALA C 378 -33.99 4.58 19.09
N LEU C 379 -33.91 4.79 20.40
CA LEU C 379 -32.92 5.70 20.95
C LEU C 379 -31.51 5.20 20.66
N ALA C 380 -31.27 3.90 20.83
CA ALA C 380 -29.96 3.34 20.51
C ALA C 380 -29.64 3.50 19.04
N ALA C 381 -30.62 3.25 18.18
CA ALA C 381 -30.39 3.41 16.74
C ALA C 381 -30.05 4.85 16.40
N SER C 382 -30.76 5.81 16.99
CA SER C 382 -30.51 7.21 16.69
C SER C 382 -29.14 7.65 17.22
N SER C 383 -28.76 7.20 18.41
CA SER C 383 -27.50 7.60 19.03
C SER C 383 -26.31 6.77 18.55
N GLY C 384 -26.53 5.80 17.66
CA GLY C 384 -25.44 5.01 17.14
C GLY C 384 -24.80 4.08 18.13
N LYS C 385 -25.59 3.42 18.97
CA LYS C 385 -25.09 2.43 19.92
C LYS C 385 -25.21 1.06 19.27
N ILE C 386 -24.11 0.60 18.66
CA ILE C 386 -24.15 -0.62 17.86
C ILE C 386 -24.26 -1.85 18.75
N GLY C 387 -23.53 -1.88 19.86
CA GLY C 387 -23.56 -3.06 20.71
C GLY C 387 -24.94 -3.35 21.27
N VAL C 388 -25.61 -2.31 21.76
CA VAL C 388 -26.95 -2.48 22.30
C VAL C 388 -27.90 -2.97 21.22
N LEU C 389 -27.80 -2.41 20.01
CA LEU C 389 -28.65 -2.84 18.91
C LEU C 389 -28.41 -4.30 18.57
N ALA C 390 -27.13 -4.71 18.51
CA ALA C 390 -26.82 -6.10 18.20
C ALA C 390 -27.37 -7.03 19.27
N TYR C 391 -27.30 -6.61 20.53
CA TYR C 391 -27.91 -7.41 21.59
C TYR C 391 -29.41 -7.55 21.39
N ILE C 392 -30.10 -6.42 21.22
CA ILE C 392 -31.57 -6.46 21.19
C ILE C 392 -32.06 -7.24 19.98
N LEU C 393 -31.48 -6.98 18.81
CA LEU C 393 -31.91 -7.69 17.62
C LEU C 393 -31.56 -9.18 17.66
N GLN C 394 -30.64 -9.58 18.54
CA GLN C 394 -30.26 -10.97 18.70
C GLN C 394 -30.42 -11.46 20.13
N ARG C 395 -31.27 -10.81 20.92
CA ARG C 395 -31.45 -11.20 22.31
C ARG C 395 -32.13 -12.57 22.38
N GLU C 396 -31.49 -13.49 23.08
CA GLU C 396 -31.98 -14.85 23.22
C GLU C 396 -32.01 -15.25 24.69
N ILE C 397 -33.00 -16.05 25.06
CA ILE C 397 -33.17 -16.53 26.42
C ILE C 397 -33.56 -18.00 26.36
N HIS C 398 -32.94 -18.81 27.21
CA HIS C 398 -33.19 -20.25 27.25
C HIS C 398 -34.20 -20.66 28.32
N GLU C 399 -34.51 -19.78 29.27
CA GLU C 399 -35.48 -20.08 30.37
C GLU C 399 -36.88 -20.14 29.77
N PRO C 400 -37.59 -21.29 29.72
CA PRO C 400 -38.90 -21.35 29.04
C PRO C 400 -39.91 -20.33 29.52
N GLU C 401 -39.95 -20.05 30.83
CA GLU C 401 -40.97 -19.15 31.35
C GLU C 401 -40.74 -17.72 30.89
N CYS C 402 -39.50 -17.23 31.00
CA CYS C 402 -39.18 -15.84 30.68
C CYS C 402 -38.52 -15.70 29.31
N ARG C 403 -38.51 -16.75 28.50
CA ARG C 403 -37.94 -16.65 27.17
C ARG C 403 -38.79 -15.77 26.25
N HIS C 404 -40.07 -15.56 26.59
CA HIS C 404 -40.93 -14.74 25.73
C HIS C 404 -40.42 -13.32 25.59
N LEU C 405 -39.64 -12.83 26.55
CA LEU C 405 -38.95 -11.55 26.41
C LEU C 405 -37.63 -11.76 25.66
N SER C 406 -37.75 -12.30 24.46
CA SER C 406 -36.62 -12.55 23.59
C SER C 406 -36.94 -12.05 22.19
N ARG C 407 -35.90 -11.77 21.42
CA ARG C 407 -36.04 -11.25 20.06
C ARG C 407 -35.92 -12.35 19.01
N LYS C 408 -34.94 -13.25 19.18
CA LYS C 408 -34.72 -14.35 18.24
C LYS C 408 -35.24 -15.64 18.86
N PHE C 409 -36.22 -16.27 18.22
CA PHE C 409 -36.76 -17.54 18.66
C PHE C 409 -36.17 -18.65 17.79
N THR C 410 -35.15 -19.33 18.28
CA THR C 410 -34.60 -20.46 17.57
C THR C 410 -35.67 -21.54 17.42
N GLU C 411 -35.78 -22.09 16.21
CA GLU C 411 -36.84 -23.04 15.90
C GLU C 411 -36.39 -24.49 16.10
N TRP C 412 -35.35 -24.90 15.39
CA TRP C 412 -34.86 -26.28 15.48
C TRP C 412 -33.42 -26.31 15.01
N ALA C 413 -32.75 -27.42 15.31
CA ALA C 413 -31.37 -27.62 14.89
C ALA C 413 -31.20 -29.11 14.54
N TYR C 414 -31.36 -29.43 13.26
CA TYR C 414 -31.17 -30.81 12.78
C TYR C 414 -29.71 -30.95 12.38
N GLY C 415 -28.87 -31.30 13.35
CA GLY C 415 -27.45 -31.34 13.13
C GLY C 415 -26.87 -29.94 13.18
N PRO C 416 -25.82 -29.68 12.40
CA PRO C 416 -25.26 -28.31 12.38
C PRO C 416 -26.21 -27.29 11.79
N VAL C 417 -27.21 -27.70 11.04
CA VAL C 417 -28.13 -26.77 10.39
C VAL C 417 -29.26 -26.42 11.36
N HIS C 418 -29.50 -25.13 11.53
CA HIS C 418 -30.57 -24.67 12.42
C HIS C 418 -31.12 -23.35 11.93
N SER C 419 -32.45 -23.21 11.98
CA SER C 419 -33.10 -21.97 11.61
C SER C 419 -33.02 -20.97 12.76
N SER C 420 -33.22 -19.69 12.42
CA SER C 420 -33.14 -18.60 13.39
C SER C 420 -34.22 -17.57 13.05
N LEU C 421 -35.37 -17.69 13.72
CA LEU C 421 -36.42 -16.70 13.56
C LEU C 421 -36.04 -15.40 14.24
N TYR C 422 -36.72 -14.31 13.87
CA TYR C 422 -36.51 -13.00 14.45
C TYR C 422 -37.87 -12.39 14.80
N ASP C 423 -37.87 -11.12 15.24
CA ASP C 423 -39.09 -10.45 15.75
C ASP C 423 -39.67 -9.47 14.74
N LEU C 424 -38.88 -8.53 14.22
CA LEU C 424 -39.35 -7.53 13.26
C LEU C 424 -40.51 -6.72 13.82
N SER C 425 -40.62 -6.64 15.14
CA SER C 425 -41.75 -5.95 15.75
C SER C 425 -41.75 -4.47 15.37
N CYS C 426 -40.58 -3.83 15.41
CA CYS C 426 -40.45 -2.43 15.09
C CYS C 426 -39.41 -2.16 14.00
N ILE C 427 -38.75 -3.20 13.49
CA ILE C 427 -37.70 -2.99 12.49
C ILE C 427 -38.30 -2.46 11.20
N ASP C 428 -39.41 -3.04 10.75
CA ASP C 428 -40.00 -2.64 9.49
C ASP C 428 -40.61 -1.24 9.59
N THR C 429 -40.88 -0.66 8.43
CA THR C 429 -41.53 0.65 8.36
C THR C 429 -43.01 0.46 8.67
N CYS C 430 -43.27 0.08 9.93
CA CYS C 430 -44.63 -0.20 10.36
C CYS C 430 -44.96 0.44 11.70
N GLU C 431 -44.09 1.32 12.22
CA GLU C 431 -44.33 2.01 13.48
C GLU C 431 -43.97 3.48 13.30
N LYS C 432 -44.22 4.25 14.36
CA LYS C 432 -44.05 5.70 14.27
C LYS C 432 -42.60 6.07 13.96
N ASN C 433 -41.66 5.49 14.70
CA ASN C 433 -40.24 5.70 14.46
C ASN C 433 -39.57 4.33 14.43
N SER C 434 -39.36 3.80 13.23
CA SER C 434 -38.79 2.48 13.05
C SER C 434 -37.27 2.53 13.10
N VAL C 435 -36.66 1.38 13.37
CA VAL C 435 -35.21 1.30 13.43
C VAL C 435 -34.61 1.59 12.05
N LEU C 436 -35.16 0.99 11.01
CA LEU C 436 -34.62 1.19 9.67
C LEU C 436 -34.78 2.64 9.22
N GLU C 437 -35.95 3.22 9.47
CA GLU C 437 -36.14 4.63 9.13
C GLU C 437 -35.18 5.52 9.91
N VAL C 438 -34.98 5.23 11.19
CA VAL C 438 -34.09 6.02 12.02
C VAL C 438 -32.67 5.95 11.48
N ILE C 439 -32.22 4.75 11.10
CA ILE C 439 -30.87 4.60 10.58
C ILE C 439 -30.73 5.32 9.25
N ALA C 440 -31.74 5.21 8.39
CA ALA C 440 -31.65 5.79 7.05
C ALA C 440 -31.63 7.30 7.11
N TYR C 441 -32.56 7.90 7.85
CA TYR C 441 -32.74 9.35 7.86
C TYR C 441 -31.95 10.04 8.96
N SER C 442 -31.17 9.31 9.73
CA SER C 442 -30.29 9.95 10.70
C SER C 442 -29.14 10.64 9.96
N SER C 443 -28.80 11.84 10.41
CA SER C 443 -27.72 12.59 9.78
C SER C 443 -26.39 11.89 10.03
N SER C 444 -25.34 12.39 9.34
CA SER C 444 -24.02 11.80 9.49
C SER C 444 -23.43 12.01 10.87
N GLU C 445 -24.04 12.86 11.70
CA GLU C 445 -23.50 13.12 13.03
C GLU C 445 -23.40 11.85 13.85
N THR C 446 -24.44 11.02 13.83
CA THR C 446 -24.41 9.78 14.60
C THR C 446 -23.32 8.87 14.02
N PRO C 447 -22.44 8.32 14.86
CA PRO C 447 -21.33 7.52 14.33
C PRO C 447 -21.79 6.16 13.83
N ASN C 448 -21.09 5.66 12.82
CA ASN C 448 -21.23 4.27 12.38
C ASN C 448 -22.63 4.00 11.82
N ARG C 449 -23.31 5.06 11.38
CA ARG C 449 -24.69 4.89 10.92
C ARG C 449 -24.77 3.91 9.76
N HIS C 450 -23.75 3.87 8.91
CA HIS C 450 -23.69 2.92 7.81
C HIS C 450 -23.06 1.59 8.22
N ASP C 451 -22.48 1.51 9.42
CA ASP C 451 -21.94 0.26 9.92
C ASP C 451 -22.96 -0.54 10.73
N MET C 452 -23.96 0.12 11.32
CA MET C 452 -24.98 -0.59 12.05
C MET C 452 -25.79 -1.51 11.14
N LEU C 453 -26.03 -1.08 9.90
CA LEU C 453 -26.82 -1.89 8.98
C LEU C 453 -26.14 -3.20 8.62
N LEU C 454 -24.90 -3.42 9.04
CA LEU C 454 -24.23 -4.69 8.78
C LEU C 454 -24.66 -5.80 9.74
N VAL C 455 -25.46 -5.48 10.75
CA VAL C 455 -26.01 -6.53 11.60
C VAL C 455 -26.76 -7.52 10.71
N GLU C 456 -26.69 -8.79 11.08
CA GLU C 456 -27.24 -9.84 10.22
C GLU C 456 -28.72 -9.64 9.92
N PRO C 457 -29.61 -9.39 10.89
CA PRO C 457 -31.04 -9.33 10.57
C PRO C 457 -31.36 -8.21 9.60
N LEU C 458 -30.83 -7.01 9.85
CA LEU C 458 -31.14 -5.88 8.99
C LEU C 458 -30.61 -6.09 7.58
N ASN C 459 -29.37 -6.58 7.45
CA ASN C 459 -28.81 -6.81 6.12
C ASN C 459 -29.63 -7.84 5.35
N ARG C 460 -29.95 -8.97 6.01
CA ARG C 460 -30.71 -10.00 5.33
C ARG C 460 -32.10 -9.49 4.94
N LEU C 461 -32.75 -8.75 5.83
CA LEU C 461 -34.08 -8.22 5.53
C LEU C 461 -34.03 -7.23 4.37
N LEU C 462 -33.04 -6.35 4.35
CA LEU C 462 -32.94 -5.37 3.28
C LEU C 462 -32.70 -6.05 1.94
N GLN C 463 -31.79 -7.03 1.91
CA GLN C 463 -31.55 -7.73 0.66
C GLN C 463 -32.78 -8.51 0.24
N ASP C 464 -33.54 -9.05 1.21
CA ASP C 464 -34.78 -9.73 0.88
C ASP C 464 -35.76 -8.79 0.20
N LYS C 465 -35.98 -7.61 0.80
CA LYS C 465 -36.91 -6.66 0.20
C LYS C 465 -36.45 -6.24 -1.19
N TRP C 466 -35.14 -5.99 -1.35
CA TRP C 466 -34.62 -5.60 -2.65
C TRP C 466 -34.85 -6.68 -3.69
N ASP C 467 -34.45 -7.92 -3.41
CA ASP C 467 -34.61 -9.01 -4.34
C ASP C 467 -36.07 -9.35 -4.60
N ARG C 468 -36.98 -9.00 -3.69
CA ARG C 468 -38.37 -9.41 -3.80
C ARG C 468 -39.23 -8.40 -4.53
N PHE C 469 -39.22 -7.12 -4.12
CA PHE C 469 -40.17 -6.17 -4.66
C PHE C 469 -39.63 -4.77 -4.95
N VAL C 470 -38.34 -4.52 -4.80
CA VAL C 470 -37.80 -3.19 -5.07
C VAL C 470 -36.84 -3.16 -6.26
N LYS C 471 -36.19 -4.27 -6.60
CA LYS C 471 -35.29 -4.24 -7.75
C LYS C 471 -36.03 -3.94 -9.04
N ARG C 472 -37.20 -4.55 -9.22
CA ARG C 472 -37.98 -4.31 -10.44
C ARG C 472 -38.44 -2.87 -10.54
N ILE C 473 -38.92 -2.30 -9.43
CA ILE C 473 -39.36 -0.92 -9.46
C ILE C 473 -38.19 0.01 -9.72
N PHE C 474 -37.03 -0.30 -9.14
CA PHE C 474 -35.84 0.52 -9.38
C PHE C 474 -35.45 0.48 -10.85
N TYR C 475 -35.47 -0.71 -11.46
CA TYR C 475 -35.13 -0.81 -12.88
C TYR C 475 -36.15 -0.09 -13.74
N PHE C 476 -37.43 -0.16 -13.38
CA PHE C 476 -38.45 0.57 -14.15
C PHE C 476 -38.21 2.06 -14.07
N ASN C 477 -37.90 2.58 -12.88
CA ASN C 477 -37.60 4.00 -12.74
C ASN C 477 -36.35 4.38 -13.53
N PHE C 478 -35.34 3.51 -13.52
CA PHE C 478 -34.12 3.77 -14.27
C PHE C 478 -34.42 3.86 -15.77
N PHE C 479 -35.25 2.95 -16.28
CA PHE C 479 -35.62 2.98 -17.68
C PHE C 479 -36.42 4.23 -18.01
N VAL C 480 -37.35 4.62 -17.13
CA VAL C 480 -38.16 5.80 -17.39
C VAL C 480 -37.29 7.05 -17.41
N TYR C 481 -36.31 7.12 -16.50
CA TYR C 481 -35.41 8.27 -16.51
C TYR C 481 -34.54 8.29 -17.75
N CYS C 482 -34.10 7.11 -18.22
CA CYS C 482 -33.37 7.07 -19.48
C CYS C 482 -34.21 7.60 -20.62
N LEU C 483 -35.49 7.19 -20.68
CA LEU C 483 -36.37 7.69 -21.72
C LEU C 483 -36.55 9.21 -21.61
N TYR C 484 -36.70 9.71 -20.39
CA TYR C 484 -36.87 11.15 -20.22
C TYR C 484 -35.64 11.90 -20.70
N MET C 485 -34.45 11.41 -20.35
CA MET C 485 -33.22 12.08 -20.77
C MET C 485 -33.07 12.03 -22.29
N ILE C 486 -33.44 10.90 -22.91
CA ILE C 486 -33.36 10.82 -24.36
C ILE C 486 -34.33 11.80 -25.00
N ILE C 487 -35.54 11.91 -24.45
CA ILE C 487 -36.51 12.85 -25.00
C ILE C 487 -36.01 14.28 -24.86
N PHE C 488 -35.46 14.63 -23.68
CA PHE C 488 -34.91 15.97 -23.49
C PHE C 488 -33.80 16.24 -24.48
N THR C 489 -32.90 15.28 -24.67
CA THR C 489 -31.79 15.47 -25.60
C THR C 489 -32.30 15.70 -27.02
N ALA C 490 -33.25 14.88 -27.47
CA ALA C 490 -33.74 14.99 -28.83
C ALA C 490 -34.52 16.28 -29.03
N ALA C 491 -35.24 16.74 -28.01
CA ALA C 491 -36.03 17.95 -28.13
C ALA C 491 -35.14 19.18 -28.15
N ALA C 492 -34.15 19.24 -27.25
CA ALA C 492 -33.25 20.38 -27.22
C ALA C 492 -32.36 20.40 -28.46
N TYR C 493 -31.90 19.24 -28.92
CA TYR C 493 -31.02 19.18 -30.08
C TYR C 493 -31.68 19.79 -31.30
N TYR C 494 -32.99 19.59 -31.45
CA TYR C 494 -33.73 20.07 -32.62
C TYR C 494 -34.40 21.41 -32.38
N ARG C 495 -33.87 22.22 -31.46
CA ARG C 495 -34.50 23.48 -31.14
C ARG C 495 -34.43 24.44 -32.33
N PRO C 496 -35.51 25.19 -32.59
CA PRO C 496 -35.45 26.18 -33.67
C PRO C 496 -34.43 27.25 -33.39
N VAL C 497 -33.77 27.72 -34.46
CA VAL C 497 -32.68 28.68 -34.37
C VAL C 497 -33.03 30.00 -35.05
N GLU C 498 -34.26 30.11 -35.54
CA GLU C 498 -34.70 31.31 -36.29
C GLU C 498 -35.89 31.92 -35.55
N GLY C 499 -35.88 33.23 -35.30
CA GLY C 499 -36.98 33.89 -34.62
C GLY C 499 -36.88 33.77 -33.11
N LEU C 500 -37.12 34.89 -32.43
CA LEU C 500 -37.07 34.90 -30.99
C LEU C 500 -38.21 34.06 -30.42
N PRO C 501 -38.04 33.44 -29.26
CA PRO C 501 -39.10 32.59 -28.70
C PRO C 501 -40.25 33.44 -28.18
N PRO C 502 -41.44 32.84 -28.00
CA PRO C 502 -41.82 31.46 -28.32
C PRO C 502 -41.97 31.24 -29.83
N TYR C 503 -42.04 30.00 -30.29
CA TYR C 503 -42.08 29.68 -31.70
C TYR C 503 -43.47 29.19 -32.09
N LYS C 504 -43.72 29.15 -33.41
CA LYS C 504 -45.05 28.85 -33.92
C LYS C 504 -45.37 27.36 -33.76
N LEU C 505 -46.67 27.05 -33.83
CA LEU C 505 -47.15 25.68 -33.90
C LEU C 505 -47.45 25.36 -35.36
N LYS C 506 -46.51 24.70 -36.03
CA LYS C 506 -46.68 24.37 -37.44
C LYS C 506 -47.64 23.19 -37.61
N ASN C 507 -48.03 22.95 -38.85
CA ASN C 507 -48.97 21.85 -39.18
C ASN C 507 -48.16 20.58 -39.50
N THR C 508 -46.84 20.62 -39.38
CA THR C 508 -46.02 19.45 -39.66
C THR C 508 -45.94 18.54 -38.45
N VAL C 509 -45.69 17.25 -38.71
CA VAL C 509 -45.53 16.29 -37.62
C VAL C 509 -44.28 16.62 -36.82
N GLY C 510 -43.24 17.13 -37.48
CA GLY C 510 -42.01 17.42 -36.79
C GLY C 510 -42.19 18.42 -35.65
N ASP C 511 -42.93 19.50 -35.91
CA ASP C 511 -43.17 20.50 -34.88
C ASP C 511 -44.00 19.92 -33.74
N TYR C 512 -44.98 19.07 -34.07
CA TYR C 512 -45.78 18.44 -33.02
C TYR C 512 -44.92 17.56 -32.13
N PHE C 513 -44.03 16.76 -32.74
CA PHE C 513 -43.14 15.92 -31.94
C PHE C 513 -42.19 16.76 -31.12
N ARG C 514 -41.70 17.87 -31.67
CA ARG C 514 -40.83 18.76 -30.91
C ARG C 514 -41.55 19.34 -29.69
N VAL C 515 -42.80 19.76 -29.88
CA VAL C 515 -43.56 20.29 -28.76
C VAL C 515 -43.84 19.21 -27.73
N THR C 516 -44.10 17.99 -28.19
CA THR C 516 -44.27 16.87 -27.26
C THR C 516 -43.01 16.64 -26.44
N GLY C 517 -41.85 16.68 -27.09
CA GLY C 517 -40.61 16.52 -26.37
C GLY C 517 -40.39 17.63 -25.34
N GLU C 518 -40.66 18.87 -25.74
CA GLU C 518 -40.46 19.99 -24.83
C GLU C 518 -41.38 19.89 -23.62
N ILE C 519 -42.65 19.54 -23.86
CA ILE C 519 -43.61 19.47 -22.75
C ILE C 519 -43.30 18.29 -21.85
N LEU C 520 -42.87 17.16 -22.41
CA LEU C 520 -42.45 16.04 -21.58
C LEU C 520 -41.25 16.41 -20.73
N SER C 521 -40.29 17.13 -21.31
CA SER C 521 -39.14 17.58 -20.54
C SER C 521 -39.57 18.48 -19.40
N VAL C 522 -40.46 19.43 -19.68
CA VAL C 522 -40.91 20.34 -18.64
C VAL C 522 -41.65 19.59 -17.53
N SER C 523 -42.47 18.60 -17.91
CA SER C 523 -43.19 17.81 -16.93
C SER C 523 -42.22 17.07 -16.02
N GLY C 524 -41.20 16.44 -16.61
CA GLY C 524 -40.20 15.78 -15.79
C GLY C 524 -39.48 16.74 -14.87
N GLY C 525 -39.16 17.93 -15.38
CA GLY C 525 -38.47 18.90 -14.56
C GLY C 525 -39.30 19.34 -13.37
N VAL C 526 -40.58 19.64 -13.59
CA VAL C 526 -41.43 20.07 -12.49
C VAL C 526 -41.64 18.92 -11.50
N TYR C 527 -41.74 17.68 -12.01
CA TYR C 527 -41.86 16.54 -11.10
C TYR C 527 -40.64 16.44 -10.20
N PHE C 528 -39.44 16.59 -10.78
CA PHE C 528 -38.23 16.52 -9.96
C PHE C 528 -38.15 17.69 -8.99
N PHE C 529 -38.61 18.87 -9.40
CA PHE C 529 -38.67 20.02 -8.50
C PHE C 529 -39.52 19.69 -7.29
N PHE C 530 -40.74 19.20 -7.51
CA PHE C 530 -41.64 18.89 -6.41
C PHE C 530 -41.07 17.76 -5.56
N ARG C 531 -40.42 16.78 -6.18
CA ARG C 531 -39.82 15.70 -5.41
C ARG C 531 -38.72 16.22 -4.49
N GLY C 532 -37.89 17.14 -5.00
CA GLY C 532 -36.87 17.74 -4.15
C GLY C 532 -37.45 18.53 -3.00
N ILE C 533 -38.50 19.30 -3.27
CA ILE C 533 -39.15 20.05 -2.19
C ILE C 533 -39.72 19.10 -1.16
N GLN C 534 -40.36 18.02 -1.61
CA GLN C 534 -40.90 17.02 -0.68
C GLN C 534 -39.80 16.41 0.16
N TYR C 535 -38.67 16.08 -0.46
CA TYR C 535 -37.54 15.56 0.29
C TYR C 535 -37.08 16.55 1.35
N PHE C 536 -36.93 17.82 0.98
CA PHE C 536 -36.48 18.82 1.93
C PHE C 536 -37.44 18.93 3.11
N LEU C 537 -38.75 18.98 2.84
CA LEU C 537 -39.70 19.15 3.93
C LEU C 537 -39.80 17.91 4.81
N GLN C 538 -39.91 16.72 4.21
CA GLN C 538 -40.05 15.50 5.01
C GLN C 538 -38.80 15.24 5.84
N ARG C 539 -37.62 15.31 5.21
CA ARG C 539 -36.40 14.96 5.92
C ARG C 539 -35.91 16.12 6.80
N ARG C 540 -36.07 17.36 6.35
CA ARG C 540 -35.40 18.50 6.94
C ARG C 540 -33.92 18.15 7.14
N PRO C 541 -33.18 17.93 6.07
CA PRO C 541 -31.81 17.39 6.21
C PRO C 541 -30.88 18.40 6.85
N SER C 542 -29.80 17.87 7.44
CA SER C 542 -28.85 18.70 8.16
C SER C 542 -28.34 19.83 7.27
N LEU C 543 -28.37 21.04 7.80
CA LEU C 543 -27.88 22.21 7.10
C LEU C 543 -26.37 22.39 7.24
N LYS C 544 -25.75 21.72 8.22
CA LYS C 544 -24.31 21.85 8.41
C LYS C 544 -23.55 21.23 7.23
N SER C 545 -23.89 19.99 6.88
CA SER C 545 -23.24 19.28 5.77
C SER C 545 -24.32 18.50 5.01
N LEU C 546 -24.91 19.15 4.00
CA LEU C 546 -25.88 18.50 3.13
C LEU C 546 -25.29 18.06 1.80
N PHE C 547 -23.98 18.26 1.59
CA PHE C 547 -23.29 17.79 0.40
C PHE C 547 -22.66 16.41 0.60
N VAL C 548 -22.81 15.82 1.79
CA VAL C 548 -22.22 14.52 2.07
C VAL C 548 -23.26 13.41 2.09
N ASP C 549 -24.54 13.72 2.32
CA ASP C 549 -25.59 12.73 2.38
C ASP C 549 -26.73 12.96 1.39
N SER C 550 -26.85 14.16 0.81
CA SER C 550 -27.91 14.50 -0.11
C SER C 550 -27.35 15.10 -1.39
N TYR C 551 -26.20 14.59 -1.85
CA TYR C 551 -25.57 15.11 -3.05
C TYR C 551 -26.46 14.91 -4.27
N SER C 552 -26.90 13.67 -4.50
CA SER C 552 -27.64 13.35 -5.72
C SER C 552 -28.98 14.06 -5.74
N GLU C 553 -29.68 14.13 -4.61
CA GLU C 553 -30.95 14.84 -4.58
C GLU C 553 -30.75 16.31 -4.85
N ILE C 554 -29.68 16.88 -4.31
CA ILE C 554 -29.36 18.27 -4.59
C ILE C 554 -29.14 18.47 -6.08
N LEU C 555 -28.43 17.54 -6.72
CA LEU C 555 -28.17 17.67 -8.16
C LEU C 555 -29.45 17.56 -8.98
N PHE C 556 -30.33 16.62 -8.61
CA PHE C 556 -31.62 16.52 -9.30
C PHE C 556 -32.42 17.80 -9.14
N PHE C 557 -32.44 18.36 -7.93
CA PHE C 557 -33.17 19.60 -7.69
C PHE C 557 -32.59 20.73 -8.52
N VAL C 558 -31.25 20.80 -8.63
CA VAL C 558 -30.62 21.85 -9.42
C VAL C 558 -31.00 21.70 -10.89
N GLN C 559 -31.02 20.46 -11.39
CA GLN C 559 -31.44 20.24 -12.78
C GLN C 559 -32.86 20.73 -12.99
N SER C 560 -33.77 20.37 -12.09
CA SER C 560 -35.15 20.80 -12.23
C SER C 560 -35.27 22.32 -12.17
N LEU C 561 -34.51 22.95 -11.27
CA LEU C 561 -34.54 24.40 -11.15
C LEU C 561 -34.04 25.07 -12.42
N PHE C 562 -32.96 24.53 -13.01
CA PHE C 562 -32.46 25.07 -14.27
C PHE C 562 -33.51 24.96 -15.36
N MET C 563 -34.17 23.81 -15.45
CA MET C 563 -35.20 23.65 -16.47
C MET C 563 -36.36 24.61 -16.26
N LEU C 564 -36.75 24.82 -15.00
CA LEU C 564 -37.83 25.77 -14.74
C LEU C 564 -37.43 27.19 -15.10
N VAL C 565 -36.17 27.56 -14.83
CA VAL C 565 -35.68 28.88 -15.24
C VAL C 565 -35.71 29.00 -16.76
N SER C 566 -35.32 27.92 -17.45
CA SER C 566 -35.34 27.94 -18.92
C SER C 566 -36.76 28.14 -19.43
N VAL C 567 -37.74 27.48 -18.79
CA VAL C 567 -39.13 27.66 -19.19
C VAL C 567 -39.59 29.08 -18.90
N VAL C 568 -39.15 29.65 -17.78
CA VAL C 568 -39.52 31.02 -17.44
C VAL C 568 -39.01 31.97 -18.51
N LEU C 569 -37.77 31.80 -18.94
CA LEU C 569 -37.18 32.72 -19.91
C LEU C 569 -37.73 32.49 -21.31
N TYR C 570 -37.98 31.24 -21.68
CA TYR C 570 -38.45 30.94 -23.02
C TYR C 570 -39.76 31.64 -23.33
N PHE C 571 -40.60 31.87 -22.31
CA PHE C 571 -41.87 32.55 -22.48
C PHE C 571 -41.77 34.04 -22.19
N SER C 572 -40.58 34.55 -21.87
CA SER C 572 -40.36 35.98 -21.70
C SER C 572 -39.75 36.61 -22.94
N GLN C 573 -39.90 35.96 -24.09
CA GLN C 573 -39.35 36.47 -25.35
C GLN C 573 -37.86 36.76 -25.21
N ARG C 574 -37.16 35.89 -24.49
CA ARG C 574 -35.73 36.02 -24.26
C ARG C 574 -35.02 34.76 -24.76
N LYS C 575 -33.83 34.93 -25.31
CA LYS C 575 -33.09 33.84 -25.93
C LYS C 575 -31.92 33.36 -25.09
N GLU C 576 -31.97 33.61 -23.78
CA GLU C 576 -30.97 33.08 -22.85
C GLU C 576 -31.42 31.77 -22.24
N TYR C 577 -32.56 31.23 -22.64
CA TYR C 577 -33.01 29.95 -22.14
C TYR C 577 -32.12 28.80 -22.64
N VAL C 578 -31.35 29.04 -23.71
CA VAL C 578 -30.48 28.00 -24.23
C VAL C 578 -29.45 27.60 -23.16
N ALA C 579 -28.88 28.58 -22.47
CA ALA C 579 -27.88 28.28 -21.45
C ALA C 579 -28.46 27.41 -20.34
N SER C 580 -29.60 27.82 -19.79
CA SER C 580 -30.21 27.07 -18.70
C SER C 580 -30.59 25.66 -19.17
N MET C 581 -31.16 25.55 -20.37
CA MET C 581 -31.55 24.24 -20.87
C MET C 581 -30.34 23.34 -21.06
N VAL C 582 -29.25 23.89 -21.58
CA VAL C 582 -28.03 23.10 -21.79
C VAL C 582 -27.46 22.63 -20.46
N PHE C 583 -27.42 23.52 -19.47
CA PHE C 583 -26.94 23.13 -18.15
C PHE C 583 -27.81 22.02 -17.56
N SER C 584 -29.13 22.16 -17.68
CA SER C 584 -30.03 21.11 -17.19
C SER C 584 -29.78 19.80 -17.91
N LEU C 585 -29.54 19.85 -19.22
CA LEU C 585 -29.30 18.64 -19.99
C LEU C 585 -28.04 17.93 -19.52
N ALA C 586 -26.94 18.67 -19.39
CA ALA C 586 -25.69 18.07 -18.94
C ALA C 586 -25.84 17.51 -17.52
N MET C 587 -26.50 18.26 -16.63
CA MET C 587 -26.72 17.76 -15.28
C MET C 587 -27.54 16.49 -15.29
N GLY C 588 -28.59 16.44 -16.12
CA GLY C 588 -29.42 15.25 -16.18
C GLY C 588 -28.64 14.04 -16.66
N TRP C 589 -27.81 14.21 -17.69
CA TRP C 589 -27.02 13.08 -18.18
C TRP C 589 -26.02 12.63 -17.13
N THR C 590 -25.34 13.57 -16.47
CA THR C 590 -24.40 13.18 -15.41
C THR C 590 -25.10 12.57 -14.21
N ASN C 591 -26.40 12.83 -14.03
CA ASN C 591 -27.14 12.30 -12.89
C ASN C 591 -27.63 10.88 -13.12
N MET C 592 -27.38 10.29 -14.28
CA MET C 592 -27.68 8.88 -14.47
C MET C 592 -26.86 8.00 -13.53
N LEU C 593 -25.79 8.54 -12.95
CA LEU C 593 -25.00 7.79 -11.99
C LEU C 593 -25.75 7.55 -10.68
N TYR C 594 -26.85 8.26 -10.45
CA TYR C 594 -27.66 7.98 -9.27
C TYR C 594 -28.21 6.56 -9.32
N TYR C 595 -28.32 5.99 -10.51
CA TYR C 595 -28.93 4.68 -10.69
C TYR C 595 -27.90 3.56 -10.69
N THR C 596 -26.63 3.86 -10.47
CA THR C 596 -25.61 2.83 -10.32
C THR C 596 -25.54 2.27 -8.92
N ARG C 597 -26.46 2.67 -8.05
CA ARG C 597 -26.52 2.14 -6.69
C ARG C 597 -27.35 0.88 -6.59
N GLY C 598 -28.04 0.48 -7.65
CA GLY C 598 -28.68 -0.81 -7.68
C GLY C 598 -27.77 -1.96 -8.06
N PHE C 599 -26.53 -1.66 -8.42
CA PHE C 599 -25.55 -2.64 -8.84
C PHE C 599 -24.35 -2.57 -7.92
N GLN C 600 -23.89 -3.73 -7.43
CA GLN C 600 -22.98 -3.75 -6.29
C GLN C 600 -21.59 -3.24 -6.63
N GLN C 601 -21.14 -3.32 -7.88
CA GLN C 601 -19.80 -2.89 -8.23
C GLN C 601 -19.75 -1.47 -8.77
N MET C 602 -20.78 -1.02 -9.48
CA MET C 602 -20.79 0.36 -9.93
C MET C 602 -21.16 1.32 -8.81
N GLY C 603 -21.96 0.87 -7.84
CA GLY C 603 -22.29 1.73 -6.71
C GLY C 603 -21.06 2.15 -5.94
N ILE C 604 -20.13 1.21 -5.74
CA ILE C 604 -18.88 1.55 -5.05
C ILE C 604 -18.10 2.57 -5.87
N TYR C 605 -18.12 2.44 -7.19
CA TYR C 605 -17.43 3.40 -8.03
C TYR C 605 -18.04 4.79 -7.89
N ALA C 606 -19.36 4.89 -7.87
CA ALA C 606 -20.00 6.19 -7.69
C ALA C 606 -19.69 6.79 -6.33
N VAL C 607 -19.69 5.95 -5.29
CA VAL C 607 -19.39 6.45 -3.94
C VAL C 607 -17.95 6.96 -3.90
N MET C 608 -17.01 6.23 -4.50
CA MET C 608 -15.64 6.68 -4.53
C MET C 608 -15.50 7.98 -5.32
N ILE C 609 -16.24 8.10 -6.42
CA ILE C 609 -16.17 9.29 -7.33
C ILE C 609 -16.70 10.51 -6.60
N GLU C 610 -17.55 10.32 -5.60
CA GLU C 610 -18.16 11.44 -4.85
C GLU C 610 -17.27 11.75 -3.66
N LYS C 611 -16.58 10.76 -3.12
CA LYS C 611 -15.68 10.94 -1.95
C LYS C 611 -14.41 11.64 -2.44
N MET C 612 -13.90 11.28 -3.61
CA MET C 612 -12.74 11.96 -4.17
C MET C 612 -13.07 13.36 -4.68
N ILE C 613 -14.32 13.64 -5.04
CA ILE C 613 -14.69 15.01 -5.38
C ILE C 613 -14.74 15.90 -4.14
N LEU C 614 -15.37 15.43 -3.07
CA LEU C 614 -15.51 16.25 -1.87
C LEU C 614 -14.30 16.19 -0.94
N ARG C 615 -13.31 15.36 -1.24
CA ARG C 615 -12.18 15.15 -0.36
C ARG C 615 -10.85 15.51 -1.00
N ASP C 616 -10.61 15.09 -2.24
CA ASP C 616 -9.32 15.26 -2.90
C ASP C 616 -9.34 16.28 -4.02
N LEU C 617 -10.42 16.37 -4.80
CA LEU C 617 -10.45 17.31 -5.91
C LEU C 617 -10.64 18.73 -5.42
N CYS C 618 -11.36 18.94 -4.33
CA CYS C 618 -11.60 20.29 -3.84
C CYS C 618 -10.31 20.95 -3.38
N ARG C 619 -9.51 20.24 -2.58
CA ARG C 619 -8.26 20.81 -2.09
C ARG C 619 -7.31 21.10 -3.24
N PHE C 620 -7.17 20.15 -4.18
CA PHE C 620 -6.30 20.37 -5.32
C PHE C 620 -6.78 21.55 -6.13
N MET C 621 -8.10 21.69 -6.33
CA MET C 621 -8.62 22.82 -7.08
C MET C 621 -8.32 24.12 -6.38
N PHE C 622 -8.44 24.16 -5.05
CA PHE C 622 -8.11 25.37 -4.31
C PHE C 622 -6.65 25.79 -4.54
N VAL C 623 -5.73 24.85 -4.31
CA VAL C 623 -4.31 25.19 -4.45
C VAL C 623 -3.98 25.54 -5.89
N TYR C 624 -4.55 24.79 -6.84
CA TYR C 624 -4.28 25.03 -8.25
C TYR C 624 -4.80 26.38 -8.69
N LEU C 625 -5.98 26.78 -8.23
CA LEU C 625 -6.48 28.11 -8.56
C LEU C 625 -5.60 29.19 -7.97
N VAL C 626 -5.11 28.98 -6.75
CA VAL C 626 -4.18 29.96 -6.17
C VAL C 626 -2.97 30.13 -7.08
N PHE C 627 -2.33 29.01 -7.45
CA PHE C 627 -1.13 29.08 -8.29
C PHE C 627 -1.45 29.69 -9.65
N LEU C 628 -2.54 29.25 -10.27
CA LEU C 628 -2.88 29.72 -11.60
C LEU C 628 -3.13 31.21 -11.60
N PHE C 629 -3.91 31.70 -10.64
CA PHE C 629 -4.18 33.13 -10.57
C PHE C 629 -2.91 33.92 -10.33
N GLY C 630 -2.05 33.45 -9.42
CA GLY C 630 -0.82 34.17 -9.16
C GLY C 630 0.04 34.31 -10.40
N PHE C 631 0.32 33.18 -11.06
CA PHE C 631 1.21 33.24 -12.22
C PHE C 631 0.55 33.93 -13.40
N SER C 632 -0.79 33.86 -13.53
CA SER C 632 -1.46 34.55 -14.62
C SER C 632 -1.42 36.05 -14.43
N THR C 633 -1.63 36.52 -13.20
CA THR C 633 -1.47 37.95 -12.93
C THR C 633 -0.05 38.39 -13.19
N ALA C 634 0.93 37.58 -12.77
CA ALA C 634 2.32 37.88 -13.07
C ALA C 634 2.53 38.06 -14.57
N VAL C 635 2.05 37.10 -15.37
CA VAL C 635 2.28 37.14 -16.81
C VAL C 635 1.61 38.36 -17.43
N VAL C 636 0.32 38.58 -17.12
CA VAL C 636 -0.38 39.69 -17.75
C VAL C 636 0.25 41.02 -17.33
N THR C 637 0.84 41.07 -16.14
CA THR C 637 1.65 42.23 -15.78
C THR C 637 2.87 42.34 -16.69
N LEU C 638 3.52 41.21 -16.99
CA LEU C 638 4.69 41.25 -17.86
C LEU C 638 4.32 41.73 -19.26
N ILE C 639 3.20 41.24 -19.80
CA ILE C 639 2.80 41.61 -21.16
C ILE C 639 2.53 43.11 -21.22
N GLU C 640 2.96 43.74 -22.30
CA GLU C 640 2.79 45.18 -22.49
C GLU C 640 1.87 45.51 -23.66
N ASP C 641 2.08 44.89 -24.82
CA ASP C 641 1.26 45.13 -26.01
C ASP C 641 1.28 46.62 -26.39
N GLY C 642 2.49 47.09 -26.70
CA GLY C 642 2.67 48.48 -27.09
C GLY C 642 3.01 48.66 -28.55
N LYS C 643 2.67 47.67 -29.38
CA LYS C 643 2.99 47.70 -30.79
C LYS C 643 2.04 48.64 -31.55
N GLY C 664 -2.90 37.25 -31.59
CA GLY C 664 -1.75 37.20 -30.72
C GLY C 664 -1.35 38.57 -30.20
N ASN C 665 -2.33 39.46 -30.07
CA ASN C 665 -2.09 40.81 -29.58
C ASN C 665 -2.97 41.19 -28.39
N SER C 666 -4.23 40.74 -28.33
CA SER C 666 -5.13 41.10 -27.25
C SER C 666 -5.06 40.06 -26.13
N TYR C 667 -3.84 39.78 -25.70
CA TYR C 667 -3.60 38.84 -24.60
C TYR C 667 -3.47 39.54 -23.26
N ASN C 668 -3.66 40.86 -23.22
CA ASN C 668 -3.60 41.57 -21.94
C ASN C 668 -4.65 41.07 -20.97
N SER C 669 -5.85 40.75 -21.46
CA SER C 669 -6.93 40.34 -20.58
C SER C 669 -6.49 39.16 -19.72
N LEU C 670 -6.84 39.22 -18.43
CA LEU C 670 -6.49 38.13 -17.53
C LEU C 670 -7.13 36.82 -17.97
N TYR C 671 -8.30 36.88 -18.60
CA TYR C 671 -8.97 35.66 -19.02
C TYR C 671 -8.11 34.87 -19.99
N SER C 672 -7.52 35.55 -20.98
CA SER C 672 -6.73 34.85 -21.98
C SER C 672 -5.53 34.16 -21.37
N THR C 673 -4.82 34.85 -20.47
CA THR C 673 -3.63 34.26 -19.86
C THR C 673 -4.01 33.11 -18.92
N CYS C 674 -5.10 33.27 -18.16
CA CYS C 674 -5.54 32.17 -17.30
C CYS C 674 -5.92 30.96 -18.13
N LEU C 675 -6.59 31.18 -19.26
CA LEU C 675 -6.95 30.07 -20.14
C LEU C 675 -5.71 29.41 -20.73
N GLU C 676 -4.70 30.21 -21.09
CA GLU C 676 -3.47 29.64 -21.62
C GLU C 676 -2.78 28.77 -20.59
N LEU C 677 -2.75 29.21 -19.33
CA LEU C 677 -2.09 28.42 -18.30
C LEU C 677 -2.91 27.17 -17.97
N PHE C 678 -4.23 27.26 -18.04
CA PHE C 678 -5.04 26.05 -17.88
C PHE C 678 -4.77 25.07 -19.01
N LYS C 679 -4.64 25.57 -20.24
CA LYS C 679 -4.23 24.72 -21.35
C LYS C 679 -2.89 24.05 -21.05
N PHE C 680 -1.94 24.81 -20.49
CA PHE C 680 -0.72 24.19 -19.99
C PHE C 680 -1.03 23.02 -19.06
N THR C 681 -2.02 23.21 -18.17
CA THR C 681 -2.37 22.13 -17.24
C THR C 681 -2.90 20.90 -17.95
N ILE C 682 -3.73 21.06 -19.00
CA ILE C 682 -4.25 19.90 -19.71
C ILE C 682 -3.29 19.39 -20.78
N GLY C 683 -2.06 19.87 -20.80
CA GLY C 683 -1.08 19.39 -21.75
C GLY C 683 -1.24 19.92 -23.15
N MET C 684 -1.72 21.15 -23.31
CA MET C 684 -1.84 21.78 -24.62
C MET C 684 -1.35 23.22 -24.55
N GLY C 685 -0.32 23.46 -23.73
CA GLY C 685 0.17 24.80 -23.49
C GLY C 685 1.37 25.13 -24.36
N ASP C 686 1.31 26.28 -25.01
CA ASP C 686 2.38 26.76 -25.86
C ASP C 686 3.28 27.69 -25.05
N LEU C 687 4.55 27.32 -24.90
CA LEU C 687 5.48 28.11 -24.11
C LEU C 687 5.85 29.43 -24.78
N GLU C 688 5.48 29.63 -26.04
CA GLU C 688 5.76 30.86 -26.76
C GLU C 688 4.52 31.34 -27.51
N PHE C 689 3.38 31.34 -26.82
CA PHE C 689 2.13 31.76 -27.48
C PHE C 689 2.14 33.23 -27.85
N THR C 690 2.97 34.05 -27.20
CA THR C 690 3.02 35.46 -27.51
C THR C 690 4.44 35.97 -27.29
N GLU C 691 4.82 37.00 -28.03
CA GLU C 691 6.17 37.60 -27.93
C GLU C 691 6.00 39.10 -27.71
N ASN C 692 4.93 39.54 -27.04
CA ASN C 692 4.69 40.94 -26.76
C ASN C 692 5.37 41.42 -25.47
N TYR C 693 5.97 40.52 -24.71
CA TYR C 693 6.65 40.91 -23.49
C TYR C 693 7.90 41.73 -23.82
N ASP C 694 8.58 42.19 -22.78
CA ASP C 694 9.82 42.94 -22.93
C ASP C 694 11.05 42.18 -22.45
N PHE C 695 10.87 41.14 -21.64
CA PHE C 695 11.98 40.31 -21.17
C PHE C 695 11.59 38.85 -21.35
N LYS C 696 12.22 38.18 -22.32
CA LYS C 696 11.90 36.78 -22.58
C LYS C 696 12.30 35.88 -21.42
N ALA C 697 13.42 36.19 -20.76
CA ALA C 697 13.89 35.34 -19.67
C ALA C 697 12.87 35.27 -18.54
N VAL C 698 12.29 36.41 -18.18
CA VAL C 698 11.29 36.44 -17.11
C VAL C 698 10.06 35.65 -17.51
N PHE C 699 9.59 35.84 -18.74
CA PHE C 699 8.42 35.11 -19.21
C PHE C 699 8.66 33.60 -19.15
N ILE C 700 9.81 33.16 -19.65
CA ILE C 700 10.10 31.73 -19.68
C ILE C 700 10.27 31.19 -18.26
N ILE C 701 10.88 31.97 -17.37
CA ILE C 701 11.05 31.53 -15.99
C ILE C 701 9.70 31.36 -15.32
N LEU C 702 8.79 32.31 -15.52
CA LEU C 702 7.47 32.22 -14.91
C LEU C 702 6.72 31.00 -15.45
N LEU C 703 6.76 30.79 -16.77
CA LEU C 703 6.05 29.66 -17.34
C LEU C 703 6.64 28.35 -16.86
N LEU C 704 7.97 28.26 -16.76
CA LEU C 704 8.61 27.04 -16.29
C LEU C 704 8.26 26.77 -14.83
N ALA C 705 8.24 27.81 -13.99
CA ALA C 705 7.85 27.63 -12.60
C ALA C 705 6.41 27.13 -12.51
N TYR C 706 5.53 27.70 -13.32
CA TYR C 706 4.13 27.26 -13.30
C TYR C 706 4.02 25.80 -13.70
N VAL C 707 4.71 25.42 -14.78
CA VAL C 707 4.65 24.04 -15.26
C VAL C 707 5.19 23.08 -14.20
N ILE C 708 6.32 23.44 -13.58
CA ILE C 708 6.92 22.56 -12.58
C ILE C 708 5.99 22.41 -11.38
N LEU C 709 5.40 23.52 -10.92
CA LEU C 709 4.63 23.48 -9.69
C LEU C 709 3.27 22.81 -9.89
N THR C 710 2.62 23.02 -11.04
CA THR C 710 1.29 22.46 -11.27
C THR C 710 1.32 21.16 -12.06
N TYR C 711 1.92 21.15 -13.25
CA TYR C 711 1.86 19.96 -14.09
C TYR C 711 2.66 18.82 -13.51
N ILE C 712 3.88 19.07 -13.02
CA ILE C 712 4.81 17.99 -12.59
C ILE C 712 4.69 17.68 -11.10
N LEU C 713 4.18 18.58 -10.26
CA LEU C 713 4.07 18.34 -8.83
C LEU C 713 2.64 18.16 -8.36
N LEU C 714 1.73 19.02 -8.79
CA LEU C 714 0.38 19.00 -8.23
C LEU C 714 -0.47 17.86 -8.78
N LEU C 715 -0.36 17.55 -10.08
CA LEU C 715 -1.21 16.51 -10.65
C LEU C 715 -0.73 15.12 -10.24
N ASN C 716 0.59 14.94 -10.23
CA ASN C 716 1.20 13.66 -9.81
C ASN C 716 0.85 13.48 -8.32
N MET C 717 0.93 14.55 -7.53
CA MET C 717 0.54 14.52 -6.12
C MET C 717 -0.94 14.18 -5.98
N LEU C 718 -1.77 14.69 -6.88
CA LEU C 718 -3.20 14.36 -6.84
C LEU C 718 -3.42 12.88 -7.07
N ILE C 719 -2.69 12.29 -8.01
CA ILE C 719 -2.81 10.86 -8.25
C ILE C 719 -2.39 10.07 -7.01
N ALA C 720 -1.30 10.51 -6.36
CA ALA C 720 -0.86 9.82 -5.15
C ALA C 720 -1.91 9.90 -4.05
N LEU C 721 -2.48 11.09 -3.84
CA LEU C 721 -3.52 11.24 -2.83
C LEU C 721 -4.75 10.41 -3.18
N MET C 722 -5.09 10.32 -4.47
CA MET C 722 -6.21 9.47 -4.86
C MET C 722 -5.94 8.02 -4.53
N GLY C 723 -4.71 7.56 -4.77
CA GLY C 723 -4.38 6.19 -4.40
C GLY C 723 -4.53 5.95 -2.90
N GLU C 724 -3.99 6.87 -2.10
CA GLU C 724 -4.12 6.75 -0.65
C GLU C 724 -5.58 6.72 -0.23
N THR C 725 -6.39 7.63 -0.77
CA THR C 725 -7.79 7.72 -0.41
C THR C 725 -8.55 6.45 -0.79
N VAL C 726 -8.27 5.91 -1.98
CA VAL C 726 -8.95 4.69 -2.41
C VAL C 726 -8.62 3.55 -1.45
N ASN C 727 -7.33 3.35 -1.18
CA ASN C 727 -6.93 2.31 -0.24
C ASN C 727 -7.57 2.49 1.12
N LYS C 728 -7.78 3.75 1.53
CA LYS C 728 -8.35 3.99 2.85
C LYS C 728 -9.85 3.75 2.89
N ILE C 729 -10.57 4.09 1.82
CA ILE C 729 -12.03 4.20 1.89
C ILE C 729 -12.74 3.18 1.03
N ALA C 730 -12.06 2.13 0.56
CA ALA C 730 -12.78 1.06 -0.12
C ALA C 730 -13.96 0.54 0.72
N GLN C 731 -13.69 0.20 1.99
CA GLN C 731 -14.73 -0.39 2.83
C GLN C 731 -15.81 0.62 3.19
N GLU C 732 -15.40 1.86 3.48
CA GLU C 732 -16.39 2.90 3.77
C GLU C 732 -17.31 3.12 2.58
N SER C 733 -16.75 3.06 1.36
CA SER C 733 -17.59 3.19 0.18
C SER C 733 -18.55 2.01 0.05
N LYS C 734 -18.10 0.80 0.35
CA LYS C 734 -19.03 -0.34 0.33
C LYS C 734 -20.19 -0.12 1.29
N ASN C 735 -19.87 0.28 2.52
CA ASN C 735 -20.93 0.48 3.51
C ASN C 735 -21.86 1.63 3.10
N ILE C 736 -21.29 2.69 2.52
CA ILE C 736 -22.12 3.81 2.09
C ILE C 736 -23.04 3.40 0.96
N TRP C 737 -22.57 2.54 0.06
CA TRP C 737 -23.46 2.05 -0.99
C TRP C 737 -24.59 1.22 -0.39
N LYS C 738 -24.27 0.38 0.61
CA LYS C 738 -25.34 -0.37 1.27
C LYS C 738 -26.38 0.58 1.88
N LEU C 739 -25.91 1.64 2.54
CA LEU C 739 -26.85 2.59 3.13
C LEU C 739 -27.67 3.30 2.07
N GLN C 740 -27.04 3.66 0.94
CA GLN C 740 -27.76 4.33 -0.13
C GLN C 740 -28.87 3.43 -0.68
N ARG C 741 -28.56 2.16 -0.89
CA ARG C 741 -29.58 1.22 -1.35
C ARG C 741 -30.68 1.05 -0.31
N ALA C 742 -30.32 1.09 0.97
CA ALA C 742 -31.33 1.02 2.02
C ALA C 742 -32.29 2.20 1.93
N ILE C 743 -31.75 3.41 1.75
CA ILE C 743 -32.60 4.59 1.64
C ILE C 743 -33.49 4.47 0.41
N THR C 744 -32.93 3.94 -0.69
CA THR C 744 -33.75 3.74 -1.89
C THR C 744 -34.90 2.79 -1.62
N ILE C 745 -34.63 1.70 -0.88
CA ILE C 745 -35.68 0.75 -0.55
C ILE C 745 -36.76 1.42 0.29
N LEU C 746 -36.34 2.19 1.30
CA LEU C 746 -37.31 2.87 2.14
C LEU C 746 -38.21 3.78 1.32
N ASP C 747 -37.60 4.62 0.48
CA ASP C 747 -38.38 5.56 -0.31
C ASP C 747 -39.30 4.83 -1.27
N THR C 748 -38.81 3.76 -1.91
CA THR C 748 -39.63 3.01 -2.84
C THR C 748 -40.87 2.46 -2.14
N GLU C 749 -40.68 1.77 -1.01
CA GLU C 749 -41.84 1.17 -0.35
C GLU C 749 -42.74 2.24 0.25
N LYS C 750 -42.20 3.41 0.59
CA LYS C 750 -43.05 4.49 1.10
C LYS C 750 -43.89 5.11 0.00
N SER C 751 -43.36 5.16 -1.23
CA SER C 751 -44.08 5.83 -2.31
C SER C 751 -45.45 5.21 -2.54
N PHE C 752 -45.57 3.90 -2.30
CA PHE C 752 -46.84 3.21 -2.53
C PHE C 752 -47.75 3.21 -1.31
N LEU C 753 -47.62 4.22 -0.44
CA LEU C 753 -48.45 4.27 0.77
C LEU C 753 -49.94 4.21 0.42
N LYS C 754 -50.36 4.92 -0.63
CA LYS C 754 -51.76 4.87 -1.04
C LYS C 754 -52.00 3.81 -2.11
N CYS C 755 -50.97 3.44 -2.88
CA CYS C 755 -51.14 2.45 -3.92
C CYS C 755 -51.53 1.10 -3.33
N MET C 756 -50.69 0.56 -2.47
CA MET C 756 -50.97 -0.71 -1.80
C MET C 756 -49.87 -0.99 -0.78
N ARG C 757 -50.23 -1.75 0.25
CA ARG C 757 -49.32 -1.99 1.37
C ARG C 757 -49.22 -3.48 1.71
N LYS C 758 -50.30 -4.23 1.49
CA LYS C 758 -50.38 -5.59 2.03
C LYS C 758 -49.22 -6.45 1.53
N ALA C 759 -49.02 -6.49 0.22
CA ALA C 759 -47.92 -7.28 -0.33
C ALA C 759 -46.56 -6.65 -0.08
N PHE C 760 -46.52 -5.38 0.30
CA PHE C 760 -45.27 -4.69 0.61
C PHE C 760 -44.91 -4.87 2.08
N ARG C 761 -44.88 -6.11 2.54
CA ARG C 761 -44.63 -6.43 3.94
C ARG C 761 -43.71 -7.63 4.02
N SER C 762 -42.71 -7.54 4.89
CA SER C 762 -41.72 -8.59 5.05
C SER C 762 -41.98 -9.39 6.33
N GLY C 763 -41.52 -10.64 6.31
CA GLY C 763 -41.72 -11.53 7.43
C GLY C 763 -43.04 -12.26 7.35
N LYS C 764 -43.13 -13.34 8.13
CA LYS C 764 -44.32 -14.18 8.19
C LYS C 764 -44.84 -14.22 9.62
N LEU C 765 -46.16 -14.11 9.76
CA LEU C 765 -46.79 -14.11 11.08
C LEU C 765 -46.72 -15.51 11.66
N LEU C 766 -45.92 -15.69 12.71
CA LEU C 766 -45.71 -16.98 13.34
C LEU C 766 -46.09 -16.92 14.81
N GLN C 767 -46.46 -18.09 15.34
CA GLN C 767 -46.78 -18.30 16.74
C GLN C 767 -45.95 -19.48 17.23
N VAL C 768 -44.86 -19.20 17.95
CA VAL C 768 -43.96 -20.25 18.41
C VAL C 768 -44.21 -20.53 19.89
N GLY C 769 -44.14 -19.49 20.72
CA GLY C 769 -44.21 -19.67 22.16
C GLY C 769 -45.46 -19.01 22.73
N PHE C 770 -45.50 -18.97 24.06
CA PHE C 770 -46.60 -18.38 24.80
C PHE C 770 -46.11 -17.25 25.71
N THR C 771 -47.06 -16.50 26.24
CA THR C 771 -46.81 -15.50 27.26
C THR C 771 -47.23 -16.04 28.63
N PRO C 772 -46.63 -15.53 29.72
CA PRO C 772 -47.01 -16.02 31.05
C PRO C 772 -48.51 -15.96 31.31
N ASP C 773 -49.23 -15.15 30.54
CA ASP C 773 -50.69 -15.07 30.63
C ASP C 773 -51.38 -16.23 29.92
N GLY C 774 -50.64 -17.26 29.52
CA GLY C 774 -51.25 -18.39 28.86
C GLY C 774 -51.83 -18.06 27.50
N LYS C 775 -51.20 -17.18 26.75
CA LYS C 775 -51.65 -16.78 25.42
C LYS C 775 -50.50 -16.91 24.43
N ASP C 776 -50.80 -16.65 23.17
CA ASP C 776 -49.88 -16.88 22.06
C ASP C 776 -48.98 -15.66 21.83
N ASP C 777 -47.96 -15.86 21.00
CA ASP C 777 -47.03 -14.80 20.60
C ASP C 777 -47.07 -14.70 19.07
N TYR C 778 -48.02 -13.93 18.57
CA TYR C 778 -48.18 -13.71 17.13
C TYR C 778 -47.24 -12.59 16.71
N ARG C 779 -46.10 -12.94 16.12
CA ARG C 779 -45.13 -11.95 15.68
C ARG C 779 -44.65 -12.27 14.28
N TRP C 780 -44.25 -11.23 13.57
CA TRP C 780 -43.78 -11.37 12.18
C TRP C 780 -42.31 -11.74 12.21
N CYS C 781 -42.03 -13.04 12.18
CA CYS C 781 -40.67 -13.55 12.25
C CYS C 781 -40.11 -13.74 10.84
N PHE C 782 -38.79 -13.81 10.75
CA PHE C 782 -38.09 -13.86 9.47
C PHE C 782 -36.93 -14.85 9.59
N ARG C 783 -37.01 -15.94 8.84
CA ARG C 783 -36.09 -17.06 9.02
C ARG C 783 -34.70 -16.73 8.52
N VAL C 784 -33.69 -17.25 9.22
CA VAL C 784 -32.30 -17.18 8.76
C VAL C 784 -31.59 -18.48 9.14
N ASP C 785 -31.38 -19.35 8.15
CA ASP C 785 -30.72 -20.66 8.38
C ASP C 785 -29.24 -20.45 8.62
N GLU C 786 -28.67 -21.20 9.55
CA GLU C 786 -27.22 -21.11 9.87
C GLU C 786 -26.68 -22.54 9.94
N VAL C 787 -25.38 -22.71 9.79
CA VAL C 787 -24.71 -24.02 9.82
C VAL C 787 -23.41 -23.83 10.59
N ASN C 788 -23.34 -24.40 11.79
CA ASN C 788 -22.12 -24.37 12.61
C ASN C 788 -21.69 -25.79 12.94
N TRP C 789 -20.38 -26.01 12.89
CA TRP C 789 -19.82 -27.36 13.04
C TRP C 789 -19.02 -27.53 14.32
N THR C 790 -19.11 -26.59 15.26
CA THR C 790 -18.39 -26.67 16.52
C THR C 790 -19.29 -26.52 17.73
N THR C 791 -20.37 -25.75 17.64
CA THR C 791 -21.31 -25.64 18.76
C THR C 791 -21.85 -27.02 19.14
N TRP C 792 -22.58 -27.65 18.23
CA TRP C 792 -22.99 -29.04 18.38
C TRP C 792 -23.63 -29.31 19.73
N ASN C 793 -24.58 -28.45 20.12
CA ASN C 793 -25.33 -28.67 21.36
C ASN C 793 -26.50 -27.70 21.45
N SER D 237 -45.12 -39.97 1.23
CA SER D 237 -45.26 -39.05 2.40
C SER D 237 -43.91 -38.76 3.03
N TYR D 238 -43.78 -37.59 3.65
CA TYR D 238 -42.51 -37.20 4.25
C TYR D 238 -42.09 -38.13 5.37
N TYR D 239 -43.03 -38.52 6.23
CA TYR D 239 -42.71 -39.30 7.42
C TYR D 239 -42.74 -40.80 7.14
N LYS D 240 -42.06 -41.22 6.08
CA LYS D 240 -41.86 -42.63 5.80
C LYS D 240 -40.43 -42.99 5.43
N GLY D 241 -39.68 -42.08 4.82
CA GLY D 241 -38.27 -42.35 4.55
C GLY D 241 -37.46 -42.43 5.83
N GLN D 242 -37.78 -41.61 6.82
CA GLN D 242 -37.05 -41.61 8.07
C GLN D 242 -37.43 -42.81 8.93
N THR D 243 -36.53 -43.16 9.85
CA THR D 243 -36.79 -44.19 10.84
C THR D 243 -36.26 -43.70 12.19
N ALA D 244 -36.72 -44.36 13.25
CA ALA D 244 -36.30 -43.96 14.59
C ALA D 244 -34.78 -43.98 14.71
N LEU D 245 -34.12 -44.85 13.96
CA LEU D 245 -32.66 -44.89 13.96
C LEU D 245 -32.08 -43.56 13.47
N HIS D 246 -32.68 -42.98 12.44
CA HIS D 246 -32.16 -41.72 11.90
C HIS D 246 -32.20 -40.61 12.94
N ILE D 247 -33.34 -40.40 13.58
CA ILE D 247 -33.45 -39.36 14.60
C ILE D 247 -32.58 -39.69 15.80
N ALA D 248 -32.49 -40.97 16.16
CA ALA D 248 -31.63 -41.36 17.28
C ALA D 248 -30.17 -41.01 17.00
N ILE D 249 -29.70 -41.26 15.78
CA ILE D 249 -28.35 -40.86 15.41
C ILE D 249 -28.24 -39.34 15.42
N GLU D 250 -29.29 -38.65 14.98
CA GLU D 250 -29.27 -37.19 15.01
C GLU D 250 -28.97 -36.68 16.42
N ARG D 251 -29.57 -37.29 17.44
CA ARG D 251 -29.29 -36.92 18.82
C ARG D 251 -27.89 -37.32 19.26
N ARG D 252 -27.21 -38.18 18.49
CA ARG D 252 -25.85 -38.61 18.80
C ARG D 252 -25.75 -39.31 20.16
N ASN D 253 -26.80 -40.05 20.52
CA ASN D 253 -26.81 -40.84 21.75
C ASN D 253 -26.52 -42.28 21.40
N MET D 254 -25.31 -42.75 21.73
CA MET D 254 -24.91 -44.10 21.37
C MET D 254 -25.80 -45.13 22.05
N THR D 255 -26.11 -44.93 23.33
CA THR D 255 -26.92 -45.89 24.06
C THR D 255 -28.30 -46.04 23.44
N LEU D 256 -28.91 -44.92 23.05
CA LEU D 256 -30.24 -44.96 22.47
C LEU D 256 -30.24 -45.73 21.15
N VAL D 257 -29.24 -45.47 20.30
CA VAL D 257 -29.21 -46.11 18.99
C VAL D 257 -28.91 -47.59 19.12
N THR D 258 -28.01 -47.96 20.05
CA THR D 258 -27.71 -49.39 20.22
C THR D 258 -28.91 -50.12 20.83
N LEU D 259 -29.66 -49.47 21.72
CA LEU D 259 -30.90 -50.06 22.19
C LEU D 259 -31.88 -50.25 21.04
N LEU D 260 -31.98 -49.25 20.17
CA LEU D 260 -32.91 -49.34 19.04
C LEU D 260 -32.54 -50.48 18.11
N VAL D 261 -31.26 -50.65 17.82
CA VAL D 261 -30.83 -51.64 16.83
C VAL D 261 -30.63 -53.02 17.44
N GLU D 262 -30.61 -53.13 18.78
CA GLU D 262 -30.38 -54.42 19.40
C GLU D 262 -31.44 -55.44 19.00
N ASN D 263 -32.69 -55.01 18.88
CA ASN D 263 -33.75 -55.93 18.47
C ASN D 263 -33.58 -56.41 17.04
N GLY D 264 -32.72 -55.76 16.26
CA GLY D 264 -32.52 -56.15 14.88
C GLY D 264 -33.11 -55.16 13.89
N ALA D 265 -33.03 -53.87 14.22
CA ALA D 265 -33.59 -52.85 13.36
C ALA D 265 -32.88 -52.83 12.01
N ASP D 266 -33.63 -52.56 10.95
CA ASP D 266 -33.07 -52.52 9.62
C ASP D 266 -32.01 -51.43 9.52
N VAL D 267 -30.86 -51.78 8.94
CA VAL D 267 -29.75 -50.85 8.77
C VAL D 267 -29.70 -50.30 7.34
N GLN D 268 -30.58 -50.76 6.46
CA GLN D 268 -30.61 -50.30 5.08
C GLN D 268 -31.61 -49.19 4.83
N ALA D 269 -32.13 -48.56 5.89
CA ALA D 269 -33.11 -47.50 5.73
C ALA D 269 -32.56 -46.40 4.83
N ALA D 270 -33.34 -45.99 3.84
CA ALA D 270 -32.96 -44.97 2.88
C ALA D 270 -33.83 -43.74 3.10
N ALA D 271 -33.18 -42.59 3.32
CA ALA D 271 -33.90 -41.33 3.53
C ALA D 271 -34.07 -40.64 2.18
N ASN D 272 -35.00 -41.18 1.39
CA ASN D 272 -35.27 -40.66 0.05
C ASN D 272 -36.27 -39.50 0.10
N GLY D 273 -35.99 -38.52 0.95
CA GLY D 273 -36.84 -37.35 1.10
C GLY D 273 -36.19 -36.12 0.51
N ASP D 274 -37.04 -35.21 0.00
CA ASP D 274 -36.54 -33.99 -0.59
C ASP D 274 -35.82 -33.12 0.43
N PHE D 275 -36.19 -33.25 1.71
CA PHE D 275 -35.50 -32.50 2.75
C PHE D 275 -34.03 -32.88 2.82
N PHE D 276 -33.72 -34.13 2.47
CA PHE D 276 -32.34 -34.62 2.50
C PHE D 276 -31.61 -34.45 1.17
N LYS D 277 -32.28 -33.95 0.13
CA LYS D 277 -31.62 -33.85 -1.17
C LYS D 277 -30.53 -32.79 -1.14
N LYS D 278 -29.64 -32.88 -2.12
CA LYS D 278 -28.42 -32.06 -2.14
C LYS D 278 -28.70 -30.59 -2.45
N THR D 279 -29.92 -30.24 -2.86
CA THR D 279 -30.20 -28.88 -3.29
C THR D 279 -29.81 -27.89 -2.20
N LYS D 280 -29.02 -26.88 -2.60
CA LYS D 280 -28.59 -25.83 -1.70
C LYS D 280 -29.55 -24.66 -1.64
N GLY D 281 -30.49 -24.57 -2.58
CA GLY D 281 -31.50 -23.53 -2.54
C GLY D 281 -32.67 -23.83 -1.63
N ARG D 282 -32.65 -24.98 -0.97
CA ARG D 282 -33.71 -25.42 -0.07
C ARG D 282 -33.11 -25.78 1.27
N PRO D 283 -33.91 -25.75 2.35
CA PRO D 283 -33.36 -26.08 3.67
C PRO D 283 -32.92 -27.52 3.77
N GLY D 284 -32.14 -27.84 4.80
CA GLY D 284 -31.61 -29.18 4.98
C GLY D 284 -30.30 -29.38 4.25
N PHE D 285 -29.60 -30.45 4.62
CA PHE D 285 -28.31 -30.79 4.04
C PHE D 285 -28.27 -32.29 3.76
N TYR D 286 -27.78 -32.64 2.57
CA TYR D 286 -27.68 -34.05 2.18
C TYR D 286 -26.47 -34.67 2.86
N PHE D 287 -26.67 -35.83 3.50
CA PHE D 287 -25.61 -36.57 4.15
C PHE D 287 -25.51 -38.01 3.70
N GLY D 288 -26.49 -38.52 2.98
CA GLY D 288 -26.50 -39.91 2.55
C GLY D 288 -27.74 -40.60 3.06
N GLU D 289 -28.37 -41.39 2.18
CA GLU D 289 -29.62 -42.04 2.53
C GLU D 289 -29.43 -43.03 3.68
N LEU D 290 -28.34 -43.79 3.65
CA LEU D 290 -28.11 -44.79 4.67
C LEU D 290 -27.84 -44.14 6.03
N PRO D 291 -28.29 -44.77 7.12
CA PRO D 291 -27.96 -44.23 8.45
C PRO D 291 -26.47 -44.25 8.72
N LEU D 292 -25.73 -45.21 8.17
CA LEU D 292 -24.28 -45.20 8.27
C LEU D 292 -23.71 -43.94 7.63
N SER D 293 -24.26 -43.53 6.49
CA SER D 293 -23.82 -42.29 5.86
C SER D 293 -24.10 -41.09 6.75
N LEU D 294 -25.27 -41.06 7.41
CA LEU D 294 -25.60 -39.97 8.32
C LEU D 294 -24.60 -39.93 9.47
N ALA D 295 -24.29 -41.08 10.05
CA ALA D 295 -23.32 -41.12 11.14
C ALA D 295 -21.95 -40.66 10.66
N ALA D 296 -21.55 -41.07 9.45
CA ALA D 296 -20.23 -40.72 8.94
C ALA D 296 -20.12 -39.24 8.66
N CYS D 297 -21.15 -38.64 8.06
CA CYS D 297 -21.13 -37.20 7.82
C CYS D 297 -21.00 -36.45 9.14
N THR D 298 -21.76 -36.88 10.15
CA THR D 298 -21.53 -36.43 11.51
C THR D 298 -20.22 -37.04 12.03
N ASN D 299 -19.71 -36.45 13.11
CA ASN D 299 -18.48 -36.94 13.72
C ASN D 299 -18.71 -38.11 14.67
N GLN D 300 -19.81 -38.85 14.51
CA GLN D 300 -20.18 -39.91 15.44
C GLN D 300 -19.30 -41.14 15.18
N LEU D 301 -18.13 -41.13 15.82
CA LEU D 301 -17.20 -42.25 15.68
C LEU D 301 -17.78 -43.54 16.24
N ALA D 302 -18.42 -43.47 17.41
CA ALA D 302 -18.91 -44.68 18.07
C ALA D 302 -20.00 -45.35 17.26
N ILE D 303 -20.92 -44.58 16.68
CA ILE D 303 -22.02 -45.18 15.94
C ILE D 303 -21.49 -45.97 14.75
N VAL D 304 -20.58 -45.38 13.98
CA VAL D 304 -20.02 -46.08 12.83
C VAL D 304 -19.25 -47.30 13.28
N LYS D 305 -18.46 -47.17 14.36
CA LYS D 305 -17.68 -48.31 14.82
C LYS D 305 -18.58 -49.47 15.20
N PHE D 306 -19.65 -49.20 15.93
CA PHE D 306 -20.56 -50.26 16.35
C PHE D 306 -21.35 -50.85 15.19
N LEU D 307 -21.84 -50.01 14.27
CA LEU D 307 -22.64 -50.52 13.16
C LEU D 307 -21.78 -51.35 12.20
N LEU D 308 -20.53 -50.93 11.99
CA LEU D 308 -19.61 -51.68 11.14
C LEU D 308 -19.08 -52.93 11.82
N GLN D 309 -19.31 -53.10 13.12
CA GLN D 309 -18.84 -54.27 13.86
C GLN D 309 -19.98 -55.02 14.54
N ASN D 310 -21.22 -54.65 14.30
CA ASN D 310 -22.34 -55.31 14.95
C ASN D 310 -22.44 -56.77 14.52
N SER D 311 -22.92 -57.62 15.42
CA SER D 311 -23.01 -59.04 15.14
C SER D 311 -24.11 -59.37 14.12
N TRP D 312 -25.11 -58.51 13.98
CA TRP D 312 -26.24 -58.77 13.11
C TRP D 312 -26.43 -57.61 12.13
N GLN D 313 -26.76 -57.96 10.90
CA GLN D 313 -27.06 -56.99 9.85
C GLN D 313 -25.99 -55.90 9.75
N PRO D 314 -24.73 -56.28 9.46
CA PRO D 314 -23.71 -55.26 9.21
C PRO D 314 -23.92 -54.60 7.86
N ALA D 315 -24.11 -53.29 7.88
CA ALA D 315 -24.43 -52.57 6.65
C ALA D 315 -23.30 -52.67 5.64
N ASP D 316 -23.67 -52.78 4.36
CA ASP D 316 -22.70 -52.81 3.27
C ASP D 316 -22.17 -51.40 3.06
N ILE D 317 -20.85 -51.24 3.20
CA ILE D 317 -20.25 -49.92 3.08
C ILE D 317 -20.38 -49.41 1.64
N SER D 318 -20.17 -50.29 0.66
CA SER D 318 -20.33 -49.94 -0.75
C SER D 318 -21.83 -49.96 -1.07
N ALA D 319 -22.44 -48.78 -1.09
CA ALA D 319 -23.89 -48.68 -1.30
C ALA D 319 -24.16 -47.44 -2.15
N ARG D 320 -24.54 -47.67 -3.41
CA ARG D 320 -24.99 -46.58 -4.25
C ARG D 320 -26.30 -46.02 -3.71
N ASP D 321 -26.31 -44.73 -3.41
CA ASP D 321 -27.49 -44.07 -2.88
C ASP D 321 -28.39 -43.66 -4.05
N SER D 322 -29.43 -42.86 -3.76
CA SER D 322 -30.31 -42.39 -4.83
C SER D 322 -29.52 -41.60 -5.86
N VAL D 323 -28.66 -40.69 -5.39
CA VAL D 323 -27.83 -39.85 -6.30
C VAL D 323 -26.59 -40.67 -6.68
N GLY D 324 -26.36 -41.81 -6.03
CA GLY D 324 -25.17 -42.60 -6.31
C GLY D 324 -23.97 -42.28 -5.47
N ASN D 325 -24.13 -41.37 -4.51
CA ASN D 325 -23.02 -40.89 -3.67
C ASN D 325 -22.74 -41.86 -2.52
N THR D 326 -21.72 -42.71 -2.64
CA THR D 326 -21.33 -43.59 -1.56
C THR D 326 -20.99 -42.75 -0.33
N VAL D 327 -20.94 -43.39 0.84
CA VAL D 327 -20.64 -42.67 2.08
C VAL D 327 -19.42 -41.77 1.89
N LEU D 328 -18.43 -42.24 1.14
CA LEU D 328 -17.26 -41.42 0.87
C LEU D 328 -17.65 -40.18 0.06
N HIS D 329 -18.51 -40.36 -0.93
CA HIS D 329 -18.98 -39.22 -1.72
C HIS D 329 -19.72 -38.23 -0.83
N ALA D 330 -20.56 -38.73 0.07
CA ALA D 330 -21.28 -37.83 0.97
C ALA D 330 -20.31 -37.09 1.88
N LEU D 331 -19.26 -37.77 2.34
CA LEU D 331 -18.24 -37.09 3.13
C LEU D 331 -17.62 -35.96 2.32
N VAL D 332 -17.31 -36.21 1.05
CA VAL D 332 -16.73 -35.17 0.22
C VAL D 332 -17.70 -34.00 0.07
N GLU D 333 -18.98 -34.33 -0.16
CA GLU D 333 -20.03 -33.30 -0.29
C GLU D 333 -20.03 -32.43 0.96
N VAL D 334 -20.11 -33.03 2.14
CA VAL D 334 -20.17 -32.29 3.39
C VAL D 334 -18.89 -31.51 3.65
N ALA D 335 -17.78 -31.91 3.06
CA ALA D 335 -16.51 -31.23 3.31
C ALA D 335 -16.61 -29.77 2.91
N ASP D 336 -15.98 -28.91 3.70
CA ASP D 336 -15.86 -27.49 3.41
C ASP D 336 -14.42 -27.07 3.62
N ASN D 337 -14.11 -25.84 3.19
CA ASN D 337 -12.77 -25.30 3.38
C ASN D 337 -12.48 -24.97 4.84
N THR D 338 -13.47 -25.05 5.72
CA THR D 338 -13.23 -24.79 7.14
C THR D 338 -12.21 -25.78 7.69
N VAL D 339 -11.37 -25.28 8.61
CA VAL D 339 -10.28 -26.09 9.14
C VAL D 339 -10.82 -27.27 9.95
N ASP D 340 -11.76 -27.01 10.86
CA ASP D 340 -12.27 -28.08 11.71
C ASP D 340 -13.06 -29.10 10.90
N ASN D 341 -13.85 -28.64 9.93
CA ASN D 341 -14.56 -29.57 9.07
C ASN D 341 -13.58 -30.42 8.27
N THR D 342 -12.49 -29.82 7.82
CA THR D 342 -11.44 -30.59 7.16
C THR D 342 -10.89 -31.65 8.09
N LYS D 343 -10.60 -31.29 9.33
CA LYS D 343 -10.08 -32.24 10.30
C LYS D 343 -11.02 -33.42 10.46
N PHE D 344 -12.32 -33.13 10.66
CA PHE D 344 -13.28 -34.20 10.87
C PHE D 344 -13.41 -35.09 9.64
N VAL D 345 -13.66 -34.47 8.47
CA VAL D 345 -13.91 -35.24 7.26
C VAL D 345 -12.63 -35.84 6.70
N THR D 346 -11.50 -35.61 7.37
CA THR D 346 -10.20 -36.21 6.96
C THR D 346 -9.88 -37.37 7.91
N SER D 347 -10.00 -37.18 9.23
CA SER D 347 -9.77 -38.26 10.19
C SER D 347 -10.82 -39.36 10.03
N MET D 348 -12.09 -38.97 9.92
CA MET D 348 -13.15 -39.97 9.72
C MET D 348 -12.97 -40.66 8.38
N TYR D 349 -12.57 -39.92 7.34
CA TYR D 349 -12.29 -40.52 6.04
C TYR D 349 -11.27 -41.64 6.18
N ASN D 350 -10.15 -41.35 6.84
CA ASN D 350 -9.11 -42.36 7.01
C ASN D 350 -9.64 -43.55 7.81
N GLU D 351 -10.36 -43.27 8.90
CA GLU D 351 -10.83 -44.35 9.76
C GLU D 351 -11.79 -45.26 9.02
N ILE D 352 -12.78 -44.70 8.32
CA ILE D 352 -13.75 -45.55 7.62
C ILE D 352 -13.07 -46.26 6.46
N LEU D 353 -12.07 -45.64 5.83
CA LEU D 353 -11.33 -46.34 4.78
C LEU D 353 -10.65 -47.58 5.33
N ILE D 354 -9.97 -47.45 6.48
CA ILE D 354 -9.30 -48.61 7.06
C ILE D 354 -10.31 -49.64 7.53
N LEU D 355 -11.45 -49.19 8.06
CA LEU D 355 -12.48 -50.12 8.50
C LEU D 355 -13.02 -50.94 7.34
N GLY D 356 -13.31 -50.27 6.22
CA GLY D 356 -13.73 -50.99 5.03
C GLY D 356 -12.66 -51.92 4.50
N ALA D 357 -11.40 -51.52 4.61
CA ALA D 357 -10.31 -52.41 4.24
C ALA D 357 -10.34 -53.67 5.08
N LYS D 358 -10.55 -53.52 6.39
CA LYS D 358 -10.66 -54.69 7.27
C LYS D 358 -11.85 -55.56 6.88
N LEU D 359 -12.99 -54.94 6.60
CA LEU D 359 -14.19 -55.70 6.24
C LEU D 359 -13.98 -56.46 4.94
N HIS D 360 -13.74 -55.74 3.85
CA HIS D 360 -13.51 -56.33 2.52
C HIS D 360 -12.16 -55.84 2.01
N PRO D 361 -11.07 -56.52 2.37
CA PRO D 361 -9.75 -56.06 1.91
C PRO D 361 -9.62 -56.03 0.39
N THR D 362 -10.43 -56.78 -0.34
CA THR D 362 -10.37 -56.84 -1.79
C THR D 362 -11.57 -56.14 -2.44
N LEU D 363 -12.06 -55.09 -1.79
CA LEU D 363 -13.18 -54.31 -2.31
C LEU D 363 -12.69 -52.91 -2.65
N LYS D 364 -12.96 -52.48 -3.89
CA LYS D 364 -12.57 -51.15 -4.36
C LYS D 364 -13.63 -50.12 -3.97
N LEU D 365 -13.66 -49.80 -2.68
CA LEU D 365 -14.64 -48.84 -2.18
C LEU D 365 -14.37 -47.43 -2.68
N GLU D 366 -13.11 -47.09 -2.93
CA GLU D 366 -12.75 -45.76 -3.39
C GLU D 366 -12.76 -45.63 -4.90
N GLU D 367 -13.17 -46.67 -5.62
CA GLU D 367 -13.32 -46.61 -7.07
C GLU D 367 -14.78 -46.66 -7.50
N ILE D 368 -15.71 -46.65 -6.55
CA ILE D 368 -17.13 -46.71 -6.87
C ILE D 368 -17.60 -45.32 -7.26
N THR D 369 -18.24 -45.23 -8.43
CA THR D 369 -18.68 -43.96 -8.98
C THR D 369 -20.18 -43.79 -8.82
N ASN D 370 -20.61 -42.54 -8.66
CA ASN D 370 -22.03 -42.21 -8.57
C ASN D 370 -22.60 -42.14 -9.99
N ARG D 371 -23.85 -41.67 -10.11
CA ARG D 371 -24.47 -41.59 -11.41
C ARG D 371 -23.68 -40.67 -12.34
N LYS D 372 -23.19 -39.55 -11.80
CA LYS D 372 -22.36 -38.64 -12.59
C LYS D 372 -21.09 -39.31 -13.08
N GLY D 373 -20.66 -40.40 -12.44
CA GLY D 373 -19.51 -41.15 -12.88
C GLY D 373 -18.18 -40.71 -12.31
N LEU D 374 -18.18 -39.94 -11.23
CA LEU D 374 -16.96 -39.48 -10.59
C LEU D 374 -16.72 -40.21 -9.27
N THR D 375 -15.48 -40.67 -9.08
CA THR D 375 -15.05 -41.23 -7.80
C THR D 375 -14.87 -40.11 -6.79
N PRO D 376 -14.75 -40.43 -5.49
CA PRO D 376 -14.64 -39.35 -4.49
C PRO D 376 -13.52 -38.37 -4.79
N LEU D 377 -12.41 -38.83 -5.34
CA LEU D 377 -11.34 -37.91 -5.72
C LEU D 377 -11.84 -36.92 -6.78
N ALA D 378 -12.46 -37.45 -7.84
CA ALA D 378 -12.97 -36.58 -8.90
C ALA D 378 -14.08 -35.67 -8.38
N LEU D 379 -14.95 -36.18 -7.52
CA LEU D 379 -16.01 -35.36 -6.96
C LEU D 379 -15.43 -34.22 -6.13
N ALA D 380 -14.42 -34.50 -5.31
CA ALA D 380 -13.78 -33.46 -4.53
C ALA D 380 -13.13 -32.43 -5.44
N ALA D 381 -12.46 -32.89 -6.49
CA ALA D 381 -11.83 -31.95 -7.42
C ALA D 381 -12.86 -31.06 -8.08
N SER D 382 -14.00 -31.63 -8.50
CA SER D 382 -15.02 -30.85 -9.17
C SER D 382 -15.67 -29.86 -8.22
N SER D 383 -15.93 -30.26 -6.97
CA SER D 383 -16.59 -29.40 -6.00
C SER D 383 -15.63 -28.46 -5.28
N GLY D 384 -14.34 -28.51 -5.60
CA GLY D 384 -13.39 -27.60 -4.99
C GLY D 384 -13.14 -27.85 -3.53
N LYS D 385 -13.02 -29.10 -3.12
CA LYS D 385 -12.69 -29.46 -1.73
C LYS D 385 -11.18 -29.66 -1.66
N ILE D 386 -10.47 -28.61 -1.25
CA ILE D 386 -9.01 -28.63 -1.29
C ILE D 386 -8.44 -29.53 -0.21
N GLY D 387 -9.02 -29.48 1.00
CA GLY D 387 -8.47 -30.29 2.08
C GLY D 387 -8.52 -31.77 1.80
N VAL D 388 -9.66 -32.25 1.29
CA VAL D 388 -9.80 -33.66 0.97
C VAL D 388 -8.81 -34.06 -0.11
N LEU D 389 -8.65 -33.21 -1.13
CA LEU D 389 -7.70 -33.50 -2.19
C LEU D 389 -6.28 -33.59 -1.65
N ALA D 390 -5.90 -32.64 -0.78
CA ALA D 390 -4.56 -32.67 -0.22
C ALA D 390 -4.34 -33.92 0.61
N TYR D 391 -5.37 -34.35 1.34
CA TYR D 391 -5.25 -35.61 2.08
C TYR D 391 -5.03 -36.78 1.13
N ILE D 392 -5.90 -36.92 0.13
CA ILE D 392 -5.85 -38.12 -0.72
C ILE D 392 -4.55 -38.17 -1.50
N LEU D 393 -4.14 -37.04 -2.09
CA LEU D 393 -2.90 -37.03 -2.85
C LEU D 393 -1.67 -37.22 -1.98
N GLN D 394 -1.80 -37.02 -0.66
CA GLN D 394 -0.70 -37.22 0.27
C GLN D 394 -1.06 -38.20 1.38
N ARG D 395 -2.03 -39.08 1.15
CA ARG D 395 -2.43 -40.02 2.18
C ARG D 395 -1.32 -41.03 2.44
N GLU D 396 -0.91 -41.13 3.69
CA GLU D 396 0.17 -42.02 4.10
C GLU D 396 -0.28 -42.88 5.27
N ILE D 397 0.20 -44.12 5.31
CA ILE D 397 -0.12 -45.07 6.35
C ILE D 397 1.16 -45.82 6.73
N HIS D 398 1.39 -45.97 8.03
CA HIS D 398 2.59 -46.63 8.54
C HIS D 398 2.35 -48.10 8.88
N GLU D 399 1.11 -48.55 8.97
CA GLU D 399 0.78 -49.97 9.30
C GLU D 399 1.15 -50.85 8.10
N PRO D 400 2.14 -51.76 8.16
CA PRO D 400 2.56 -52.51 6.96
C PRO D 400 1.44 -53.25 6.27
N GLU D 401 0.50 -53.84 7.03
CA GLU D 401 -0.53 -54.65 6.41
C GLU D 401 -1.50 -53.80 5.60
N CYS D 402 -1.98 -52.69 6.18
CA CYS D 402 -2.98 -51.84 5.53
C CYS D 402 -2.37 -50.59 4.91
N ARG D 403 -1.04 -50.51 4.81
CA ARG D 403 -0.42 -49.37 4.17
C ARG D 403 -0.68 -49.34 2.67
N HIS D 404 -1.04 -50.49 2.07
CA HIS D 404 -1.27 -50.52 0.63
C HIS D 404 -2.40 -49.60 0.21
N LEU D 405 -3.32 -49.28 1.11
CA LEU D 405 -4.33 -48.25 0.85
C LEU D 405 -3.76 -46.87 1.18
N SER D 406 -2.66 -46.56 0.52
CA SER D 406 -1.98 -45.28 0.68
C SER D 406 -1.66 -44.71 -0.69
N ARG D 407 -1.48 -43.40 -0.75
CA ARG D 407 -1.20 -42.69 -1.99
C ARG D 407 0.29 -42.42 -2.17
N LYS D 408 0.97 -41.97 -1.10
CA LYS D 408 2.39 -41.68 -1.14
C LYS D 408 3.16 -42.80 -0.45
N PHE D 409 4.03 -43.48 -1.19
CA PHE D 409 4.87 -44.53 -0.64
C PHE D 409 6.27 -43.97 -0.42
N THR D 410 6.57 -43.58 0.80
CA THR D 410 7.93 -43.13 1.12
C THR D 410 8.92 -44.27 0.87
N GLU D 411 10.02 -43.93 0.21
CA GLU D 411 10.99 -44.95 -0.20
C GLU D 411 12.11 -45.12 0.83
N TRP D 412 12.84 -44.05 1.11
CA TRP D 412 13.96 -44.11 2.05
C TRP D 412 14.24 -42.72 2.58
N ALA D 413 15.02 -42.66 3.65
CA ALA D 413 15.41 -41.39 4.25
C ALA D 413 16.86 -41.54 4.75
N TYR D 414 17.81 -41.15 3.91
CA TYR D 414 19.23 -41.18 4.29
C TYR D 414 19.57 -39.83 4.91
N GLY D 415 19.35 -39.73 6.22
CA GLY D 415 19.49 -38.47 6.91
C GLY D 415 18.29 -37.59 6.67
N PRO D 416 18.48 -36.27 6.62
CA PRO D 416 17.34 -35.39 6.33
C PRO D 416 16.78 -35.56 4.93
N VAL D 417 17.54 -36.14 4.01
CA VAL D 417 17.09 -36.29 2.63
C VAL D 417 16.28 -37.58 2.49
N HIS D 418 15.09 -37.46 1.91
CA HIS D 418 14.24 -38.62 1.72
C HIS D 418 13.38 -38.43 0.48
N SER D 419 13.23 -39.49 -0.31
CA SER D 419 12.37 -39.47 -1.48
C SER D 419 10.92 -39.65 -1.08
N SER D 420 10.01 -39.26 -1.98
CA SER D 420 8.58 -39.33 -1.74
C SER D 420 7.88 -39.73 -3.04
N LEU D 421 7.63 -41.03 -3.19
CA LEU D 421 6.88 -41.51 -4.34
C LEU D 421 5.41 -41.13 -4.21
N TYR D 422 4.69 -41.17 -5.34
CA TYR D 422 3.27 -40.88 -5.39
C TYR D 422 2.57 -41.97 -6.19
N ASP D 423 1.26 -41.79 -6.44
CA ASP D 423 0.42 -42.84 -7.08
C ASP D 423 0.12 -42.51 -8.54
N LEU D 424 -0.39 -41.33 -8.85
CA LEU D 424 -0.72 -40.94 -10.23
C LEU D 424 -1.70 -41.91 -10.86
N SER D 425 -2.48 -42.62 -10.04
CA SER D 425 -3.39 -43.62 -10.58
C SER D 425 -4.44 -42.99 -11.48
N CYS D 426 -5.00 -41.86 -11.06
CA CYS D 426 -6.02 -41.16 -11.82
C CYS D 426 -5.66 -39.70 -12.09
N ILE D 427 -4.51 -39.23 -11.60
CA ILE D 427 -4.15 -37.82 -11.78
C ILE D 427 -3.92 -37.52 -13.26
N ASP D 428 -3.18 -38.38 -13.95
CA ASP D 428 -2.84 -38.13 -15.34
C ASP D 428 -4.09 -38.25 -16.23
N THR D 429 -3.96 -37.72 -17.44
CA THR D 429 -5.04 -37.81 -18.43
C THR D 429 -5.04 -39.23 -18.99
N CYS D 430 -5.39 -40.18 -18.10
CA CYS D 430 -5.39 -41.59 -18.47
C CYS D 430 -6.64 -42.31 -18.01
N GLU D 431 -7.65 -41.59 -17.53
CA GLU D 431 -8.91 -42.18 -17.10
C GLU D 431 -10.06 -41.35 -17.65
N LYS D 432 -11.28 -41.82 -17.41
CA LYS D 432 -12.45 -41.20 -18.00
C LYS D 432 -12.61 -39.75 -17.53
N ASN D 433 -12.51 -39.52 -16.23
CA ASN D 433 -12.56 -38.18 -15.67
C ASN D 433 -11.38 -38.04 -14.71
N SER D 434 -10.29 -37.45 -15.19
CA SER D 434 -9.08 -37.30 -14.41
C SER D 434 -9.15 -36.06 -13.52
N VAL D 435 -8.31 -36.05 -12.48
CA VAL D 435 -8.29 -34.92 -11.57
C VAL D 435 -7.80 -33.66 -12.30
N LEU D 436 -6.73 -33.79 -13.08
CA LEU D 436 -6.19 -32.64 -13.78
C LEU D 436 -7.17 -32.11 -14.82
N GLU D 437 -7.81 -33.00 -15.57
CA GLU D 437 -8.81 -32.56 -16.53
C GLU D 437 -9.98 -31.88 -15.83
N VAL D 438 -10.41 -32.44 -14.69
CA VAL D 438 -11.53 -31.87 -13.95
C VAL D 438 -11.18 -30.46 -13.47
N ILE D 439 -9.96 -30.28 -12.96
CA ILE D 439 -9.55 -28.96 -12.48
C ILE D 439 -9.45 -27.99 -13.63
N ALA D 440 -8.90 -28.42 -14.76
CA ALA D 440 -8.68 -27.52 -15.88
C ALA D 440 -9.99 -27.06 -16.49
N TYR D 441 -10.89 -28.00 -16.77
CA TYR D 441 -12.12 -27.71 -17.50
C TYR D 441 -13.29 -27.39 -16.59
N SER D 442 -13.08 -27.35 -15.28
CA SER D 442 -14.14 -26.90 -14.39
C SER D 442 -14.33 -25.39 -14.53
N SER D 443 -15.58 -24.96 -14.55
CA SER D 443 -15.88 -23.55 -14.69
C SER D 443 -15.42 -22.79 -13.44
N SER D 444 -15.48 -21.45 -13.54
CA SER D 444 -15.06 -20.62 -12.41
C SER D 444 -15.97 -20.75 -11.21
N GLU D 445 -17.13 -21.39 -11.36
CA GLU D 445 -18.06 -21.52 -10.24
C GLU D 445 -17.42 -22.23 -9.06
N THR D 446 -16.71 -23.32 -9.32
CA THR D 446 -16.07 -24.05 -8.23
C THR D 446 -14.99 -23.17 -7.60
N PRO D 447 -14.98 -23.02 -6.28
CA PRO D 447 -14.02 -22.10 -5.66
C PRO D 447 -12.60 -22.65 -5.67
N ASN D 448 -11.63 -21.74 -5.74
CA ASN D 448 -10.23 -22.08 -5.53
C ASN D 448 -9.70 -23.02 -6.61
N ARG D 449 -10.36 -23.04 -7.77
CA ARG D 449 -9.97 -23.99 -8.80
C ARG D 449 -8.53 -23.79 -9.23
N HIS D 450 -8.04 -22.56 -9.22
CA HIS D 450 -6.65 -22.27 -9.52
C HIS D 450 -5.74 -22.36 -8.30
N ASP D 451 -6.31 -22.50 -7.10
CA ASP D 451 -5.52 -22.69 -5.89
C ASP D 451 -5.28 -24.16 -5.57
N MET D 452 -6.15 -25.06 -6.03
CA MET D 452 -5.94 -26.47 -5.80
C MET D 452 -4.68 -26.97 -6.50
N LEU D 453 -4.38 -26.43 -7.68
CA LEU D 453 -3.20 -26.88 -8.42
C LEU D 453 -1.91 -26.55 -7.71
N LEU D 454 -1.94 -25.81 -6.61
CA LEU D 454 -0.73 -25.52 -5.85
C LEU D 454 -0.30 -26.68 -4.95
N VAL D 455 -1.12 -27.73 -4.85
CA VAL D 455 -0.67 -28.91 -4.12
C VAL D 455 0.63 -29.40 -4.74
N GLU D 456 1.52 -29.92 -3.89
CA GLU D 456 2.86 -30.27 -4.34
C GLU D 456 2.85 -31.27 -5.50
N PRO D 457 2.12 -32.39 -5.44
CA PRO D 457 2.24 -33.39 -6.51
C PRO D 457 1.80 -32.84 -7.86
N LEU D 458 0.66 -32.16 -7.90
CA LEU D 458 0.16 -31.64 -9.16
C LEU D 458 1.09 -30.58 -9.74
N ASN D 459 1.58 -29.66 -8.91
CA ASN D 459 2.48 -28.62 -9.40
C ASN D 459 3.76 -29.23 -9.96
N ARG D 460 4.36 -30.16 -9.20
CA ARG D 460 5.60 -30.77 -9.66
C ARG D 460 5.37 -31.56 -10.95
N LEU D 461 4.27 -32.30 -11.03
CA LEU D 461 3.99 -33.08 -12.24
C LEU D 461 3.77 -32.17 -13.44
N LEU D 462 3.03 -31.07 -13.27
CA LEU D 462 2.77 -30.17 -14.38
C LEU D 462 4.06 -29.53 -14.87
N GLN D 463 4.90 -29.07 -13.94
CA GLN D 463 6.17 -28.49 -14.36
C GLN D 463 7.06 -29.53 -15.02
N ASP D 464 7.00 -30.78 -14.56
CA ASP D 464 7.74 -31.85 -15.20
C ASP D 464 7.30 -32.03 -16.65
N LYS D 465 5.99 -32.14 -16.87
CA LYS D 465 5.50 -32.31 -18.23
C LYS D 465 5.89 -31.13 -19.10
N TRP D 466 5.76 -29.90 -18.58
CA TRP D 466 6.13 -28.72 -19.35
C TRP D 466 7.60 -28.74 -19.73
N ASP D 467 8.49 -28.93 -18.76
CA ASP D 467 9.92 -28.95 -19.03
C ASP D 467 10.34 -30.11 -19.90
N ARG D 468 9.56 -31.19 -19.95
CA ARG D 468 9.96 -32.40 -20.65
C ARG D 468 9.49 -32.44 -22.09
N PHE D 469 8.19 -32.23 -22.35
CA PHE D 469 7.68 -32.46 -23.69
C PHE D 469 6.65 -31.45 -24.19
N VAL D 470 6.36 -30.39 -23.45
CA VAL D 470 5.38 -29.40 -23.90
C VAL D 470 5.99 -28.03 -24.19
N LYS D 471 7.11 -27.68 -23.56
CA LYS D 471 7.70 -26.37 -23.85
C LYS D 471 8.13 -26.26 -25.30
N ARG D 472 8.74 -27.31 -25.83
CA ARG D 472 9.19 -27.27 -27.23
C ARG D 472 8.02 -27.16 -28.19
N ILE D 473 6.95 -27.92 -27.95
CA ILE D 473 5.80 -27.84 -28.83
C ILE D 473 5.15 -26.47 -28.73
N PHE D 474 5.10 -25.90 -27.53
CA PHE D 474 4.54 -24.56 -27.37
C PHE D 474 5.36 -23.54 -28.14
N TYR D 475 6.68 -23.62 -28.06
CA TYR D 475 7.53 -22.69 -28.80
C TYR D 475 7.38 -22.87 -30.30
N PHE D 476 7.25 -24.13 -30.76
CA PHE D 476 7.04 -24.35 -32.19
C PHE D 476 5.73 -23.74 -32.65
N ASN D 477 4.66 -23.90 -31.88
CA ASN D 477 3.38 -23.29 -32.22
C ASN D 477 3.48 -21.76 -32.21
N PHE D 478 4.21 -21.21 -31.24
CA PHE D 478 4.39 -19.77 -31.18
C PHE D 478 5.11 -19.26 -32.42
N PHE D 479 6.15 -19.97 -32.85
CA PHE D 479 6.88 -19.58 -34.05
C PHE D 479 6.00 -19.69 -35.29
N VAL D 480 5.20 -20.75 -35.38
CA VAL D 480 4.34 -20.93 -36.54
C VAL D 480 3.29 -19.82 -36.60
N TYR D 481 2.75 -19.44 -35.44
CA TYR D 481 1.78 -18.35 -35.43
C TYR D 481 2.44 -17.03 -35.80
N CYS D 482 3.67 -16.80 -35.35
CA CYS D 482 4.38 -15.60 -35.78
C CYS D 482 4.54 -15.58 -37.28
N LEU D 483 4.91 -16.71 -37.88
CA LEU D 483 5.05 -16.78 -39.33
C LEU D 483 3.70 -16.51 -40.02
N TYR D 484 2.63 -17.07 -39.48
CA TYR D 484 1.32 -16.84 -40.08
C TYR D 484 0.94 -15.38 -40.03
N MET D 485 1.17 -14.73 -38.90
CA MET D 485 0.83 -13.31 -38.77
C MET D 485 1.68 -12.47 -39.71
N ILE D 486 2.96 -12.81 -39.86
CA ILE D 486 3.81 -12.06 -40.78
C ILE D 486 3.32 -12.24 -42.21
N ILE D 487 2.93 -13.46 -42.58
CA ILE D 487 2.43 -13.70 -43.93
C ILE D 487 1.14 -12.92 -44.16
N PHE D 488 0.22 -12.94 -43.18
CA PHE D 488 -1.00 -12.18 -43.32
C PHE D 488 -0.72 -10.70 -43.48
N THR D 489 0.20 -10.16 -42.68
CA THR D 489 0.54 -8.75 -42.76
C THR D 489 1.10 -8.40 -44.14
N ALA D 490 2.03 -9.22 -44.64
CA ALA D 490 2.66 -8.92 -45.91
C ALA D 490 1.67 -9.06 -47.06
N ALA D 491 0.74 -10.01 -46.97
CA ALA D 491 -0.22 -10.22 -48.04
C ALA D 491 -1.25 -9.09 -48.07
N ALA D 492 -1.78 -8.71 -46.90
CA ALA D 492 -2.75 -7.64 -46.86
C ALA D 492 -2.11 -6.30 -47.22
N TYR D 493 -0.88 -6.06 -46.76
CA TYR D 493 -0.21 -4.79 -47.03
C TYR D 493 -0.08 -4.55 -48.52
N TYR D 494 0.17 -5.61 -49.29
CA TYR D 494 0.38 -5.49 -50.74
C TYR D 494 -0.88 -5.75 -51.54
N ARG D 495 -2.05 -5.51 -50.95
CA ARG D 495 -3.29 -5.80 -51.64
C ARG D 495 -3.47 -4.86 -52.84
N PRO D 496 -3.97 -5.39 -53.97
CA PRO D 496 -4.23 -4.51 -55.12
C PRO D 496 -5.29 -3.48 -54.80
N VAL D 497 -5.11 -2.28 -55.36
CA VAL D 497 -5.97 -1.14 -55.09
C VAL D 497 -6.72 -0.68 -56.34
N GLU D 498 -6.56 -1.42 -57.43
CA GLU D 498 -7.17 -1.04 -58.73
C GLU D 498 -8.08 -2.19 -59.17
N GLY D 499 -9.32 -1.90 -59.56
CA GLY D 499 -10.25 -2.93 -60.01
C GLY D 499 -10.95 -3.62 -58.86
N LEU D 500 -12.25 -3.80 -59.01
CA LEU D 500 -13.03 -4.46 -57.98
C LEU D 500 -12.63 -5.93 -57.89
N PRO D 501 -12.72 -6.54 -56.72
CA PRO D 501 -12.30 -7.95 -56.57
C PRO D 501 -13.29 -8.87 -57.24
N PRO D 502 -12.88 -10.12 -57.54
CA PRO D 502 -11.55 -10.70 -57.38
C PRO D 502 -10.56 -10.15 -58.42
N TYR D 503 -9.27 -10.37 -58.23
CA TYR D 503 -8.24 -9.82 -59.10
C TYR D 503 -7.62 -10.91 -59.96
N LYS D 504 -6.89 -10.49 -60.99
CA LYS D 504 -6.36 -11.41 -61.98
C LYS D 504 -5.19 -12.21 -61.40
N LEU D 505 -4.89 -13.34 -62.07
CA LEU D 505 -3.69 -14.11 -61.79
C LEU D 505 -2.65 -13.74 -62.84
N LYS D 506 -1.72 -12.86 -62.47
CA LYS D 506 -0.69 -12.40 -63.41
C LYS D 506 0.39 -13.47 -63.56
N ASN D 507 1.26 -13.26 -64.54
CA ASN D 507 2.37 -14.20 -64.83
C ASN D 507 3.61 -13.78 -64.04
N THR D 508 3.52 -12.74 -63.21
CA THR D 508 4.66 -12.30 -62.42
C THR D 508 4.78 -13.11 -61.13
N VAL D 509 6.01 -13.17 -60.62
CA VAL D 509 6.24 -13.86 -59.35
C VAL D 509 5.54 -13.14 -58.22
N GLY D 510 5.46 -11.80 -58.30
CA GLY D 510 4.83 -11.04 -57.23
C GLY D 510 3.39 -11.45 -56.99
N ASP D 511 2.61 -11.58 -58.07
CA ASP D 511 1.21 -11.98 -57.93
C ASP D 511 1.10 -13.39 -57.36
N TYR D 512 1.99 -14.29 -57.79
CA TYR D 512 1.97 -15.65 -57.25
C TYR D 512 2.25 -15.65 -55.76
N PHE D 513 3.24 -14.88 -55.32
CA PHE D 513 3.53 -14.79 -53.89
C PHE D 513 2.38 -14.16 -53.13
N ARG D 514 1.73 -13.15 -53.71
CA ARG D 514 0.57 -12.53 -53.07
C ARG D 514 -0.56 -13.54 -52.90
N VAL D 515 -0.82 -14.34 -53.93
CA VAL D 515 -1.87 -15.34 -53.83
C VAL D 515 -1.50 -16.40 -52.81
N THR D 516 -0.23 -16.77 -52.75
CA THR D 516 0.22 -17.71 -51.71
C THR D 516 -0.02 -17.15 -50.32
N GLY D 517 0.30 -15.87 -50.11
CA GLY D 517 0.05 -15.25 -48.83
C GLY D 517 -1.43 -15.24 -48.48
N GLU D 518 -2.28 -14.88 -49.45
CA GLU D 518 -3.72 -14.81 -49.19
C GLU D 518 -4.26 -16.19 -48.84
N ILE D 519 -3.85 -17.22 -49.59
CA ILE D 519 -4.38 -18.56 -49.35
C ILE D 519 -3.85 -19.11 -48.02
N LEU D 520 -2.60 -18.84 -47.68
CA LEU D 520 -2.09 -19.24 -46.37
C LEU D 520 -2.87 -18.56 -45.25
N SER D 521 -3.16 -17.27 -45.41
CA SER D 521 -3.95 -16.57 -44.41
C SER D 521 -5.32 -17.20 -44.26
N VAL D 522 -5.97 -17.50 -45.38
CA VAL D 522 -7.31 -18.09 -45.33
C VAL D 522 -7.25 -19.47 -44.66
N SER D 523 -6.22 -20.26 -44.96
CA SER D 523 -6.08 -21.57 -44.35
C SER D 523 -5.94 -21.45 -42.84
N GLY D 524 -5.09 -20.52 -42.38
CA GLY D 524 -4.96 -20.30 -40.96
C GLY D 524 -6.26 -19.87 -40.32
N GLY D 525 -7.00 -19.00 -41.01
CA GLY D 525 -8.26 -18.53 -40.46
C GLY D 525 -9.28 -19.65 -40.31
N VAL D 526 -9.40 -20.50 -41.33
CA VAL D 526 -10.35 -21.60 -41.24
C VAL D 526 -9.90 -22.61 -40.19
N TYR D 527 -8.58 -22.82 -40.06
CA TYR D 527 -8.11 -23.71 -39.00
C TYR D 527 -8.50 -23.18 -37.63
N PHE D 528 -8.32 -21.88 -37.41
CA PHE D 528 -8.69 -21.30 -36.11
C PHE D 528 -10.20 -21.36 -35.90
N PHE D 529 -10.98 -21.16 -36.97
CA PHE D 529 -12.43 -21.30 -36.88
C PHE D 529 -12.81 -22.69 -36.39
N PHE D 530 -12.27 -23.73 -37.03
CA PHE D 530 -12.60 -25.09 -36.65
C PHE D 530 -12.09 -25.39 -35.24
N ARG D 531 -10.93 -24.86 -34.87
CA ARG D 531 -10.42 -25.08 -33.52
C ARG D 531 -11.36 -24.47 -32.48
N GLY D 532 -11.87 -23.26 -32.76
CA GLY D 532 -12.82 -22.65 -31.84
C GLY D 532 -14.10 -23.44 -31.73
N ILE D 533 -14.61 -23.93 -32.86
CA ILE D 533 -15.82 -24.76 -32.80
C ILE D 533 -15.57 -26.02 -32.01
N GLN D 534 -14.41 -26.66 -32.21
CA GLN D 534 -14.07 -27.85 -31.45
C GLN D 534 -14.00 -27.55 -29.96
N TYR D 535 -13.39 -26.43 -29.61
CA TYR D 535 -13.34 -26.03 -28.20
C TYR D 535 -14.75 -25.87 -27.64
N PHE D 536 -15.62 -25.18 -28.36
CA PHE D 536 -16.98 -24.97 -27.88
C PHE D 536 -17.70 -26.29 -27.67
N LEU D 537 -17.60 -27.22 -28.63
CA LEU D 537 -18.32 -28.47 -28.49
C LEU D 537 -17.74 -29.36 -27.40
N GLN D 538 -16.42 -29.53 -27.37
CA GLN D 538 -15.81 -30.40 -26.36
C GLN D 538 -16.04 -29.87 -24.96
N ARG D 539 -15.75 -28.57 -24.74
CA ARG D 539 -15.84 -28.03 -23.39
C ARG D 539 -17.28 -27.70 -23.01
N ARG D 540 -18.10 -27.23 -23.96
CA ARG D 540 -19.38 -26.62 -23.65
C ARG D 540 -19.19 -25.62 -22.51
N PRO D 541 -18.43 -24.55 -22.73
CA PRO D 541 -18.05 -23.67 -21.61
C PRO D 541 -19.25 -22.91 -21.06
N SER D 542 -19.11 -22.48 -19.81
CA SER D 542 -20.19 -21.80 -19.13
C SER D 542 -20.67 -20.60 -19.93
N LEU D 543 -21.98 -20.52 -20.11
CA LEU D 543 -22.60 -19.41 -20.82
C LEU D 543 -22.82 -18.19 -19.93
N LYS D 544 -22.78 -18.37 -18.61
CA LYS D 544 -22.99 -17.24 -17.70
C LYS D 544 -21.83 -16.24 -17.82
N SER D 545 -20.60 -16.72 -17.71
CA SER D 545 -19.40 -15.88 -17.80
C SER D 545 -18.34 -16.62 -18.60
N LEU D 546 -18.35 -16.42 -19.92
CA LEU D 546 -17.34 -16.98 -20.80
C LEU D 546 -16.26 -15.98 -21.19
N PHE D 547 -16.32 -14.76 -20.67
CA PHE D 547 -15.28 -13.76 -20.89
C PHE D 547 -14.22 -13.77 -19.79
N VAL D 548 -14.35 -14.65 -18.80
CA VAL D 548 -13.41 -14.70 -17.70
C VAL D 548 -12.48 -15.91 -17.79
N ASP D 549 -12.87 -16.97 -18.51
CA ASP D 549 -12.06 -18.16 -18.65
C ASP D 549 -11.73 -18.53 -20.09
N SER D 550 -12.43 -17.98 -21.08
CA SER D 550 -12.22 -18.30 -22.47
C SER D 550 -12.05 -17.03 -23.30
N TYR D 551 -11.37 -16.03 -22.73
CA TYR D 551 -11.18 -14.77 -23.42
C TYR D 551 -10.35 -14.95 -24.69
N SER D 552 -9.19 -15.59 -24.56
CA SER D 552 -8.27 -15.69 -25.69
C SER D 552 -8.86 -16.56 -26.80
N GLU D 553 -9.52 -17.66 -26.44
CA GLU D 553 -10.13 -18.50 -27.46
C GLU D 553 -11.23 -17.75 -28.18
N ILE D 554 -12.01 -16.96 -27.43
CA ILE D 554 -13.03 -16.13 -28.05
C ILE D 554 -12.40 -15.17 -29.04
N LEU D 555 -11.27 -14.57 -28.67
CA LEU D 555 -10.62 -13.61 -29.57
C LEU D 555 -10.09 -14.29 -30.82
N PHE D 556 -9.50 -15.48 -30.67
CA PHE D 556 -9.04 -16.23 -31.85
C PHE D 556 -10.21 -16.57 -32.76
N PHE D 557 -11.33 -17.00 -32.17
CA PHE D 557 -12.51 -17.33 -32.97
C PHE D 557 -13.02 -16.11 -33.70
N VAL D 558 -13.02 -14.94 -33.04
CA VAL D 558 -13.48 -13.71 -33.67
C VAL D 558 -12.57 -13.35 -34.84
N GLN D 559 -11.26 -13.50 -34.66
CA GLN D 559 -10.33 -13.24 -35.76
C GLN D 559 -10.64 -14.15 -36.95
N SER D 560 -10.82 -15.44 -36.69
CA SER D 560 -11.11 -16.37 -37.77
C SER D 560 -12.42 -16.02 -38.46
N LEU D 561 -13.43 -15.65 -37.67
CA LEU D 561 -14.72 -15.29 -38.24
C LEU D 561 -14.61 -14.05 -39.12
N PHE D 562 -13.84 -13.05 -38.67
CA PHE D 562 -13.63 -11.86 -39.49
C PHE D 562 -12.95 -12.22 -40.80
N MET D 563 -11.93 -13.08 -40.74
CA MET D 563 -11.25 -13.46 -41.97
C MET D 563 -12.18 -14.22 -42.91
N LEU D 564 -13.03 -15.09 -42.36
CA LEU D 564 -13.97 -15.81 -43.21
C LEU D 564 -14.98 -14.87 -43.85
N VAL D 565 -15.44 -13.86 -43.10
CA VAL D 565 -16.34 -12.85 -43.68
C VAL D 565 -15.62 -12.10 -44.79
N SER D 566 -14.34 -11.77 -44.58
CA SER D 566 -13.58 -11.07 -45.62
C SER D 566 -13.47 -11.92 -46.87
N VAL D 567 -13.26 -13.23 -46.71
CA VAL D 567 -13.20 -14.11 -47.86
C VAL D 567 -14.56 -14.19 -48.55
N VAL D 568 -15.63 -14.21 -47.77
CA VAL D 568 -16.98 -14.26 -48.34
C VAL D 568 -17.21 -13.03 -49.20
N LEU D 569 -16.84 -11.86 -48.71
CA LEU D 569 -17.09 -10.62 -49.44
C LEU D 569 -16.16 -10.46 -50.62
N TYR D 570 -14.90 -10.87 -50.48
CA TYR D 570 -13.94 -10.69 -51.55
C TYR D 570 -14.36 -11.39 -52.83
N PHE D 571 -15.10 -12.50 -52.70
CA PHE D 571 -15.59 -13.25 -53.85
C PHE D 571 -17.00 -12.85 -54.24
N SER D 572 -17.60 -11.88 -53.55
CA SER D 572 -18.90 -11.34 -53.93
C SER D 572 -18.78 -10.04 -54.71
N GLN D 573 -17.61 -9.80 -55.31
CA GLN D 573 -17.37 -8.59 -56.08
C GLN D 573 -17.69 -7.35 -55.26
N ARG D 574 -17.33 -7.39 -53.97
CA ARG D 574 -17.57 -6.29 -53.05
C ARG D 574 -16.24 -5.87 -52.44
N LYS D 575 -16.09 -4.57 -52.20
CA LYS D 575 -14.83 -3.99 -51.74
C LYS D 575 -14.87 -3.60 -50.27
N GLU D 576 -15.79 -4.20 -49.50
CA GLU D 576 -15.83 -4.00 -48.06
C GLU D 576 -15.04 -5.07 -47.31
N TYR D 577 -14.38 -5.97 -48.02
CA TYR D 577 -13.56 -6.97 -47.37
C TYR D 577 -12.33 -6.36 -46.71
N VAL D 578 -11.95 -5.14 -47.11
CA VAL D 578 -10.80 -4.49 -46.51
C VAL D 578 -11.03 -4.29 -45.01
N ALA D 579 -12.23 -3.86 -44.62
CA ALA D 579 -12.51 -3.63 -43.21
C ALA D 579 -12.37 -4.91 -42.40
N SER D 580 -13.01 -5.99 -42.86
CA SER D 580 -12.95 -7.25 -42.13
C SER D 580 -11.51 -7.77 -42.06
N MET D 581 -10.78 -7.68 -43.17
CA MET D 581 -9.41 -8.16 -43.17
C MET D 581 -8.54 -7.35 -42.21
N VAL D 582 -8.73 -6.04 -42.18
CA VAL D 582 -7.95 -5.19 -41.28
C VAL D 582 -8.26 -5.51 -39.83
N PHE D 583 -9.55 -5.69 -39.51
CA PHE D 583 -9.91 -6.06 -38.14
C PHE D 583 -9.29 -7.40 -37.76
N SER D 584 -9.34 -8.37 -38.66
CA SER D 584 -8.72 -9.66 -38.39
C SER D 584 -7.23 -9.52 -38.17
N LEU D 585 -6.57 -8.67 -38.96
CA LEU D 585 -5.13 -8.47 -38.83
C LEU D 585 -4.78 -7.89 -37.47
N ALA D 586 -5.49 -6.82 -37.06
CA ALA D 586 -5.21 -6.21 -35.77
C ALA D 586 -5.49 -7.19 -34.64
N MET D 587 -6.60 -7.93 -34.72
CA MET D 587 -6.90 -8.93 -33.70
C MET D 587 -5.81 -9.99 -33.63
N GLY D 588 -5.34 -10.45 -34.78
CA GLY D 588 -4.29 -11.47 -34.78
C GLY D 588 -3.01 -10.97 -34.14
N TRP D 589 -2.61 -9.74 -34.45
CA TRP D 589 -1.40 -9.20 -33.84
C TRP D 589 -1.57 -9.03 -32.34
N THR D 590 -2.72 -8.51 -31.90
CA THR D 590 -2.95 -8.38 -30.46
C THR D 590 -3.08 -9.72 -29.76
N ASN D 591 -3.40 -10.79 -30.50
CA ASN D 591 -3.55 -12.11 -29.91
C ASN D 591 -2.23 -12.84 -29.73
N MET D 592 -1.11 -12.25 -30.14
CA MET D 592 0.19 -12.84 -29.83
C MET D 592 0.43 -12.90 -28.32
N LEU D 593 -0.34 -12.14 -27.54
CA LEU D 593 -0.21 -12.19 -26.09
C LEU D 593 -0.71 -13.52 -25.51
N TYR D 594 -1.44 -14.31 -26.30
CA TYR D 594 -1.83 -15.63 -25.83
C TYR D 594 -0.60 -16.50 -25.56
N TYR D 595 0.52 -16.18 -26.20
CA TYR D 595 1.72 -16.99 -26.10
C TYR D 595 2.67 -16.50 -25.02
N THR D 596 2.30 -15.47 -24.27
CA THR D 596 3.09 -15.03 -23.13
C THR D 596 2.81 -15.83 -21.88
N ARG D 597 2.01 -16.89 -21.98
CA ARG D 597 1.74 -17.75 -20.84
C ARG D 597 2.75 -18.87 -20.70
N GLY D 598 3.65 -19.04 -21.66
CA GLY D 598 4.76 -19.95 -21.49
C GLY D 598 5.93 -19.37 -20.73
N PHE D 599 5.87 -18.09 -20.39
CA PHE D 599 6.94 -17.39 -19.69
C PHE D 599 6.38 -16.83 -18.39
N GLN D 600 7.10 -17.05 -17.28
CA GLN D 600 6.51 -16.87 -15.96
C GLN D 600 6.26 -15.41 -15.62
N GLN D 601 6.99 -14.46 -16.19
CA GLN D 601 6.82 -13.06 -15.85
C GLN D 601 5.90 -12.31 -16.80
N MET D 602 5.90 -12.68 -18.09
CA MET D 602 4.97 -12.04 -19.01
C MET D 602 3.56 -12.60 -18.87
N GLY D 603 3.43 -13.86 -18.46
CA GLY D 603 2.10 -14.41 -18.24
C GLY D 603 1.34 -13.65 -17.18
N ILE D 604 2.02 -13.28 -16.10
CA ILE D 604 1.37 -12.49 -15.05
C ILE D 604 0.94 -11.14 -15.61
N TYR D 605 1.76 -10.56 -16.48
CA TYR D 605 1.39 -9.29 -17.08
C TYR D 605 0.14 -9.42 -17.94
N ALA D 606 0.05 -10.48 -18.73
CA ALA D 606 -1.15 -10.69 -19.54
C ALA D 606 -2.38 -10.92 -18.68
N VAL D 607 -2.23 -11.69 -17.60
CA VAL D 607 -3.37 -11.94 -16.71
C VAL D 607 -3.82 -10.63 -16.07
N MET D 608 -2.88 -9.80 -15.63
CA MET D 608 -3.24 -8.52 -15.05
C MET D 608 -3.92 -7.62 -16.08
N ILE D 609 -3.44 -7.65 -17.33
CA ILE D 609 -3.96 -6.79 -18.43
C ILE D 609 -5.38 -7.20 -18.76
N GLU D 610 -5.75 -8.44 -18.48
CA GLU D 610 -7.10 -8.96 -18.80
C GLU D 610 -8.01 -8.71 -17.60
N LYS D 611 -7.45 -8.72 -16.39
CA LYS D 611 -8.22 -8.50 -15.15
C LYS D 611 -8.56 -7.01 -15.06
N MET D 612 -7.63 -6.13 -15.41
CA MET D 612 -7.91 -4.70 -15.44
C MET D 612 -8.82 -4.29 -16.58
N ILE D 613 -8.87 -5.05 -17.68
CA ILE D 613 -9.84 -4.77 -18.72
C ILE D 613 -11.26 -5.14 -18.29
N LEU D 614 -11.43 -6.32 -17.70
CA LEU D 614 -12.77 -6.77 -17.30
C LEU D 614 -13.21 -6.24 -15.94
N ARG D 615 -12.34 -5.55 -15.22
CA ARG D 615 -12.64 -5.12 -13.86
C ARG D 615 -12.60 -3.60 -13.70
N ASP D 616 -11.57 -2.94 -14.23
CA ASP D 616 -11.37 -1.51 -14.02
C ASP D 616 -11.64 -0.66 -15.25
N LEU D 617 -11.30 -1.14 -16.45
CA LEU D 617 -11.50 -0.33 -17.65
C LEU D 617 -12.97 -0.28 -18.04
N CYS D 618 -13.72 -1.35 -17.79
CA CYS D 618 -15.13 -1.37 -18.18
C CYS D 618 -15.93 -0.33 -17.40
N ARG D 619 -15.75 -0.29 -16.08
CA ARG D 619 -16.50 0.67 -15.27
C ARG D 619 -16.13 2.10 -15.64
N PHE D 620 -14.83 2.38 -15.80
CA PHE D 620 -14.41 3.71 -16.18
C PHE D 620 -14.97 4.08 -17.53
N MET D 621 -14.98 3.14 -18.48
CA MET D 621 -15.54 3.43 -19.80
C MET D 621 -17.02 3.73 -19.70
N PHE D 622 -17.76 3.00 -18.87
CA PHE D 622 -19.18 3.28 -18.70
C PHE D 622 -19.40 4.71 -18.20
N VAL D 623 -18.73 5.07 -17.10
CA VAL D 623 -18.94 6.39 -16.52
C VAL D 623 -18.47 7.47 -17.49
N TYR D 624 -17.33 7.24 -18.15
CA TYR D 624 -16.78 8.23 -19.07
C TYR D 624 -17.69 8.43 -20.27
N LEU D 625 -18.27 7.36 -20.79
CA LEU D 625 -19.22 7.52 -21.89
C LEU D 625 -20.45 8.28 -21.44
N VAL D 626 -20.94 8.03 -20.22
CA VAL D 626 -22.07 8.81 -19.72
C VAL D 626 -21.72 10.30 -19.72
N PHE D 627 -20.58 10.65 -19.13
CA PHE D 627 -20.19 12.06 -19.04
C PHE D 627 -19.99 12.66 -20.43
N LEU D 628 -19.27 11.93 -21.30
CA LEU D 628 -18.96 12.45 -22.62
C LEU D 628 -20.23 12.70 -23.41
N PHE D 629 -21.15 11.74 -23.41
CA PHE D 629 -22.40 11.93 -24.15
C PHE D 629 -23.20 13.09 -23.58
N GLY D 630 -23.28 13.20 -22.26
CA GLY D 630 -24.03 14.30 -21.68
C GLY D 630 -23.49 15.65 -22.11
N PHE D 631 -22.19 15.87 -21.91
CA PHE D 631 -21.61 17.17 -22.23
C PHE D 631 -21.57 17.42 -23.72
N SER D 632 -21.44 16.37 -24.55
CA SER D 632 -21.44 16.56 -26.00
C SER D 632 -22.81 16.96 -26.49
N THR D 633 -23.87 16.34 -25.97
CA THR D 633 -25.22 16.77 -26.31
C THR D 633 -25.45 18.20 -25.86
N ALA D 634 -24.99 18.54 -24.65
CA ALA D 634 -25.07 19.92 -24.19
C ALA D 634 -24.44 20.88 -25.19
N VAL D 635 -23.20 20.58 -25.60
CA VAL D 635 -22.47 21.48 -26.48
C VAL D 635 -23.17 21.61 -27.82
N VAL D 636 -23.52 20.48 -28.45
CA VAL D 636 -24.12 20.55 -29.78
C VAL D 636 -25.46 21.27 -29.70
N THR D 637 -26.15 21.19 -28.56
CA THR D 637 -27.32 22.03 -28.35
C THR D 637 -26.92 23.50 -28.32
N LEU D 638 -25.81 23.83 -27.67
CA LEU D 638 -25.37 25.22 -27.61
C LEU D 638 -25.04 25.75 -29.00
N ILE D 639 -24.33 24.95 -29.81
CA ILE D 639 -23.93 25.40 -31.13
C ILE D 639 -25.16 25.67 -31.98
N GLU D 640 -25.12 26.74 -32.76
CA GLU D 640 -26.23 27.14 -33.61
C GLU D 640 -25.90 27.06 -35.10
N ASP D 641 -24.75 27.61 -35.51
CA ASP D 641 -24.32 27.59 -36.91
C ASP D 641 -25.38 28.25 -37.81
N GLY D 642 -25.61 29.53 -37.53
CA GLY D 642 -26.58 30.30 -38.30
C GLY D 642 -25.95 31.34 -39.19
N LYS D 643 -24.67 31.16 -39.53
CA LYS D 643 -23.94 32.13 -40.34
C LYS D 643 -24.33 32.00 -41.81
N GLY D 664 -14.68 24.49 -39.74
CA GLY D 664 -15.10 24.98 -38.45
C GLY D 664 -16.54 25.48 -38.45
N ASN D 665 -17.36 24.89 -39.32
CA ASN D 665 -18.76 25.26 -39.43
C ASN D 665 -19.72 24.08 -39.28
N SER D 666 -19.37 22.89 -39.77
CA SER D 666 -20.25 21.73 -39.69
C SER D 666 -19.97 20.92 -38.43
N TYR D 667 -19.96 21.63 -37.31
CA TYR D 667 -19.75 21.00 -36.00
C TYR D 667 -21.05 20.66 -35.31
N ASN D 668 -22.19 20.89 -35.96
CA ASN D 668 -23.48 20.54 -35.35
C ASN D 668 -23.58 19.05 -35.06
N SER D 669 -23.04 18.21 -35.95
CA SER D 669 -23.16 16.77 -35.79
C SER D 669 -22.62 16.35 -34.43
N LEU D 670 -23.36 15.46 -33.76
CA LEU D 670 -22.92 14.97 -32.47
C LEU D 670 -21.58 14.26 -32.56
N TYR D 671 -21.30 13.62 -33.70
CA TYR D 671 -20.04 12.91 -33.85
C TYR D 671 -18.85 13.84 -33.68
N SER D 672 -18.90 15.02 -34.32
CA SER D 672 -17.78 15.93 -34.26
C SER D 672 -17.51 16.40 -32.84
N THR D 673 -18.58 16.76 -32.11
CA THR D 673 -18.40 17.25 -30.74
C THR D 673 -17.93 16.13 -29.81
N CYS D 674 -18.47 14.92 -29.98
CA CYS D 674 -18.00 13.80 -29.17
C CYS D 674 -16.53 13.52 -29.43
N LEU D 675 -16.12 13.59 -30.70
CA LEU D 675 -14.71 13.38 -31.03
C LEU D 675 -13.84 14.48 -30.43
N GLU D 676 -14.32 15.73 -30.45
CA GLU D 676 -13.56 16.82 -29.85
C GLU D 676 -13.37 16.61 -28.36
N LEU D 677 -14.41 16.16 -27.67
CA LEU D 677 -14.29 15.95 -26.24
C LEU D 677 -13.42 14.73 -25.93
N PHE D 678 -13.45 13.71 -26.78
CA PHE D 678 -12.51 12.60 -26.61
C PHE D 678 -11.08 13.08 -26.81
N LYS D 679 -10.85 13.94 -27.80
CA LYS D 679 -9.53 14.56 -27.97
C LYS D 679 -9.13 15.29 -26.69
N PHE D 680 -10.07 16.03 -26.09
CA PHE D 680 -9.82 16.59 -24.77
C PHE D 680 -9.32 15.53 -23.80
N THR D 681 -9.94 14.34 -23.84
CA THR D 681 -9.54 13.27 -22.93
C THR D 681 -8.12 12.81 -23.19
N ILE D 682 -7.70 12.69 -24.46
CA ILE D 682 -6.34 12.25 -24.75
C ILE D 682 -5.33 13.40 -24.71
N GLY D 683 -5.73 14.57 -24.22
CA GLY D 683 -4.82 15.68 -24.11
C GLY D 683 -4.51 16.39 -25.40
N MET D 684 -5.47 16.46 -26.32
CA MET D 684 -5.30 17.19 -27.57
C MET D 684 -6.56 18.00 -27.87
N GLY D 685 -7.20 18.52 -26.82
CA GLY D 685 -8.46 19.22 -26.95
C GLY D 685 -8.28 20.72 -27.00
N ASP D 686 -8.90 21.34 -27.98
CA ASP D 686 -8.86 22.78 -28.16
C ASP D 686 -10.07 23.40 -27.50
N LEU D 687 -9.84 24.25 -26.49
CA LEU D 687 -10.93 24.87 -25.75
C LEU D 687 -11.69 25.91 -26.58
N GLU D 688 -11.19 26.28 -27.75
CA GLU D 688 -11.84 27.24 -28.62
C GLU D 688 -11.85 26.74 -30.06
N PHE D 689 -12.22 25.47 -30.25
CA PHE D 689 -12.22 24.90 -31.60
C PHE D 689 -13.27 25.55 -32.50
N THR D 690 -14.31 26.16 -31.92
CA THR D 690 -15.34 26.78 -32.72
C THR D 690 -15.88 27.99 -31.97
N GLU D 691 -16.36 28.98 -32.72
CA GLU D 691 -16.93 30.22 -32.13
C GLU D 691 -18.31 30.44 -32.73
N ASN D 692 -19.03 29.37 -33.07
CA ASN D 692 -20.37 29.47 -33.63
C ASN D 692 -21.46 29.54 -32.55
N TYR D 693 -21.10 29.39 -31.29
CA TYR D 693 -22.09 29.47 -30.22
C TYR D 693 -22.61 30.90 -30.09
N ASP D 694 -23.55 31.09 -29.18
CA ASP D 694 -24.10 32.41 -28.89
C ASP D 694 -23.71 32.94 -27.52
N PHE D 695 -23.27 32.09 -26.61
CA PHE D 695 -22.81 32.51 -25.28
C PHE D 695 -21.48 31.83 -25.00
N LYS D 696 -20.40 32.61 -25.01
CA LYS D 696 -19.07 32.04 -24.77
C LYS D 696 -18.93 31.53 -23.35
N ALA D 697 -19.54 32.22 -22.38
CA ALA D 697 -19.40 31.81 -20.98
C ALA D 697 -19.95 30.41 -20.76
N VAL D 698 -21.11 30.11 -21.35
CA VAL D 698 -21.70 28.78 -21.19
C VAL D 698 -20.82 27.72 -21.83
N PHE D 699 -20.33 28.00 -23.04
CA PHE D 699 -19.46 27.04 -23.72
C PHE D 699 -18.22 26.75 -22.88
N ILE D 700 -17.57 27.79 -22.37
CA ILE D 700 -16.35 27.60 -21.60
C ILE D 700 -16.65 26.89 -20.29
N ILE D 701 -17.79 27.19 -19.67
CA ILE D 701 -18.14 26.52 -18.42
C ILE D 701 -18.36 25.04 -18.66
N LEU D 702 -19.07 24.69 -19.73
CA LEU D 702 -19.30 23.29 -20.04
C LEU D 702 -17.99 22.56 -20.31
N LEU D 703 -17.11 23.17 -21.10
CA LEU D 703 -15.85 22.52 -21.42
C LEU D 703 -14.99 22.36 -20.18
N LEU D 704 -14.97 23.37 -19.31
CA LEU D 704 -14.19 23.29 -18.07
C LEU D 704 -14.73 22.21 -17.15
N ALA D 705 -16.06 22.11 -17.04
CA ALA D 705 -16.65 21.06 -16.22
C ALA D 705 -16.28 19.69 -16.77
N TYR D 706 -16.34 19.53 -18.09
CA TYR D 706 -15.97 18.24 -18.68
C TYR D 706 -14.52 17.90 -18.39
N VAL D 707 -13.62 18.87 -18.57
CA VAL D 707 -12.20 18.63 -18.34
C VAL D 707 -11.96 18.26 -16.88
N ILE D 708 -12.59 18.99 -15.96
CA ILE D 708 -12.38 18.72 -14.54
C ILE D 708 -12.89 17.33 -14.18
N LEU D 709 -14.07 16.97 -14.68
CA LEU D 709 -14.69 15.73 -14.25
C LEU D 709 -14.03 14.51 -14.88
N THR D 710 -13.60 14.61 -16.14
CA THR D 710 -13.00 13.46 -16.83
C THR D 710 -11.47 13.46 -16.79
N TYR D 711 -10.83 14.53 -17.26
CA TYR D 711 -9.38 14.52 -17.36
C TYR D 711 -8.72 14.54 -16.00
N ILE D 712 -9.19 15.39 -15.07
CA ILE D 712 -8.51 15.60 -13.76
C ILE D 712 -9.04 14.68 -12.67
N LEU D 713 -10.24 14.13 -12.78
CA LEU D 713 -10.81 13.28 -11.74
C LEU D 713 -10.90 11.82 -12.17
N LEU D 714 -11.41 11.55 -13.37
CA LEU D 714 -11.69 10.16 -13.74
C LEU D 714 -10.43 9.39 -14.12
N LEU D 715 -9.48 10.02 -14.82
CA LEU D 715 -8.29 9.29 -15.25
C LEU D 715 -7.34 9.05 -14.08
N ASN D 716 -7.18 10.06 -13.24
CA ASN D 716 -6.33 9.96 -12.04
C ASN D 716 -6.97 8.90 -11.14
N MET D 717 -8.30 8.90 -11.01
CA MET D 717 -9.02 7.89 -10.24
C MET D 717 -8.81 6.51 -10.85
N LEU D 718 -8.76 6.43 -12.18
CA LEU D 718 -8.51 5.14 -12.83
C LEU D 718 -7.13 4.61 -12.46
N ILE D 719 -6.13 5.49 -12.44
CA ILE D 719 -4.79 5.07 -12.05
C ILE D 719 -4.79 4.57 -10.61
N ALA D 720 -5.50 5.26 -9.72
CA ALA D 720 -5.57 4.83 -8.33
C ALA D 720 -6.22 3.46 -8.21
N LEU D 721 -7.34 3.26 -8.91
CA LEU D 721 -8.01 1.96 -8.88
C LEU D 721 -7.12 0.87 -9.46
N MET D 722 -6.35 1.19 -10.51
CA MET D 722 -5.43 0.21 -11.07
C MET D 722 -4.37 -0.18 -10.05
N GLY D 723 -3.86 0.80 -9.30
CA GLY D 723 -2.89 0.47 -8.26
C GLY D 723 -3.50 -0.46 -7.21
N GLU D 724 -4.70 -0.13 -6.74
CA GLU D 724 -5.37 -0.98 -5.76
C GLU D 724 -5.57 -2.39 -6.30
N THR D 725 -6.05 -2.50 -7.54
CA THR D 725 -6.32 -3.80 -8.13
C THR D 725 -5.04 -4.62 -8.28
N VAL D 726 -3.95 -3.98 -8.71
CA VAL D 726 -2.68 -4.69 -8.87
C VAL D 726 -2.24 -5.25 -7.52
N ASN D 727 -2.21 -4.38 -6.50
CA ASN D 727 -1.83 -4.83 -5.16
C ASN D 727 -2.71 -5.97 -4.68
N LYS D 728 -3.99 -5.95 -5.06
CA LYS D 728 -4.90 -6.98 -4.58
C LYS D 728 -4.72 -8.30 -5.31
N ILE D 729 -4.44 -8.27 -6.61
CA ILE D 729 -4.57 -9.46 -7.45
C ILE D 729 -3.24 -9.94 -8.02
N ALA D 730 -2.11 -9.47 -7.49
CA ALA D 730 -0.84 -10.06 -7.91
C ALA D 730 -0.85 -11.59 -7.78
N GLN D 731 -1.24 -12.10 -6.60
CA GLN D 731 -1.19 -13.54 -6.36
C GLN D 731 -2.24 -14.28 -7.17
N GLU D 732 -3.44 -13.71 -7.28
CA GLU D 732 -4.48 -14.34 -8.10
C GLU D 732 -4.03 -14.44 -9.55
N SER D 733 -3.32 -13.41 -10.04
CA SER D 733 -2.79 -13.48 -11.40
C SER D 733 -1.74 -14.57 -11.54
N LYS D 734 -0.88 -14.72 -10.54
CA LYS D 734 0.09 -15.82 -10.59
C LYS D 734 -0.61 -17.16 -10.69
N ASN D 735 -1.59 -17.39 -9.83
CA ASN D 735 -2.29 -18.67 -9.84
C ASN D 735 -3.05 -18.88 -11.16
N ILE D 736 -3.63 -17.80 -11.70
CA ILE D 736 -4.36 -17.92 -12.96
C ILE D 736 -3.40 -18.25 -14.10
N TRP D 737 -2.20 -17.69 -14.07
CA TRP D 737 -1.22 -18.06 -15.10
C TRP D 737 -0.84 -19.53 -14.97
N LYS D 738 -0.66 -20.01 -13.74
CA LYS D 738 -0.39 -21.44 -13.56
C LYS D 738 -1.51 -22.30 -14.15
N LEU D 739 -2.76 -21.91 -13.89
CA LEU D 739 -3.88 -22.67 -14.43
C LEU D 739 -3.92 -22.60 -15.95
N GLN D 740 -3.62 -21.44 -16.53
CA GLN D 740 -3.61 -21.30 -17.97
C GLN D 740 -2.56 -22.21 -18.60
N ARG D 741 -1.37 -22.24 -18.01
CA ARG D 741 -0.34 -23.14 -18.51
C ARG D 741 -0.75 -24.60 -18.35
N ALA D 742 -1.46 -24.91 -17.28
CA ALA D 742 -1.96 -26.28 -17.10
C ALA D 742 -2.91 -26.65 -18.23
N ILE D 743 -3.85 -25.75 -18.57
CA ILE D 743 -4.77 -26.03 -19.65
C ILE D 743 -4.02 -26.19 -20.96
N THR D 744 -2.99 -25.36 -21.17
CA THR D 744 -2.18 -25.50 -22.39
C THR D 744 -1.52 -26.87 -22.44
N ILE D 745 -0.99 -27.35 -21.31
CA ILE D 745 -0.36 -28.66 -21.27
C ILE D 745 -1.38 -29.75 -21.60
N LEU D 746 -2.57 -29.66 -21.00
CA LEU D 746 -3.60 -30.66 -21.27
C LEU D 746 -3.93 -30.71 -22.75
N ASP D 747 -4.19 -29.54 -23.34
CA ASP D 747 -4.57 -29.51 -24.75
C ASP D 747 -3.44 -30.01 -25.63
N THR D 748 -2.19 -29.63 -25.32
CA THR D 748 -1.06 -30.08 -26.11
C THR D 748 -0.96 -31.60 -26.11
N GLU D 749 -0.99 -32.21 -24.91
CA GLU D 749 -0.83 -33.66 -24.86
C GLU D 749 -2.06 -34.37 -25.43
N LYS D 750 -3.22 -33.73 -25.40
CA LYS D 750 -4.41 -34.34 -26.00
C LYS D 750 -4.35 -34.29 -27.52
N SER D 751 -3.74 -33.25 -28.08
CA SER D 751 -3.73 -33.10 -29.54
C SER D 751 -3.08 -34.30 -30.21
N PHE D 752 -2.10 -34.93 -29.55
CA PHE D 752 -1.39 -36.06 -30.14
C PHE D 752 -2.05 -37.40 -29.82
N LEU D 753 -3.37 -37.40 -29.59
CA LEU D 753 -4.05 -38.65 -29.25
C LEU D 753 -3.82 -39.72 -30.32
N LYS D 754 -3.86 -39.34 -31.60
CA LYS D 754 -3.60 -40.29 -32.67
C LYS D 754 -2.13 -40.29 -33.08
N CYS D 755 -1.42 -39.19 -32.86
CA CYS D 755 -0.01 -39.13 -33.25
C CYS D 755 0.81 -40.15 -32.48
N MET D 756 0.81 -40.05 -31.16
CA MET D 756 1.53 -41.00 -30.31
C MET D 756 1.22 -40.68 -28.85
N ARG D 757 1.31 -41.71 -28.01
CA ARG D 757 0.93 -41.58 -26.61
C ARG D 757 2.00 -42.13 -25.67
N LYS D 758 2.75 -43.14 -26.12
CA LYS D 758 3.61 -43.88 -25.19
C LYS D 758 4.61 -42.96 -24.50
N ALA D 759 5.34 -42.17 -25.27
CA ALA D 759 6.31 -41.24 -24.67
C ALA D 759 5.64 -40.06 -24.00
N PHE D 760 4.36 -39.82 -24.26
CA PHE D 760 3.62 -38.74 -23.63
C PHE D 760 2.98 -39.21 -22.32
N ARG D 761 3.78 -39.79 -21.45
CA ARG D 761 3.31 -40.37 -20.20
C ARG D 761 4.28 -40.03 -19.09
N SER D 762 3.75 -39.61 -17.95
CA SER D 762 4.55 -39.20 -16.81
C SER D 762 4.55 -40.28 -15.73
N GLY D 763 5.61 -40.28 -14.93
CA GLY D 763 5.77 -41.27 -13.89
C GLY D 763 6.43 -42.54 -14.38
N LYS D 764 6.93 -43.32 -13.43
CA LYS D 764 7.60 -44.58 -13.70
C LYS D 764 6.87 -45.71 -13.00
N LEU D 765 6.70 -46.82 -13.71
CA LEU D 765 5.99 -47.98 -13.15
C LEU D 765 6.88 -48.64 -12.11
N LEU D 766 6.47 -48.55 -10.84
CA LEU D 766 7.22 -49.08 -9.73
C LEU D 766 6.39 -50.08 -8.95
N GLN D 767 7.10 -51.01 -8.29
CA GLN D 767 6.53 -52.02 -7.41
C GLN D 767 7.27 -51.94 -6.08
N VAL D 768 6.64 -51.31 -5.08
CA VAL D 768 7.29 -51.13 -3.79
C VAL D 768 6.74 -52.14 -2.79
N GLY D 769 5.42 -52.17 -2.62
CA GLY D 769 4.80 -52.98 -1.59
C GLY D 769 3.94 -54.08 -2.20
N PHE D 770 3.20 -54.74 -1.32
CA PHE D 770 2.30 -55.83 -1.70
C PHE D 770 0.86 -55.52 -1.28
N THR D 771 -0.06 -56.32 -1.79
CA THR D 771 -1.45 -56.30 -1.37
C THR D 771 -1.72 -57.48 -0.43
N PRO D 772 -2.73 -57.37 0.45
CA PRO D 772 -3.03 -58.48 1.36
C PRO D 772 -3.22 -59.81 0.65
N ASP D 773 -3.49 -59.78 -0.66
CA ASP D 773 -3.61 -60.98 -1.47
C ASP D 773 -2.26 -61.56 -1.85
N GLY D 774 -1.17 -61.08 -1.25
CA GLY D 774 0.15 -61.61 -1.57
C GLY D 774 0.60 -61.32 -2.99
N LYS D 775 0.24 -60.16 -3.53
CA LYS D 775 0.61 -59.76 -4.88
C LYS D 775 1.25 -58.38 -4.84
N ASP D 776 1.70 -57.93 -6.00
CA ASP D 776 2.49 -56.71 -6.14
C ASP D 776 1.58 -55.49 -6.31
N ASP D 777 2.20 -54.31 -6.21
CA ASP D 777 1.51 -53.02 -6.41
C ASP D 777 2.24 -52.28 -7.54
N TYR D 778 1.85 -52.58 -8.77
CA TYR D 778 2.43 -51.94 -9.95
C TYR D 778 1.71 -50.62 -10.19
N ARG D 779 2.32 -49.52 -9.78
CA ARG D 779 1.72 -48.20 -9.96
C ARG D 779 2.73 -47.22 -10.51
N TRP D 780 2.24 -46.23 -11.23
CA TRP D 780 3.09 -45.21 -11.85
C TRP D 780 3.39 -44.14 -10.82
N CYS D 781 4.51 -44.30 -10.12
CA CYS D 781 4.91 -43.37 -9.07
C CYS D 781 5.82 -42.29 -9.64
N PHE D 782 5.92 -41.18 -8.91
CA PHE D 782 6.65 -40.00 -9.37
C PHE D 782 7.42 -39.42 -8.19
N ARG D 783 8.75 -39.46 -8.27
CA ARG D 783 9.60 -39.14 -7.13
C ARG D 783 9.59 -37.65 -6.82
N VAL D 784 9.65 -37.33 -5.53
CA VAL D 784 9.84 -35.96 -5.07
C VAL D 784 10.74 -35.96 -3.84
N ASP D 785 12.01 -35.57 -4.02
CA ASP D 785 13.00 -35.55 -2.92
C ASP D 785 12.69 -34.38 -1.99
N GLU D 786 12.83 -34.61 -0.68
CA GLU D 786 12.59 -33.55 0.33
C GLU D 786 13.75 -33.58 1.31
N VAL D 787 13.98 -32.50 2.03
CA VAL D 787 15.07 -32.37 3.01
C VAL D 787 14.50 -31.62 4.21
N ASN D 788 14.34 -32.32 5.33
CA ASN D 788 13.88 -31.72 6.58
C ASN D 788 14.91 -31.97 7.67
N TRP D 789 15.12 -30.94 8.50
CA TRP D 789 16.19 -30.97 9.50
C TRP D 789 15.65 -30.99 10.93
N THR D 790 14.35 -31.24 11.11
CA THR D 790 13.75 -31.28 12.43
C THR D 790 12.97 -32.57 12.70
N THR D 791 12.37 -33.17 11.68
CA THR D 791 11.68 -34.45 11.86
C THR D 791 12.64 -35.50 12.41
N TRP D 792 13.66 -35.84 11.63
CA TRP D 792 14.76 -36.68 12.11
C TRP D 792 14.26 -37.95 12.78
N ASN D 793 13.33 -38.64 12.14
CA ASN D 793 12.85 -39.93 12.66
C ASN D 793 11.99 -40.64 11.63
C11 ZEI E . 20.95 5.22 -21.52
C12 ZEI E . 20.50 4.50 -22.53
C13 ZEI E . 20.68 4.99 -23.96
C18 ZEI E . 20.89 6.76 -25.57
C19 ZEI E . 20.73 6.34 -24.26
C20 ZEI E . 22.26 5.14 -16.76
C1 ZEI E . 24.23 3.87 -14.77
C14 ZEI E . 20.77 4.05 -24.98
C15 ZEI E . 20.92 4.47 -26.29
C16 ZEI E . 20.99 5.82 -26.58
C3 ZEI E . 22.15 4.73 -15.45
C4 ZEI E . 20.94 4.22 -14.99
C5 ZEI E . 19.86 4.11 -15.85
C6 ZEI E . 19.99 4.53 -17.17
C7 ZEI E . 21.19 5.04 -17.62
C9 ZEI E . 20.76 4.72 -20.10
N8 ZEI E . 21.34 5.46 -19.00
O10 ZEI E . 20.14 3.73 -19.89
O2 ZEI E . 23.24 4.84 -14.57
CL17 ZEI E . 21.20 6.36 -28.27
H1 ZEI E . 21.41 6.06 -21.68
H2 ZEI E . 20.04 3.67 -22.36
H3 ZEI E . 20.94 7.70 -25.77
H4 ZEI E . 20.67 6.99 -23.54
H5 ZEI E . 23.11 5.49 -17.08
H6 ZEI E . 24.20 3.54 -15.67
H7 ZEI E . 24.08 3.14 -14.15
H8 ZEI E . 25.10 4.28 -14.59
H9 ZEI E . 20.72 3.10 -24.78
H10 ZEI E . 20.99 3.81 -27.01
H11 ZEI E . 20.85 3.93 -14.07
H12 ZEI E . 19.02 3.76 -15.54
H13 ZEI E . 19.23 4.45 -17.77
H14 ZEI E . 21.79 6.18 -19.18
C11 ZEI F . 7.07 29.21 -5.09
C12 ZEI F . 8.21 29.11 -5.73
C13 ZEI F . 8.57 30.11 -6.83
C18 ZEI F . 7.93 31.61 -8.59
C19 ZEI F . 7.58 30.71 -7.59
C20 ZEI F . 4.60 27.94 -1.00
C1 ZEI F . 4.61 28.19 2.06
C14 ZEI F . 9.91 30.39 -7.07
C15 ZEI F . 10.25 31.29 -8.07
C16 ZEI F . 9.26 31.89 -8.82
C3 ZEI F . 4.25 27.08 0.02
C4 ZEI F . 4.43 25.71 -0.14
C5 ZEI F . 4.98 25.22 -1.31
C6 ZEI F . 5.34 26.10 -2.32
C7 ZEI F . 5.15 27.46 -2.17
C9 ZEI F . 6.74 28.21 -3.99
N8 ZEI F . 5.52 28.38 -3.22
O10 ZEI F . 7.46 27.30 -3.78
O2 ZEI F . 3.69 27.58 1.20
CL17 ZEI F . 9.71 33.06 -10.11
H1 ZEI F . 6.44 29.92 -5.29
H2 ZEI F . 8.82 28.40 -5.52
H3 ZEI F . 7.24 32.04 -9.11
H4 ZEI F . 6.65 30.51 -7.42
H5 ZEI F . 4.47 28.90 -0.89
H6 ZEI F . 5.38 28.51 1.57
H7 ZEI F . 4.90 27.54 2.73
H8 ZEI F . 4.17 28.93 2.51
H9 ZEI F . 10.60 29.96 -6.55
H10 ZEI F . 11.19 31.49 -8.24
H11 ZEI F . 4.19 25.10 0.57
H12 ZEI F . 5.12 24.27 -1.42
H13 ZEI F . 5.72 25.75 -3.15
H14 ZEI F . 5.01 29.05 -3.40
C11 ZEI G . -22.00 17.25 -12.16
C12 ZEI G . -21.57 18.46 -11.90
C13 ZEI G . -21.83 19.59 -12.89
C18 ZEI G . -22.16 20.39 -15.13
C19 ZEI G . -21.94 19.34 -14.25
C20 ZEI G . -23.10 12.85 -10.20
C1 ZEI G . -24.95 11.43 -8.19
C14 ZEI G . -21.94 20.89 -12.41
C15 ZEI G . -22.16 21.94 -13.29
C16 ZEI G . -22.28 21.68 -14.65
C3 ZEI G . -22.92 11.80 -9.33
C4 ZEI G . -21.68 11.60 -8.73
C5 ZEI G . -20.64 12.47 -9.01
C6 ZEI G . -20.84 13.52 -9.89
C7 ZEI G . -22.07 13.71 -10.49
C9 ZEI G . -21.74 16.13 -11.16
N8 ZEI G . -22.29 14.81 -11.40
O10 ZEI G . -21.08 16.34 -10.20
O2 ZEI G . -23.97 10.91 -9.05
CL17 ZEI G . -22.57 23.03 -15.79
H1 ZEI G . -22.49 17.05 -12.97
H2 ZEI G . -21.08 18.63 -11.09
H3 ZEI G . -22.24 20.21 -16.08
H4 ZEI G . -21.86 18.43 -14.58
H5 ZEI G . -23.97 12.98 -10.62
H6 ZEI G . -24.95 12.40 -8.23
H7 ZEI G . -24.75 11.14 -7.28
H8 ZEI G . -25.82 11.09 -8.45
H9 ZEI G . -21.85 21.07 -11.47
H10 ZEI G . -22.24 22.85 -12.96
H11 ZEI G . -21.54 10.87 -8.12
H12 ZEI G . -19.77 12.34 -8.60
H13 ZEI G . -20.11 14.13 -10.09
H14 ZEI G . -22.76 14.68 -12.11
C11 ZEI H . -8.13 -6.75 -28.60
C12 ZEI H . -9.29 -6.15 -28.70
C13 ZEI H . -9.72 -5.53 -30.03
C18 ZEI H . -9.20 -4.47 -32.11
C19 ZEI H . -8.79 -5.03 -30.92
C20 ZEI H . -5.45 -9.96 -25.96
C1 ZEI H . -5.33 -12.88 -25.02
C14 ZEI H . -11.07 -5.45 -30.32
C15 ZEI H . -11.49 -4.88 -31.51
C16 ZEI H . -10.55 -4.39 -32.41
C3 ZEI H . -5.02 -10.56 -24.80
C4 ZEI H . -5.17 -9.89 -23.58
C5 ZEI H . -5.76 -8.64 -23.56
C6 ZEI H . -6.18 -8.05 -24.74
C7 ZEI H . -6.02 -8.71 -25.94
C9 ZEI H . -7.71 -7.37 -27.27
N8 ZEI H . -6.47 -8.10 -27.18
O10 ZEI H . -8.40 -7.23 -26.31
O2 ZEI H . -4.43 -11.83 -24.82
CL17 ZEI H . -11.08 -3.67 -33.95
H1 ZEI H . -7.53 -6.82 -29.36
H2 ZEI H . -9.87 -6.09 -27.93
H3 ZEI H . -8.55 -4.13 -32.74
H4 ZEI H . -7.84 -5.09 -30.71
H5 ZEI H . -5.34 -10.43 -26.81
H6 ZEI H . -6.12 -12.57 -25.47
H7 ZEI H . -5.57 -13.25 -24.15
H8 ZEI H . -4.89 -13.57 -25.55
H9 ZEI H . -11.73 -5.79 -29.70
H10 ZEI H . -12.44 -4.83 -31.73
H11 ZEI H . -4.88 -10.31 -22.76
H12 ZEI H . -5.87 -8.17 -22.71
H13 ZEI H . -6.59 -7.17 -24.71
H14 ZEI H . -5.98 -8.18 -27.89
#